data_3GQY
#
_entry.id   3GQY
#
_cell.length_a   81.149
_cell.length_b   152.952
_cell.length_c   93.159
_cell.angle_alpha   90.000
_cell.angle_beta   103.280
_cell.angle_gamma   90.000
#
_symmetry.space_group_name_H-M   'P 1 21 1'
#
loop_
_entity.id
_entity.type
_entity.pdbx_description
1 polymer 'Pyruvate kinase isozymes M1/M2'
2 non-polymer 1,6-di-O-phosphono-beta-D-fructofuranose
3 non-polymer 'L(+)-TARTARIC ACID'
4 non-polymer 'UNKNOWN ATOM OR ION'
5 non-polymer 1-(2,3-dihydro-1,4-benzodioxin-6-ylsulfonyl)-4-[(4-methoxyphenyl)sulfonyl]piperazine
6 water water
#
_entity_poly.entity_id   1
_entity_poly.type   'polypeptide(L)'
_entity_poly.pdbx_seq_one_letter_code
;MGSSHHHHHHSSGLVPRGSMSKPHSEAGTAFIQTQQLHAAMADTFLEHMCRLDIDSPPITARNTGIICTIGPASRSVETL
KEMIKSGMNVARLNFSHGTHEYHAETIKNVRTATESFASDPILYRPVAVALDTKGPEIRTGLIKGSGTAEVELKKGATLK
ITLDNAYMEKCDENILWLDYKNICKVVEVGSKIYVDDGLISLQVKQKGADFLVTEVENGGSLGSKKGVNLPGAAVDLPAV
SEKDIQDLKFGVEQDVDMVFASFIRKASDVHEVRKVLGEKGKNIKIISKIENHEGVRRFDEILEASDGIMVARGDLGIEI
PAEKVFLAQKMMIGRCNRAGKPVICATQMLESMIKKPRPTRAEGSDVANAVLDGADCIMLSGETAKGDYPLEAVRMQHLI
AREAEAAIYHLQLFEELRRLAPITSDPTEATAVGAVEASFKCCSGAIIVLTKSGRSAHQVARYRPRAPIIAVTRNPQTAR
QAHLYRGIFPVLCKDPVQEAWAEDVDLRVNFAMNVGKARGFFKKGDVVIVLTGWRPGSGFTNTMRVVPVP
;
_entity_poly.pdbx_strand_id   A,B,C,D
#
# COMPACT_ATOMS: atom_id res chain seq x y z
N GLN A 33 13.75 20.02 -3.56
CA GLN A 33 15.21 20.35 -3.69
C GLN A 33 15.91 20.45 -2.32
N THR A 34 15.13 20.50 -1.24
CA THR A 34 15.67 20.52 0.13
C THR A 34 14.94 19.50 0.99
N GLN A 35 15.56 19.12 2.11
CA GLN A 35 14.93 18.26 3.11
C GLN A 35 14.48 16.89 2.54
N GLN A 36 15.15 16.45 1.47
CA GLN A 36 14.80 15.22 0.77
C GLN A 36 13.31 15.14 0.38
N LEU A 37 12.73 16.27 0.01
CA LEU A 37 11.29 16.32 -0.31
C LEU A 37 10.95 15.54 -1.60
N HIS A 38 11.89 15.43 -2.53
CA HIS A 38 11.71 14.61 -3.74
C HIS A 38 11.59 13.12 -3.37
N ALA A 39 12.52 12.64 -2.56
CA ALA A 39 12.42 11.28 -1.99
C ALA A 39 11.16 11.12 -1.11
N ALA A 40 10.74 12.22 -0.46
CA ALA A 40 9.54 12.19 0.39
C ALA A 40 8.28 11.77 -0.38
N MET A 41 8.21 12.14 -1.65
CA MET A 41 7.00 11.90 -2.46
C MET A 41 7.01 10.58 -3.25
N ALA A 42 8.06 9.77 -3.07
CA ALA A 42 8.16 8.46 -3.72
C ALA A 42 6.99 7.58 -3.29
N ASP A 43 6.51 6.77 -4.23
CA ASP A 43 5.37 5.88 -4.01
C ASP A 43 5.78 4.53 -3.42
N THR A 44 7.07 4.21 -3.50
CA THR A 44 7.61 3.01 -2.89
C THR A 44 8.83 3.37 -2.01
N PHE A 45 9.14 2.52 -1.04
CA PHE A 45 10.36 2.71 -0.25
C PHE A 45 11.60 2.58 -1.15
N LEU A 46 11.58 1.61 -2.04
CA LEU A 46 12.70 1.44 -2.97
C LEU A 46 12.94 2.73 -3.73
N GLU A 47 11.91 3.31 -4.33
CA GLU A 47 12.07 4.56 -5.06
C GLU A 47 12.47 5.72 -4.11
N HIS A 48 11.97 5.68 -2.88
CA HIS A 48 12.38 6.65 -1.86
C HIS A 48 13.91 6.60 -1.64
N MET A 49 14.46 5.39 -1.49
CA MET A 49 15.93 5.20 -1.40
C MET A 49 16.64 5.75 -2.64
N CYS A 50 16.13 5.38 -3.82
CA CYS A 50 16.72 5.83 -5.10
C CYS A 50 16.80 7.34 -5.24
N ARG A 51 15.92 8.06 -4.54
CA ARG A 51 15.83 9.53 -4.67
C ARG A 51 16.59 10.30 -3.59
N LEU A 52 17.16 9.58 -2.61
CA LEU A 52 17.95 10.23 -1.57
C LEU A 52 19.09 11.01 -2.24
N ASP A 53 19.21 12.28 -1.87
CA ASP A 53 20.00 13.26 -2.60
C ASP A 53 20.98 14.00 -1.69
N ILE A 54 22.27 13.74 -1.86
CA ILE A 54 23.33 14.38 -1.05
C ILE A 54 23.44 15.89 -1.27
N ASP A 55 22.74 16.41 -2.28
CA ASP A 55 22.69 17.83 -2.56
C ASP A 55 21.34 18.43 -2.16
N SER A 56 20.52 17.68 -1.41
CA SER A 56 19.28 18.19 -0.86
C SER A 56 19.51 18.50 0.62
N PRO A 57 19.75 19.79 0.95
CA PRO A 57 20.15 20.13 2.32
C PRO A 57 19.01 20.06 3.33
N PRO A 58 19.31 19.63 4.58
CA PRO A 58 18.28 19.55 5.62
C PRO A 58 17.81 20.91 6.10
N ILE A 59 16.70 20.92 6.85
CA ILE A 59 16.26 22.12 7.60
C ILE A 59 17.24 22.41 8.75
N THR A 60 17.01 23.53 9.45
CA THR A 60 17.84 23.88 10.60
C THR A 60 17.58 22.99 11.81
N ALA A 61 16.31 22.68 12.06
CA ALA A 61 15.92 21.98 13.29
C ALA A 61 16.43 20.54 13.29
N ARG A 62 16.94 20.08 14.44
CA ARG A 62 17.36 18.70 14.60
C ARG A 62 16.49 18.10 15.70
N ASN A 63 15.77 17.03 15.36
CA ASN A 63 14.69 16.47 16.19
C ASN A 63 15.14 15.42 17.21
N THR A 64 16.18 14.67 16.87
CA THR A 64 16.64 13.59 17.71
C THR A 64 17.47 14.13 18.88
N GLY A 65 17.03 13.83 20.10
CA GLY A 65 17.74 14.26 21.31
C GLY A 65 19.13 13.67 21.42
N ILE A 66 20.08 14.48 21.88
CA ILE A 66 21.44 14.01 22.08
C ILE A 66 21.77 14.00 23.58
N ILE A 67 22.07 12.80 24.07
CA ILE A 67 22.44 12.57 25.46
C ILE A 67 23.97 12.40 25.57
N CYS A 68 24.59 13.24 26.40
CA CYS A 68 26.05 13.24 26.57
C CYS A 68 26.43 12.86 27.97
N THR A 69 27.26 11.83 28.09
CA THR A 69 27.84 11.44 29.34
C THR A 69 28.93 12.45 29.73
N ILE A 70 28.81 13.00 30.93
CA ILE A 70 29.77 13.99 31.39
C ILE A 70 30.85 13.34 32.26
N GLY A 71 32.09 13.81 32.09
CA GLY A 71 33.25 13.23 32.79
C GLY A 71 34.39 14.23 32.71
N PRO A 72 35.63 13.79 33.02
CA PRO A 72 36.80 14.68 33.05
C PRO A 72 36.97 15.55 31.79
N ALA A 73 36.61 15.01 30.62
CA ALA A 73 36.78 15.74 29.36
C ALA A 73 35.74 16.86 29.14
N SER A 74 34.63 16.83 29.87
CA SER A 74 33.46 17.68 29.56
C SER A 74 32.78 18.30 30.80
N ARG A 75 33.48 18.23 31.91
CA ARG A 75 32.98 18.56 33.23
C ARG A 75 33.00 20.07 33.56
N SER A 76 33.91 20.80 32.93
CA SER A 76 34.11 22.19 33.28
C SER A 76 32.93 23.01 32.79
N VAL A 77 32.61 24.08 33.50
CA VAL A 77 31.58 25.02 33.05
C VAL A 77 31.89 25.51 31.64
N GLU A 78 33.16 25.81 31.38
CA GLU A 78 33.59 26.28 30.07
C GLU A 78 33.21 25.31 28.96
N THR A 79 33.53 24.04 29.15
CA THR A 79 33.30 23.05 28.10
C THR A 79 31.82 22.76 27.98
N LEU A 80 31.12 22.71 29.11
CA LEU A 80 29.68 22.45 29.12
C LEU A 80 28.90 23.49 28.35
N LYS A 81 29.32 24.75 28.44
CA LYS A 81 28.69 25.80 27.65
C LYS A 81 28.82 25.49 26.15
N GLU A 82 29.99 24.97 25.74
CA GLU A 82 30.20 24.63 24.34
C GLU A 82 29.42 23.36 23.95
N MET A 83 29.28 22.44 24.89
CA MET A 83 28.49 21.22 24.68
C MET A 83 27.05 21.61 24.37
N ILE A 84 26.52 22.54 25.16
CA ILE A 84 25.17 23.04 24.95
C ILE A 84 25.03 23.72 23.59
N LYS A 85 25.98 24.59 23.26
CA LYS A 85 25.96 25.26 21.96
C LYS A 85 26.09 24.25 20.80
N SER A 86 26.79 23.14 21.04
CA SER A 86 27.01 22.10 20.02
C SER A 86 25.83 21.14 19.86
N GLY A 87 24.94 21.10 20.85
CA GLY A 87 23.69 20.36 20.74
C GLY A 87 23.31 19.45 21.89
N MET A 88 24.10 19.43 22.98
CA MET A 88 23.74 18.57 24.13
C MET A 88 22.35 18.93 24.69
N ASN A 89 21.50 17.93 24.83
CA ASN A 89 20.16 18.13 25.42
C ASN A 89 20.03 17.52 26.80
N VAL A 90 20.78 16.44 27.04
CA VAL A 90 20.77 15.75 28.33
C VAL A 90 22.18 15.43 28.76
N ALA A 91 22.49 15.77 30.00
CA ALA A 91 23.75 15.38 30.63
C ALA A 91 23.53 14.11 31.42
N ARG A 92 24.24 13.04 31.04
CA ARG A 92 24.17 11.76 31.75
C ARG A 92 25.33 11.65 32.73
N LEU A 93 25.02 11.28 33.98
CA LEU A 93 26.04 10.96 34.98
C LEU A 93 26.05 9.46 35.25
N ASN A 94 27.19 8.84 35.01
CA ASN A 94 27.35 7.40 35.20
C ASN A 94 27.83 7.08 36.62
N PHE A 95 26.94 6.53 37.43
CA PHE A 95 27.24 6.25 38.83
C PHE A 95 27.98 4.92 39.06
N SER A 96 28.35 4.22 37.98
CA SER A 96 29.35 3.15 38.08
C SER A 96 30.68 3.70 38.64
N HIS A 97 30.97 4.98 38.42
CA HIS A 97 32.20 5.61 38.96
C HIS A 97 31.89 6.94 39.61
N GLY A 98 32.79 7.39 40.48
CA GLY A 98 32.70 8.71 41.06
C GLY A 98 31.92 8.72 42.37
N THR A 99 32.30 9.63 43.25
CA THR A 99 31.63 9.81 44.53
C THR A 99 30.48 10.81 44.36
N HIS A 100 29.62 10.91 45.39
CA HIS A 100 28.53 11.89 45.39
C HIS A 100 29.05 13.34 45.31
N GLU A 101 30.15 13.60 46.02
CA GLU A 101 30.78 14.92 45.92
C GLU A 101 31.14 15.26 44.47
N TYR A 102 31.78 14.31 43.79
CA TYR A 102 32.16 14.49 42.38
C TYR A 102 30.95 14.80 41.50
N HIS A 103 29.94 13.97 41.60
CA HIS A 103 28.73 14.12 40.79
C HIS A 103 27.93 15.39 41.14
N ALA A 104 27.89 15.74 42.43
CA ALA A 104 27.23 16.98 42.85
C ALA A 104 27.89 18.18 42.18
N GLU A 105 29.23 18.16 42.09
CA GLU A 105 29.94 19.24 41.44
C GLU A 105 29.69 19.25 39.93
N THR A 106 29.69 18.07 39.31
CA THR A 106 29.34 17.98 37.87
C THR A 106 27.96 18.59 37.62
N ILE A 107 26.98 18.19 38.45
CA ILE A 107 25.62 18.72 38.34
C ILE A 107 25.60 20.23 38.50
N LYS A 108 26.32 20.73 39.52
CA LYS A 108 26.43 22.17 39.74
C LYS A 108 26.95 22.85 38.49
N ASN A 109 27.98 22.28 37.88
CA ASN A 109 28.58 22.88 36.69
C ASN A 109 27.64 22.86 35.46
N VAL A 110 26.86 21.79 35.33
CA VAL A 110 25.89 21.68 34.23
C VAL A 110 24.87 22.83 34.35
N ARG A 111 24.37 23.04 35.55
CA ARG A 111 23.41 24.10 35.80
C ARG A 111 24.01 25.50 35.66
N THR A 112 25.26 25.67 36.09
CA THR A 112 25.93 26.95 35.88
C THR A 112 26.06 27.25 34.39
N ALA A 113 26.51 26.26 33.62
CA ALA A 113 26.61 26.42 32.16
C ALA A 113 25.24 26.69 31.51
N THR A 114 24.24 25.91 31.91
CA THR A 114 22.91 26.02 31.31
C THR A 114 22.27 27.38 31.61
N GLU A 115 22.30 27.78 32.88
CA GLU A 115 21.72 29.07 33.29
C GLU A 115 22.53 30.30 32.86
N SER A 116 23.76 30.12 32.37
CA SER A 116 24.49 31.25 31.79
C SER A 116 23.75 31.83 30.57
N PHE A 117 22.86 31.03 29.95
CA PHE A 117 22.08 31.48 28.79
C PHE A 117 20.64 31.94 29.16
N ALA A 118 20.32 31.99 30.44
CA ALA A 118 18.93 32.22 30.90
C ALA A 118 18.44 33.67 30.76
N SER A 119 19.36 34.62 30.59
CA SER A 119 18.97 36.03 30.55
C SER A 119 18.01 36.35 29.38
N ASP A 120 18.15 35.65 28.27
CA ASP A 120 17.20 35.75 27.16
C ASP A 120 16.45 34.41 27.00
N PRO A 121 15.19 34.35 27.51
CA PRO A 121 14.35 33.15 27.42
C PRO A 121 14.14 32.63 25.99
N ILE A 122 14.20 33.54 25.01
CA ILE A 122 14.05 33.18 23.61
C ILE A 122 15.16 32.22 23.15
N LEU A 123 16.38 32.43 23.65
CA LEU A 123 17.54 31.61 23.25
C LEU A 123 17.95 30.55 24.29
N TYR A 124 17.39 30.62 25.49
CA TYR A 124 17.67 29.64 26.54
C TYR A 124 17.28 28.25 26.04
N ARG A 125 18.19 27.30 26.19
CA ARG A 125 17.93 25.88 25.86
C ARG A 125 17.95 25.10 27.17
N PRO A 126 16.80 24.47 27.53
CA PRO A 126 16.79 23.60 28.69
C PRO A 126 17.75 22.43 28.51
N VAL A 127 18.39 22.02 29.61
CA VAL A 127 19.26 20.85 29.62
C VAL A 127 18.81 19.93 30.75
N ALA A 128 18.56 18.67 30.43
CA ALA A 128 18.13 17.70 31.42
C ALA A 128 19.33 17.03 32.11
N VAL A 129 19.09 16.49 33.29
CA VAL A 129 20.11 15.74 34.06
C VAL A 129 19.62 14.33 34.29
N ALA A 130 20.43 13.34 33.88
CA ALA A 130 20.08 11.94 33.98
C ALA A 130 21.07 11.24 34.89
N LEU A 131 20.54 10.52 35.86
CA LEU A 131 21.33 9.66 36.74
C LEU A 131 21.29 8.23 36.21
N ASP A 132 22.45 7.71 35.83
CA ASP A 132 22.54 6.35 35.31
C ASP A 132 23.14 5.50 36.41
N THR A 133 22.37 4.51 36.88
CA THR A 133 22.74 3.71 38.06
C THR A 133 23.83 2.68 37.77
N LYS A 134 24.54 2.30 38.84
CA LYS A 134 25.53 1.22 38.75
C LYS A 134 24.78 -0.10 38.50
N GLY A 135 23.79 -0.39 39.36
CA GLY A 135 23.00 -1.60 39.21
C GLY A 135 23.80 -2.85 39.55
N PRO A 136 23.28 -4.03 39.18
CA PRO A 136 23.97 -5.29 39.47
C PRO A 136 25.20 -5.54 38.57
N GLU A 137 26.27 -4.79 38.80
CA GLU A 137 27.52 -4.96 38.06
C GLU A 137 28.46 -5.92 38.75
N ILE A 138 29.28 -6.59 37.95
CA ILE A 138 30.43 -7.32 38.46
C ILE A 138 31.69 -6.57 37.97
N ARG A 139 32.56 -6.14 38.91
CA ARG A 139 33.81 -5.43 38.58
C ARG A 139 35.02 -6.14 39.14
N THR A 140 36.14 -6.06 38.43
CA THR A 140 37.41 -6.60 38.91
C THR A 140 38.06 -5.61 39.88
N GLY A 141 39.22 -6.00 40.43
CA GLY A 141 39.96 -5.18 41.41
C GLY A 141 40.98 -4.23 40.80
N LEU A 142 41.87 -3.72 41.66
CA LEU A 142 42.93 -2.79 41.23
C LEU A 142 44.15 -3.56 40.76
N ILE A 143 44.67 -3.18 39.60
CA ILE A 143 45.95 -3.72 39.12
C ILE A 143 47.08 -3.15 39.97
N LYS A 144 47.79 -4.04 40.66
CA LYS A 144 48.96 -3.67 41.46
C LYS A 144 48.75 -2.40 42.30
N GLY A 145 47.58 -2.28 42.92
CA GLY A 145 47.29 -1.16 43.82
C GLY A 145 46.94 0.18 43.21
N SER A 146 46.84 0.24 41.88
CA SER A 146 46.57 1.52 41.18
C SER A 146 45.40 1.44 40.19
N GLY A 147 44.63 2.52 40.12
CA GLY A 147 43.44 2.58 39.29
C GLY A 147 43.72 2.69 37.80
N THR A 148 44.94 3.09 37.45
CA THR A 148 45.32 3.27 36.06
C THR A 148 46.44 2.30 35.62
N ALA A 149 46.93 1.47 36.54
CA ALA A 149 47.93 0.46 36.21
C ALA A 149 47.33 -0.59 35.28
N GLU A 150 48.18 -1.18 34.44
CA GLU A 150 47.75 -2.24 33.52
C GLU A 150 48.81 -3.32 33.43
N VAL A 151 48.36 -4.55 33.13
CA VAL A 151 49.26 -5.67 32.84
C VAL A 151 48.84 -6.33 31.52
N GLU A 152 49.80 -6.48 30.61
CA GLU A 152 49.52 -7.08 29.30
C GLU A 152 49.40 -8.60 29.41
N LEU A 153 48.17 -9.12 29.37
CA LEU A 153 47.94 -10.57 29.38
C LEU A 153 48.31 -11.16 28.01
N LYS A 154 48.90 -12.35 28.02
CA LYS A 154 49.31 -13.04 26.80
C LYS A 154 48.30 -14.13 26.46
N LYS A 155 47.94 -14.22 25.17
CA LYS A 155 47.00 -15.25 24.69
C LYS A 155 47.56 -16.65 24.95
N GLY A 156 46.79 -17.47 25.68
CA GLY A 156 47.20 -18.83 26.02
C GLY A 156 47.55 -19.03 27.48
N ALA A 157 48.01 -17.96 28.14
CA ALA A 157 48.44 -18.02 29.56
C ALA A 157 47.31 -18.41 30.52
N THR A 158 47.67 -18.67 31.78
CA THR A 158 46.71 -19.09 32.81
C THR A 158 46.48 -17.96 33.83
N LEU A 159 45.29 -17.91 34.40
CA LEU A 159 44.90 -16.84 35.33
C LEU A 159 43.88 -17.33 36.36
N LYS A 160 44.13 -17.04 37.63
CA LYS A 160 43.24 -17.44 38.71
C LYS A 160 42.34 -16.26 39.13
N ILE A 161 41.04 -16.53 39.24
CA ILE A 161 40.09 -15.55 39.77
C ILE A 161 39.83 -15.87 41.25
N THR A 162 39.92 -14.86 42.12
CA THR A 162 39.67 -15.05 43.55
C THR A 162 38.65 -14.05 44.10
N LEU A 163 37.96 -14.44 45.16
CA LEU A 163 37.04 -13.55 45.86
C LEU A 163 37.65 -13.07 47.19
N ASP A 164 38.88 -13.54 47.48
CA ASP A 164 39.61 -13.19 48.70
C ASP A 164 40.04 -11.72 48.63
N ASN A 165 39.44 -10.90 49.48
CA ASN A 165 39.68 -9.45 49.46
C ASN A 165 41.13 -9.04 49.74
N ALA A 166 41.94 -9.97 50.25
CA ALA A 166 43.40 -9.78 50.34
C ALA A 166 43.99 -9.31 49.00
N TYR A 167 43.40 -9.78 47.89
CA TYR A 167 43.88 -9.48 46.54
C TYR A 167 43.05 -8.42 45.80
N MET A 168 42.11 -7.77 46.49
CA MET A 168 41.21 -6.82 45.85
C MET A 168 41.94 -5.59 45.30
N GLU A 169 43.13 -5.32 45.83
CA GLU A 169 43.99 -4.26 45.28
C GLU A 169 45.37 -4.76 44.84
N LYS A 170 45.46 -6.06 44.57
CA LYS A 170 46.72 -6.67 44.13
C LYS A 170 46.50 -7.60 42.94
N CYS A 171 45.60 -7.20 42.02
CA CYS A 171 45.37 -7.93 40.78
C CYS A 171 46.59 -7.75 39.87
N ASP A 172 46.88 -8.77 39.07
CA ASP A 172 48.03 -8.73 38.16
C ASP A 172 47.91 -9.81 37.08
N GLU A 173 49.01 -10.07 36.38
CA GLU A 173 49.06 -11.09 35.31
C GLU A 173 48.56 -12.48 35.74
N ASN A 174 48.66 -12.79 37.03
CA ASN A 174 48.44 -14.16 37.54
C ASN A 174 47.18 -14.35 38.41
N ILE A 175 46.85 -13.34 39.24
CA ILE A 175 45.65 -13.40 40.11
C ILE A 175 44.72 -12.22 39.81
N LEU A 176 43.42 -12.50 39.76
CA LEU A 176 42.41 -11.47 39.48
C LEU A 176 41.24 -11.54 40.46
N TRP A 177 41.08 -10.50 41.27
CA TRP A 177 39.95 -10.42 42.21
C TRP A 177 38.71 -9.83 41.55
N LEU A 178 37.55 -10.38 41.91
CA LEU A 178 36.25 -9.91 41.47
C LEU A 178 35.38 -9.62 42.68
N ASP A 179 34.43 -8.71 42.53
CA ASP A 179 33.59 -8.25 43.67
C ASP A 179 32.25 -9.00 43.79
N TYR A 180 32.01 -9.96 42.89
CA TYR A 180 30.78 -10.75 42.95
C TYR A 180 31.02 -11.94 43.88
N LYS A 181 30.73 -11.72 45.17
CA LYS A 181 30.97 -12.72 46.21
C LYS A 181 30.36 -14.06 45.84
N ASN A 182 29.08 -14.06 45.48
CA ASN A 182 28.34 -15.30 45.20
C ASN A 182 28.58 -15.89 43.78
N ILE A 183 29.74 -15.58 43.19
CA ILE A 183 30.03 -15.96 41.79
C ILE A 183 30.08 -17.47 41.58
N CYS A 184 30.59 -18.20 42.56
CA CYS A 184 30.87 -19.63 42.39
C CYS A 184 29.61 -20.50 42.29
N LYS A 185 28.53 -20.09 42.97
CA LYS A 185 27.27 -20.83 42.95
C LYS A 185 26.55 -20.81 41.59
N VAL A 186 26.75 -19.72 40.82
CA VAL A 186 25.98 -19.49 39.57
C VAL A 186 26.72 -19.86 38.27
N VAL A 187 27.98 -20.32 38.38
CA VAL A 187 28.76 -20.74 37.20
C VAL A 187 29.36 -22.14 37.41
N GLU A 188 29.58 -22.86 36.31
CA GLU A 188 30.14 -24.21 36.36
C GLU A 188 31.41 -24.29 35.51
N VAL A 189 32.02 -25.48 35.46
CA VAL A 189 33.23 -25.69 34.65
C VAL A 189 32.88 -25.57 33.17
N GLY A 190 33.82 -25.05 32.38
CA GLY A 190 33.58 -24.78 30.96
C GLY A 190 32.86 -23.46 30.68
N SER A 191 32.42 -22.76 31.75
CA SER A 191 31.77 -21.47 31.59
C SER A 191 32.74 -20.46 31.01
N LYS A 192 32.22 -19.53 30.20
CA LYS A 192 33.01 -18.46 29.63
C LYS A 192 32.87 -17.20 30.49
N ILE A 193 34.00 -16.54 30.74
CA ILE A 193 34.04 -15.31 31.53
C ILE A 193 34.66 -14.21 30.69
N TYR A 194 33.98 -13.06 30.64
CA TYR A 194 34.41 -11.95 29.80
C TYR A 194 34.75 -10.72 30.65
N VAL A 195 35.85 -10.05 30.31
CA VAL A 195 36.30 -8.87 31.05
C VAL A 195 36.53 -7.69 30.11
N ASP A 196 36.13 -6.49 30.56
CA ASP A 196 36.39 -5.24 29.84
C ASP A 196 35.70 -5.20 28.46
N ASP A 197 34.39 -4.94 28.46
CA ASP A 197 33.58 -4.86 27.24
C ASP A 197 33.69 -6.13 26.38
N GLY A 198 33.75 -7.29 27.04
CA GLY A 198 33.79 -8.57 26.35
C GLY A 198 35.02 -8.80 25.48
N LEU A 199 36.05 -7.98 25.66
CA LEU A 199 37.24 -8.03 24.82
C LEU A 199 38.22 -9.11 25.30
N ILE A 200 38.30 -9.30 26.62
CA ILE A 200 39.09 -10.39 27.20
C ILE A 200 38.18 -11.56 27.50
N SER A 201 38.62 -12.75 27.10
CA SER A 201 37.79 -13.96 27.20
C SER A 201 38.53 -15.01 28.05
N LEU A 202 37.80 -15.69 28.93
CA LEU A 202 38.38 -16.71 29.81
C LEU A 202 37.47 -17.94 29.93
N GLN A 203 38.08 -19.11 30.15
CA GLN A 203 37.31 -20.35 30.36
C GLN A 203 37.67 -21.01 31.69
N VAL A 204 36.64 -21.41 32.43
CA VAL A 204 36.80 -22.02 33.74
C VAL A 204 37.29 -23.47 33.63
N ALA A 209 36.49 -23.05 46.68
CA ALA A 209 35.55 -22.51 47.64
C ALA A 209 35.25 -21.05 47.33
N ASP A 210 36.32 -20.26 47.20
CA ASP A 210 36.21 -18.83 46.87
C ASP A 210 37.18 -18.44 45.73
N PHE A 211 37.28 -19.30 44.72
CA PHE A 211 38.16 -19.03 43.58
C PHE A 211 37.80 -19.82 42.30
N LEU A 212 38.43 -19.43 41.19
CA LEU A 212 38.28 -20.09 39.88
C LEU A 212 39.62 -20.08 39.16
N VAL A 213 39.93 -21.14 38.42
CA VAL A 213 41.17 -21.22 37.63
C VAL A 213 40.84 -21.23 36.14
N THR A 214 41.45 -20.30 35.39
CA THR A 214 41.08 -20.05 34.00
C THR A 214 42.29 -19.94 33.07
N GLU A 215 42.03 -20.13 31.77
CA GLU A 215 43.02 -19.90 30.71
C GLU A 215 42.53 -18.77 29.80
N VAL A 216 43.44 -17.86 29.45
CA VAL A 216 43.11 -16.68 28.64
C VAL A 216 42.82 -17.06 27.19
N GLU A 217 41.52 -17.15 26.85
CA GLU A 217 41.08 -17.52 25.50
C GLU A 217 41.27 -16.36 24.50
N ASN A 218 41.06 -15.13 24.98
CA ASN A 218 41.43 -13.91 24.23
C ASN A 218 42.17 -12.95 25.17
N GLY A 219 43.37 -12.55 24.78
CA GLY A 219 44.26 -11.77 25.65
C GLY A 219 44.18 -10.27 25.45
N GLY A 220 45.19 -9.56 25.91
CA GLY A 220 45.27 -8.11 25.78
C GLY A 220 45.55 -7.44 27.11
N SER A 221 45.57 -6.11 27.11
CA SER A 221 45.86 -5.36 28.31
C SER A 221 44.70 -5.45 29.33
N LEU A 222 45.04 -5.81 30.56
CA LEU A 222 44.08 -5.93 31.66
C LEU A 222 44.28 -4.76 32.62
N GLY A 223 43.26 -3.90 32.72
CA GLY A 223 43.29 -2.75 33.64
C GLY A 223 42.46 -2.98 34.89
N SER A 224 42.29 -1.89 35.66
CA SER A 224 41.62 -1.95 36.97
C SER A 224 40.10 -1.76 36.87
N LYS A 225 39.38 -2.42 37.78
CA LYS A 225 37.91 -2.27 37.92
C LYS A 225 37.15 -2.34 36.60
N LYS A 226 37.41 -3.39 35.84
CA LYS A 226 36.75 -3.60 34.55
C LYS A 226 35.50 -4.44 34.74
N GLY A 227 34.53 -4.24 33.84
CA GLY A 227 33.27 -4.92 33.89
C GLY A 227 33.42 -6.37 33.48
N VAL A 228 32.74 -7.26 34.19
CA VAL A 228 32.80 -8.70 33.94
C VAL A 228 31.44 -9.19 33.56
N ASN A 229 31.38 -10.10 32.59
CA ASN A 229 30.11 -10.67 32.13
C ASN A 229 30.11 -12.19 32.19
N LEU A 230 28.97 -12.76 32.57
CA LEU A 230 28.78 -14.21 32.66
C LEU A 230 27.54 -14.59 31.82
N PRO A 231 27.69 -14.58 30.47
CA PRO A 231 26.53 -14.68 29.56
C PRO A 231 25.62 -15.90 29.79
N GLY A 232 26.23 -17.06 30.01
CA GLY A 232 25.46 -18.29 30.22
C GLY A 232 25.09 -18.57 31.67
N ALA A 233 24.99 -17.53 32.50
CA ALA A 233 24.79 -17.70 33.95
C ALA A 233 23.69 -16.77 34.47
N ALA A 234 22.97 -17.24 35.49
CA ALA A 234 21.89 -16.47 36.12
C ALA A 234 22.43 -15.68 37.31
N VAL A 235 22.98 -14.50 37.03
CA VAL A 235 23.53 -13.62 38.05
C VAL A 235 22.44 -13.21 39.02
N ASP A 236 22.71 -13.34 40.31
CA ASP A 236 21.69 -13.23 41.39
C ASP A 236 21.78 -11.95 42.23
N LEU A 237 22.48 -10.94 41.73
CA LEU A 237 22.64 -9.67 42.44
C LEU A 237 21.30 -8.94 42.54
N PRO A 238 21.15 -8.06 43.56
CA PRO A 238 19.90 -7.33 43.72
C PRO A 238 19.62 -6.34 42.59
N ALA A 239 18.34 -6.21 42.25
CA ALA A 239 17.89 -5.18 41.31
C ALA A 239 18.37 -3.81 41.77
N VAL A 240 18.10 -3.49 43.04
CA VAL A 240 18.51 -2.22 43.64
C VAL A 240 19.39 -2.50 44.88
N SER A 241 20.71 -2.42 44.68
CA SER A 241 21.69 -2.66 45.76
C SER A 241 21.66 -1.52 46.77
N GLU A 242 22.43 -1.68 47.85
CA GLU A 242 22.55 -0.61 48.83
C GLU A 242 23.13 0.64 48.19
N LYS A 243 24.14 0.46 47.33
CA LYS A 243 24.71 1.59 46.62
C LYS A 243 23.65 2.29 45.77
N ASP A 244 22.86 1.51 45.03
CA ASP A 244 21.80 2.07 44.20
C ASP A 244 20.81 2.88 45.04
N ILE A 245 20.44 2.34 46.21
CA ILE A 245 19.54 3.09 47.13
C ILE A 245 20.13 4.44 47.48
N GLN A 246 21.38 4.43 47.88
CA GLN A 246 22.09 5.69 48.20
C GLN A 246 22.10 6.65 47.02
N ASP A 247 22.38 6.12 45.82
CA ASP A 247 22.48 6.95 44.62
C ASP A 247 21.12 7.55 44.21
N LEU A 248 20.06 6.77 44.33
CA LEU A 248 18.71 7.22 43.99
C LEU A 248 18.24 8.33 44.92
N LYS A 249 18.52 8.16 46.21
CA LYS A 249 18.26 9.21 47.21
C LYS A 249 18.99 10.49 46.82
N PHE A 250 20.26 10.37 46.44
CA PHE A 250 21.06 11.50 45.96
C PHE A 250 20.39 12.14 44.75
N GLY A 251 19.91 11.31 43.82
CA GLY A 251 19.22 11.81 42.63
C GLY A 251 18.02 12.66 42.98
N VAL A 252 17.21 12.18 43.92
CA VAL A 252 16.06 12.96 44.37
C VAL A 252 16.51 14.29 44.98
N GLU A 253 17.50 14.22 45.89
CA GLU A 253 18.04 15.43 46.53
C GLU A 253 18.57 16.42 45.50
N GLN A 254 19.18 15.91 44.43
CA GLN A 254 19.79 16.77 43.40
C GLN A 254 18.82 17.20 42.29
N ASP A 255 17.55 16.79 42.39
CA ASP A 255 16.49 17.21 41.46
C ASP A 255 16.76 16.76 40.01
N VAL A 256 17.29 15.55 39.87
CA VAL A 256 17.53 14.98 38.54
C VAL A 256 16.19 14.75 37.84
N ASP A 257 16.24 14.75 36.51
CA ASP A 257 15.03 14.69 35.69
C ASP A 257 14.63 13.25 35.38
N MET A 258 15.61 12.36 35.35
CA MET A 258 15.38 11.00 34.93
C MET A 258 16.42 10.08 35.48
N VAL A 259 16.03 8.82 35.65
CA VAL A 259 16.93 7.76 36.03
C VAL A 259 17.06 6.77 34.87
N PHE A 260 18.30 6.40 34.54
CA PHE A 260 18.56 5.33 33.59
C PHE A 260 18.94 4.12 34.41
N ALA A 261 18.01 3.18 34.57
CA ALA A 261 18.20 2.06 35.47
C ALA A 261 18.90 0.90 34.79
N SER A 262 20.09 0.54 35.28
CA SER A 262 20.93 -0.48 34.65
C SER A 262 20.43 -1.90 34.90
N PHE A 263 20.54 -2.74 33.86
CA PHE A 263 20.29 -4.18 33.92
C PHE A 263 18.88 -4.59 34.35
N ILE A 264 17.88 -3.82 33.95
CA ILE A 264 16.50 -4.20 34.21
C ILE A 264 16.18 -5.52 33.50
N ARG A 265 15.70 -6.49 34.27
CA ARG A 265 15.45 -7.85 33.79
C ARG A 265 13.96 -8.15 33.63
N LYS A 266 13.11 -7.39 34.33
CA LYS A 266 11.69 -7.73 34.43
C LYS A 266 10.91 -6.58 35.04
N ALA A 267 9.60 -6.66 34.97
CA ALA A 267 8.76 -5.55 35.43
C ALA A 267 8.95 -5.26 36.91
N SER A 268 9.19 -6.31 37.71
CA SER A 268 9.36 -6.14 39.15
C SER A 268 10.63 -5.32 39.50
N ASP A 269 11.64 -5.37 38.63
CA ASP A 269 12.85 -4.52 38.81
C ASP A 269 12.46 -3.06 38.68
N VAL A 270 11.66 -2.76 37.65
CA VAL A 270 11.21 -1.39 37.41
C VAL A 270 10.33 -0.87 38.56
N HIS A 271 9.43 -1.71 39.04
CA HIS A 271 8.59 -1.35 40.17
C HIS A 271 9.44 -1.07 41.41
N GLU A 272 10.49 -1.86 41.62
CA GLU A 272 11.36 -1.65 42.77
C GLU A 272 12.02 -0.27 42.73
N VAL A 273 12.60 0.10 41.59
CA VAL A 273 13.19 1.43 41.42
C VAL A 273 12.13 2.52 41.64
N ARG A 274 10.94 2.31 41.08
CA ARG A 274 9.84 3.27 41.20
C ARG A 274 9.50 3.47 42.67
N LYS A 275 9.45 2.37 43.41
CA LYS A 275 9.08 2.41 44.84
C LYS A 275 10.14 3.02 45.73
N VAL A 276 11.41 2.74 45.40
CA VAL A 276 12.53 3.36 46.10
C VAL A 276 12.51 4.86 45.89
N LEU A 277 12.27 5.29 44.65
CA LEU A 277 12.14 6.70 44.34
C LEU A 277 10.95 7.30 45.09
N GLY A 278 9.90 6.49 45.23
CA GLY A 278 8.77 6.83 46.09
C GLY A 278 8.10 8.11 45.72
N GLU A 279 7.45 8.73 46.69
CA GLU A 279 6.60 9.89 46.43
C GLU A 279 7.41 11.14 46.08
N LYS A 280 8.54 11.34 46.75
CA LYS A 280 9.39 12.52 46.46
C LYS A 280 10.00 12.48 45.03
N GLY A 281 10.24 11.26 44.52
CA GLY A 281 10.75 11.07 43.16
C GLY A 281 9.71 10.63 42.15
N LYS A 282 8.42 10.89 42.44
CA LYS A 282 7.31 10.36 41.64
C LYS A 282 7.30 10.93 40.21
N ASN A 283 7.76 12.17 40.05
CA ASN A 283 7.86 12.82 38.74
C ASN A 283 9.19 12.61 37.99
N ILE A 284 10.08 11.80 38.55
CA ILE A 284 11.36 11.48 37.88
C ILE A 284 11.10 10.31 36.93
N LYS A 285 11.43 10.51 35.64
CA LYS A 285 11.15 9.48 34.64
C LYS A 285 12.13 8.32 34.76
N ILE A 286 11.62 7.10 34.72
CA ILE A 286 12.45 5.90 34.77
C ILE A 286 12.61 5.32 33.38
N ILE A 287 13.85 5.36 32.88
CA ILE A 287 14.22 4.73 31.61
C ILE A 287 14.92 3.42 31.92
N SER A 288 14.31 2.30 31.53
CA SER A 288 14.86 0.98 31.78
C SER A 288 15.91 0.62 30.74
N LYS A 289 17.10 0.26 31.20
CA LYS A 289 18.20 -0.13 30.33
C LYS A 289 18.14 -1.64 30.09
N ILE A 290 18.03 -2.03 28.81
CA ILE A 290 17.99 -3.44 28.41
C ILE A 290 19.39 -3.86 28.01
N GLU A 291 20.03 -4.72 28.81
CA GLU A 291 21.44 -5.09 28.61
C GLU A 291 21.70 -6.56 28.78
N ASN A 292 20.64 -7.38 28.81
CA ASN A 292 20.80 -8.82 28.94
C ASN A 292 19.64 -9.56 28.30
N HIS A 293 19.77 -10.86 28.17
CA HIS A 293 18.82 -11.67 27.45
C HIS A 293 17.44 -11.65 28.10
N GLU A 294 17.39 -11.73 29.43
CA GLU A 294 16.13 -11.74 30.16
C GLU A 294 15.37 -10.44 29.92
N GLY A 295 16.09 -9.32 29.89
CA GLY A 295 15.52 -8.01 29.59
C GLY A 295 14.84 -7.96 28.23
N VAL A 296 15.45 -8.60 27.23
CA VAL A 296 14.84 -8.71 25.90
C VAL A 296 13.60 -9.62 25.94
N ARG A 297 13.73 -10.81 26.53
CA ARG A 297 12.60 -11.75 26.68
C ARG A 297 11.36 -11.11 27.29
N ARG A 298 11.58 -10.34 28.36
CA ARG A 298 10.49 -9.77 29.15
C ARG A 298 10.28 -8.29 28.82
N PHE A 299 10.66 -7.91 27.60
CA PHE A 299 10.64 -6.51 27.21
C PHE A 299 9.24 -5.87 27.31
N ASP A 300 8.19 -6.58 26.90
CA ASP A 300 6.85 -6.00 26.91
C ASP A 300 6.41 -5.53 28.30
N GLU A 301 6.62 -6.37 29.31
CA GLU A 301 6.23 -6.00 30.68
C GLU A 301 7.14 -4.90 31.23
N ILE A 302 8.42 -4.92 30.86
CA ILE A 302 9.35 -3.85 31.24
C ILE A 302 8.90 -2.50 30.66
N LEU A 303 8.59 -2.48 29.36
CA LEU A 303 8.14 -1.26 28.70
C LEU A 303 6.88 -0.67 29.34
N GLU A 304 5.90 -1.54 29.62
CA GLU A 304 4.65 -1.13 30.22
C GLU A 304 4.90 -0.38 31.52
N ALA A 305 5.82 -0.93 32.32
CA ALA A 305 6.15 -0.40 33.64
C ALA A 305 7.07 0.84 33.61
N SER A 306 7.78 1.08 32.49
CA SER A 306 8.78 2.18 32.40
C SER A 306 8.26 3.45 31.72
N ASP A 307 8.98 4.54 31.90
CA ASP A 307 8.69 5.78 31.20
C ASP A 307 9.39 5.79 29.82
N GLY A 308 10.36 4.90 29.65
CA GLY A 308 11.09 4.79 28.38
C GLY A 308 12.12 3.68 28.48
N ILE A 309 12.90 3.52 27.41
CA ILE A 309 13.83 2.43 27.29
C ILE A 309 15.17 2.94 26.78
N MET A 310 16.26 2.33 27.26
CA MET A 310 17.55 2.48 26.60
C MET A 310 18.00 1.13 26.07
N VAL A 311 18.33 1.11 24.79
CA VAL A 311 18.99 -0.04 24.22
C VAL A 311 20.47 0.10 24.57
N ALA A 312 20.87 -0.61 25.62
CA ALA A 312 22.22 -0.52 26.18
C ALA A 312 23.08 -1.57 25.53
N ARG A 313 23.49 -1.29 24.29
CA ARG A 313 24.06 -2.30 23.40
C ARG A 313 25.42 -2.85 23.85
N GLY A 314 26.12 -2.11 24.71
CA GLY A 314 27.44 -2.50 25.19
C GLY A 314 27.40 -3.87 25.83
N ASP A 315 26.70 -3.95 26.97
CA ASP A 315 26.53 -5.23 27.65
C ASP A 315 25.61 -6.18 26.89
N LEU A 316 24.58 -5.64 26.24
CA LEU A 316 23.67 -6.47 25.46
C LEU A 316 24.44 -7.34 24.45
N GLY A 317 25.42 -6.73 23.77
CA GLY A 317 26.24 -7.43 22.79
C GLY A 317 27.30 -8.35 23.35
N ILE A 318 27.39 -8.42 24.67
CA ILE A 318 28.21 -9.44 25.34
C ILE A 318 27.33 -10.56 25.88
N GLU A 319 26.19 -10.18 26.44
CA GLU A 319 25.23 -11.12 27.02
C GLU A 319 24.55 -12.00 25.96
N ILE A 320 24.28 -11.43 24.79
CA ILE A 320 23.77 -12.19 23.64
C ILE A 320 24.80 -12.05 22.51
N PRO A 321 24.74 -12.95 21.50
CA PRO A 321 25.70 -12.85 20.40
C PRO A 321 25.69 -11.46 19.75
N ALA A 322 26.88 -10.91 19.48
CA ALA A 322 26.99 -9.55 18.92
C ALA A 322 26.18 -9.40 17.63
N GLU A 323 26.10 -10.48 16.86
CA GLU A 323 25.39 -10.43 15.57
C GLU A 323 23.86 -10.30 15.71
N LYS A 324 23.32 -10.51 16.91
CA LYS A 324 21.88 -10.39 17.14
C LYS A 324 21.46 -9.02 17.72
N VAL A 325 22.42 -8.15 18.03
CA VAL A 325 22.08 -6.87 18.67
C VAL A 325 21.18 -6.01 17.79
N PHE A 326 21.44 -5.95 16.48
CA PHE A 326 20.61 -5.13 15.58
C PHE A 326 19.13 -5.56 15.61
N LEU A 327 18.89 -6.86 15.75
CA LEU A 327 17.53 -7.42 15.86
C LEU A 327 16.86 -6.89 17.13
N ALA A 328 17.58 -7.01 18.25
CA ALA A 328 17.10 -6.48 19.55
C ALA A 328 16.87 -4.98 19.51
N GLN A 329 17.81 -4.24 18.92
CA GLN A 329 17.65 -2.79 18.78
C GLN A 329 16.41 -2.43 17.98
N LYS A 330 16.26 -3.02 16.80
CA LYS A 330 15.13 -2.66 15.94
C LYS A 330 13.79 -3.08 16.55
N MET A 331 13.76 -4.25 17.19
CA MET A 331 12.55 -4.70 17.90
C MET A 331 12.16 -3.71 18.98
N MET A 332 13.13 -3.33 19.82
CA MET A 332 12.82 -2.42 20.93
C MET A 332 12.41 -1.04 20.47
N ILE A 333 13.10 -0.50 19.46
CA ILE A 333 12.73 0.82 18.95
C ILE A 333 11.31 0.75 18.35
N GLY A 334 11.03 -0.32 17.61
CA GLY A 334 9.71 -0.54 17.01
C GLY A 334 8.60 -0.58 18.05
N ARG A 335 8.79 -1.38 19.07
CA ARG A 335 7.80 -1.53 20.13
C ARG A 335 7.64 -0.24 20.95
N CYS A 336 8.72 0.49 21.17
CA CYS A 336 8.62 1.81 21.81
C CYS A 336 7.87 2.81 20.93
N ASN A 337 8.18 2.86 19.62
CA ASN A 337 7.42 3.71 18.70
C ASN A 337 5.92 3.36 18.74
N ARG A 338 5.62 2.07 18.73
CA ARG A 338 4.24 1.54 18.79
C ARG A 338 3.51 2.01 20.07
N ALA A 339 4.23 1.96 21.19
CA ALA A 339 3.68 2.35 22.50
C ALA A 339 3.76 3.86 22.77
N GLY A 340 4.49 4.61 21.93
CA GLY A 340 4.62 6.06 22.12
C GLY A 340 5.52 6.45 23.31
N LYS A 341 6.49 5.60 23.64
CA LYS A 341 7.39 5.84 24.76
C LYS A 341 8.82 6.02 24.27
N PRO A 342 9.56 6.98 24.86
CA PRO A 342 10.91 7.30 24.43
C PRO A 342 11.83 6.11 24.38
N VAL A 343 12.62 6.00 23.31
CA VAL A 343 13.67 5.00 23.24
C VAL A 343 15.02 5.65 22.89
N ILE A 344 16.05 5.21 23.59
CA ILE A 344 17.40 5.73 23.43
C ILE A 344 18.30 4.65 22.84
N CYS A 345 19.04 4.98 21.79
CA CYS A 345 20.08 4.09 21.26
C CYS A 345 21.39 4.49 21.87
N ALA A 346 22.10 3.54 22.46
CA ALA A 346 23.28 3.82 23.25
C ALA A 346 24.49 2.98 22.89
N THR A 347 25.67 3.57 23.11
CA THR A 347 26.97 2.87 23.25
C THR A 347 27.73 2.62 21.94
N GLN A 348 28.95 3.20 21.88
CA GLN A 348 29.91 3.05 20.77
C GLN A 348 29.41 3.59 19.41
N MET A 349 28.45 4.51 19.44
CA MET A 349 27.90 5.07 18.21
C MET A 349 28.96 5.82 17.42
N LEU A 350 29.84 6.54 18.12
CA LEU A 350 30.99 7.22 17.48
C LEU A 350 32.31 6.92 18.24
N GLU A 351 32.51 5.64 18.56
CA GLU A 351 33.55 5.23 19.52
C GLU A 351 34.95 5.68 19.14
N SER A 352 35.28 5.60 17.86
CA SER A 352 36.60 6.01 17.37
C SER A 352 36.94 7.46 17.71
N MET A 353 35.92 8.31 17.91
CA MET A 353 36.13 9.72 18.19
C MET A 353 36.63 10.00 19.62
N ILE A 354 36.74 8.96 20.43
CA ILE A 354 37.47 9.05 21.71
C ILE A 354 38.93 9.45 21.45
N LYS A 355 39.50 8.95 20.34
CA LYS A 355 40.92 9.21 20.00
C LYS A 355 41.10 10.02 18.72
N LYS A 356 40.10 10.02 17.83
CA LYS A 356 40.21 10.67 16.50
C LYS A 356 39.18 11.79 16.33
N PRO A 357 39.54 12.84 15.57
CA PRO A 357 38.64 13.98 15.36
C PRO A 357 37.47 13.72 14.40
N ARG A 358 37.50 12.58 13.71
CA ARG A 358 36.47 12.19 12.75
C ARG A 358 36.08 10.74 13.01
N PRO A 359 34.82 10.37 12.73
CA PRO A 359 34.35 9.01 12.98
C PRO A 359 34.58 8.10 11.78
N THR A 360 34.45 6.79 12.00
CA THR A 360 34.54 5.82 10.90
C THR A 360 33.25 5.84 10.11
N ARG A 361 33.25 5.15 8.97
CA ARG A 361 32.06 5.12 8.13
C ARG A 361 30.98 4.27 8.76
N ALA A 362 31.36 3.24 9.49
CA ALA A 362 30.38 2.39 10.21
C ALA A 362 29.68 3.21 11.30
N GLU A 363 30.41 4.10 11.94
CA GLU A 363 29.86 4.96 13.00
C GLU A 363 28.86 5.96 12.44
N GLY A 364 29.23 6.63 11.34
CA GLY A 364 28.32 7.54 10.65
C GLY A 364 27.04 6.82 10.31
N SER A 365 27.19 5.62 9.76
CA SER A 365 26.06 4.78 9.38
C SER A 365 25.19 4.42 10.59
N ASP A 366 25.83 4.05 11.68
CA ASP A 366 25.11 3.61 12.90
C ASP A 366 24.21 4.72 13.45
N VAL A 367 24.73 5.94 13.53
CA VAL A 367 23.93 7.07 14.01
C VAL A 367 22.73 7.31 13.08
N ALA A 368 22.99 7.37 11.76
CA ALA A 368 21.92 7.62 10.79
C ALA A 368 20.81 6.56 10.90
N ASN A 369 21.23 5.30 11.00
CA ASN A 369 20.30 4.18 11.04
C ASN A 369 19.52 4.10 12.34
N ALA A 370 20.12 4.53 13.44
CA ALA A 370 19.39 4.62 14.71
C ALA A 370 18.22 5.60 14.59
N VAL A 371 18.47 6.74 13.94
CA VAL A 371 17.41 7.72 13.65
C VAL A 371 16.35 7.13 12.71
N LEU A 372 16.79 6.50 11.61
CA LEU A 372 15.87 5.87 10.65
C LEU A 372 15.07 4.73 11.29
N ASP A 373 15.67 4.02 12.25
CA ASP A 373 14.93 3.00 13.01
C ASP A 373 13.74 3.62 13.77
N GLY A 374 13.90 4.86 14.23
CA GLY A 374 12.88 5.55 15.05
C GLY A 374 13.31 5.92 16.48
N ALA A 375 14.62 5.89 16.78
CA ALA A 375 15.07 6.22 18.13
C ALA A 375 14.77 7.68 18.45
N ASP A 376 14.22 7.94 19.62
CA ASP A 376 13.97 9.31 20.08
C ASP A 376 15.26 10.08 20.39
N CYS A 377 16.20 9.40 21.01
CA CYS A 377 17.51 9.97 21.39
C CYS A 377 18.64 9.04 21.01
N ILE A 378 19.82 9.66 20.81
CA ILE A 378 21.06 8.96 20.61
C ILE A 378 22.03 9.43 21.69
N MET A 379 23.01 8.61 21.99
CA MET A 379 23.86 8.82 23.16
C MET A 379 25.34 8.75 22.86
N LEU A 380 26.11 9.53 23.63
CA LEU A 380 27.55 9.47 23.66
C LEU A 380 27.98 9.12 25.08
N SER A 381 28.98 8.24 25.18
CA SER A 381 29.50 7.81 26.44
C SER A 381 30.95 8.26 26.57
N GLY A 382 31.92 7.38 26.30
CA GLY A 382 33.32 7.75 26.38
C GLY A 382 33.67 8.91 25.49
N GLU A 383 32.95 9.04 24.36
CA GLU A 383 33.18 10.10 23.37
C GLU A 383 33.16 11.50 23.96
N THR A 384 32.27 11.70 24.94
CA THR A 384 32.15 12.97 25.64
C THR A 384 32.69 12.94 27.07
N ALA A 385 32.72 11.76 27.71
CA ALA A 385 33.10 11.67 29.12
C ALA A 385 34.61 11.86 29.30
N LYS A 386 35.38 11.18 28.47
CA LYS A 386 36.83 11.12 28.64
C LYS A 386 37.66 11.35 27.38
N GLY A 387 37.01 11.36 26.21
CA GLY A 387 37.72 11.40 24.94
C GLY A 387 38.40 12.73 24.63
N ASP A 388 39.22 12.72 23.57
CA ASP A 388 39.97 13.93 23.16
C ASP A 388 39.17 14.91 22.32
N TYR A 389 37.98 14.50 21.86
CA TYR A 389 37.15 15.33 20.97
C TYR A 389 35.66 15.35 21.34
N PRO A 390 35.33 15.75 22.58
CA PRO A 390 33.93 15.75 23.01
C PRO A 390 33.01 16.62 22.16
N LEU A 391 33.46 17.83 21.81
CA LEU A 391 32.61 18.79 21.06
C LEU A 391 32.41 18.34 19.63
N GLU A 392 33.45 17.78 19.04
CA GLU A 392 33.38 17.24 17.69
C GLU A 392 32.40 16.05 17.64
N ALA A 393 32.38 15.24 18.68
CA ALA A 393 31.46 14.09 18.73
C ALA A 393 29.98 14.55 18.84
N VAL A 394 29.72 15.55 19.68
CA VAL A 394 28.37 16.12 19.78
C VAL A 394 27.95 16.75 18.44
N ARG A 395 28.83 17.56 17.86
CA ARG A 395 28.55 18.19 16.57
C ARG A 395 28.27 17.19 15.45
N MET A 396 29.00 16.07 15.45
CA MET A 396 28.84 15.06 14.40
C MET A 396 27.49 14.36 14.57
N GLN A 397 27.11 14.04 15.81
CA GLN A 397 25.79 13.44 16.04
C GLN A 397 24.68 14.37 15.57
N HIS A 398 24.84 15.67 15.84
CA HIS A 398 23.90 16.68 15.42
C HIS A 398 23.75 16.72 13.87
N LEU A 399 24.88 16.72 13.17
CA LEU A 399 24.88 16.76 11.70
C LEU A 399 24.24 15.52 11.08
N ILE A 400 24.57 14.35 11.59
CA ILE A 400 24.05 13.10 11.04
C ILE A 400 22.55 12.97 11.32
N ALA A 401 22.14 13.27 12.55
CA ALA A 401 20.72 13.14 12.94
C ALA A 401 19.84 13.97 12.04
N ARG A 402 20.27 15.18 11.76
CA ARG A 402 19.50 16.10 10.95
C ARG A 402 19.39 15.60 9.50
N GLU A 403 20.49 15.11 8.94
CA GLU A 403 20.46 14.52 7.58
C GLU A 403 19.51 13.31 7.54
N ALA A 404 19.59 12.45 8.56
CA ALA A 404 18.80 11.23 8.60
C ALA A 404 17.31 11.51 8.82
N GLU A 405 16.99 12.52 9.62
CA GLU A 405 15.60 12.94 9.85
C GLU A 405 14.88 13.35 8.55
N ALA A 406 15.60 14.03 7.66
CA ALA A 406 15.06 14.39 6.35
C ALA A 406 14.84 13.14 5.46
N ALA A 407 15.66 12.09 5.67
CA ALA A 407 15.63 10.87 4.87
C ALA A 407 14.61 9.82 5.31
N ILE A 408 13.89 10.11 6.40
CA ILE A 408 12.82 9.25 6.89
C ILE A 408 11.71 9.22 5.83
N TYR A 409 11.09 8.06 5.66
CA TYR A 409 9.98 7.93 4.70
C TYR A 409 8.67 8.14 5.46
N HIS A 410 8.36 9.42 5.69
CA HIS A 410 7.22 9.79 6.56
C HIS A 410 5.90 9.23 6.04
N LEU A 411 5.77 9.18 4.71
CA LEU A 411 4.55 8.70 4.05
C LEU A 411 4.11 7.36 4.61
N GLN A 412 5.00 6.37 4.55
CA GLN A 412 4.71 5.06 5.13
C GLN A 412 4.69 5.07 6.66
N LEU A 413 5.67 5.76 7.26
CA LEU A 413 5.79 5.81 8.72
C LEU A 413 4.50 6.33 9.36
N PHE A 414 4.02 7.45 8.85
CA PHE A 414 2.82 8.09 9.38
C PHE A 414 1.59 7.20 9.14
N GLU A 415 1.50 6.63 7.95
CA GLU A 415 0.40 5.72 7.61
C GLU A 415 0.33 4.54 8.57
N GLU A 416 1.48 3.95 8.90
CA GLU A 416 1.50 2.79 9.80
C GLU A 416 1.23 3.18 11.26
N LEU A 417 1.70 4.35 11.67
CA LEU A 417 1.45 4.81 13.05
C LEU A 417 -0.05 5.05 13.25
N ARG A 418 -0.68 5.70 12.28
CA ARG A 418 -2.15 5.91 12.31
C ARG A 418 -2.93 4.58 12.39
N ARG A 419 -2.49 3.59 11.60
CA ARG A 419 -3.17 2.29 11.53
C ARG A 419 -2.98 1.46 12.79
N LEU A 420 -1.75 1.45 13.31
CA LEU A 420 -1.43 0.69 14.53
C LEU A 420 -2.03 1.37 15.76
N ALA A 421 -2.38 2.64 15.63
CA ALA A 421 -2.92 3.43 16.74
C ALA A 421 -4.21 2.82 17.29
N PRO A 422 -4.26 2.56 18.61
CA PRO A 422 -5.53 2.21 19.25
C PRO A 422 -6.56 3.33 19.05
N ILE A 423 -7.73 2.99 18.49
CA ILE A 423 -8.77 3.99 18.21
C ILE A 423 -9.50 4.38 19.50
N THR A 424 -9.65 5.68 19.72
CA THR A 424 -10.15 6.20 21.00
C THR A 424 -11.11 7.36 20.79
N SER A 425 -11.93 7.61 21.80
CA SER A 425 -12.80 8.78 21.84
C SER A 425 -12.08 9.96 22.51
N ASP A 426 -10.76 9.82 22.70
CA ASP A 426 -9.95 10.83 23.36
C ASP A 426 -9.74 12.04 22.44
N PRO A 427 -10.29 13.23 22.84
CA PRO A 427 -10.17 14.44 21.99
C PRO A 427 -8.75 14.96 21.81
N THR A 428 -7.90 14.74 22.81
CA THR A 428 -6.49 15.16 22.75
C THR A 428 -5.71 14.40 21.65
N GLU A 429 -5.97 13.10 21.54
CA GLU A 429 -5.34 12.27 20.48
C GLU A 429 -5.83 12.67 19.08
N ALA A 430 -7.11 12.99 18.94
CA ALA A 430 -7.67 13.45 17.66
C ALA A 430 -7.04 14.75 17.22
N THR A 431 -6.89 15.70 18.15
CA THR A 431 -6.26 16.98 17.89
C THR A 431 -4.79 16.83 17.50
N ALA A 432 -4.09 15.92 18.18
CA ALA A 432 -2.67 15.66 17.89
C ALA A 432 -2.48 15.08 16.47
N VAL A 433 -3.27 14.06 16.12
CA VAL A 433 -3.16 13.46 14.78
C VAL A 433 -3.56 14.46 13.69
N GLY A 434 -4.61 15.24 13.92
CA GLY A 434 -5.02 16.30 12.98
C GLY A 434 -3.94 17.35 12.76
N ALA A 435 -3.28 17.73 13.85
CA ALA A 435 -2.17 18.68 13.77
C ALA A 435 -1.04 18.12 12.92
N VAL A 436 -0.72 16.84 13.10
CA VAL A 436 0.38 16.23 12.35
C VAL A 436 0.01 16.12 10.85
N GLU A 437 -1.21 15.68 10.58
CA GLU A 437 -1.72 15.64 9.19
C GLU A 437 -1.60 17.01 8.55
N ALA A 438 -2.09 18.02 9.25
CA ALA A 438 -2.01 19.39 8.78
C ALA A 438 -0.57 19.83 8.51
N SER A 439 0.35 19.45 9.40
CA SER A 439 1.76 19.85 9.27
C SER A 439 2.38 19.33 7.98
N PHE A 440 1.98 18.12 7.57
CA PHE A 440 2.46 17.53 6.31
C PHE A 440 1.86 18.26 5.10
N LYS A 441 0.56 18.54 5.17
CA LYS A 441 -0.15 19.20 4.07
C LYS A 441 0.46 20.56 3.69
N CYS A 442 0.87 21.33 4.68
CA CYS A 442 1.41 22.66 4.41
C CYS A 442 2.92 22.76 4.64
N CYS A 443 3.59 21.61 4.77
CA CYS A 443 5.02 21.55 5.07
C CYS A 443 5.37 22.62 6.10
N SER A 444 4.70 22.56 7.24
CA SER A 444 4.75 23.63 8.23
C SER A 444 6.15 23.80 8.81
N GLY A 445 6.50 25.03 9.15
CA GLY A 445 7.80 25.33 9.76
C GLY A 445 7.93 24.78 11.18
N ALA A 446 6.80 24.50 11.82
CA ALA A 446 6.79 23.96 13.18
C ALA A 446 5.38 23.62 13.62
N ILE A 447 5.28 22.81 14.67
CA ILE A 447 4.04 22.59 15.41
C ILE A 447 4.24 23.16 16.82
N ILE A 448 3.56 24.25 17.13
CA ILE A 448 3.68 24.90 18.44
C ILE A 448 2.62 24.30 19.37
N VAL A 449 3.07 23.82 20.53
CA VAL A 449 2.19 23.15 21.47
C VAL A 449 2.36 23.72 22.89
N LEU A 450 1.27 24.22 23.48
CA LEU A 450 1.28 24.62 24.89
C LEU A 450 1.04 23.38 25.74
N THR A 451 1.84 23.18 26.78
CA THR A 451 1.69 22.00 27.60
C THR A 451 2.27 22.23 28.99
N LYS A 452 1.55 21.77 30.02
CA LYS A 452 2.01 21.92 31.40
C LYS A 452 2.86 20.74 31.81
N SER A 453 2.35 19.55 31.49
CA SER A 453 3.00 18.30 31.87
C SER A 453 3.87 17.71 30.77
N GLY A 454 3.75 18.23 29.55
CA GLY A 454 4.42 17.66 28.37
C GLY A 454 3.56 16.72 27.54
N ARG A 455 2.52 16.13 28.15
CA ARG A 455 1.74 15.09 27.50
C ARG A 455 1.24 15.49 26.09
N SER A 456 0.68 16.70 25.93
CA SER A 456 0.15 17.15 24.63
C SER A 456 1.23 17.07 23.53
N ALA A 457 2.46 17.48 23.88
CA ALA A 457 3.57 17.47 22.93
C ALA A 457 4.03 16.04 22.66
N HIS A 458 4.02 15.20 23.70
CA HIS A 458 4.36 13.77 23.56
C HIS A 458 3.38 13.11 22.58
N GLN A 459 2.10 13.50 22.66
CA GLN A 459 1.07 12.93 21.78
C GLN A 459 1.30 13.27 20.32
N VAL A 460 1.84 14.47 20.06
CA VAL A 460 2.22 14.89 18.71
C VAL A 460 3.48 14.14 18.22
N ALA A 461 4.47 14.05 19.11
CA ALA A 461 5.74 13.38 18.77
C ALA A 461 5.53 11.93 18.39
N ARG A 462 4.58 11.28 19.05
CA ARG A 462 4.20 9.89 18.77
C ARG A 462 3.93 9.58 17.27
N TYR A 463 3.41 10.56 16.54
CA TYR A 463 3.04 10.38 15.12
C TYR A 463 4.12 10.80 14.15
N ARG A 464 5.26 11.21 14.70
CA ARG A 464 6.47 11.45 13.93
C ARG A 464 6.35 12.48 12.78
N PRO A 465 5.91 13.72 13.10
CA PRO A 465 5.95 14.78 12.11
C PRO A 465 7.36 15.14 11.66
N ARG A 466 7.48 15.63 10.43
CA ARG A 466 8.71 16.20 9.93
C ARG A 466 9.02 17.54 10.62
N ALA A 467 7.98 18.36 10.83
CA ALA A 467 8.14 19.69 11.42
C ALA A 467 8.54 19.57 12.90
N PRO A 468 9.44 20.46 13.36
CA PRO A 468 9.81 20.43 14.78
C PRO A 468 8.63 20.82 15.69
N ILE A 469 8.58 20.21 16.86
CA ILE A 469 7.54 20.48 17.84
C ILE A 469 8.09 21.43 18.91
N ILE A 470 7.68 22.70 18.83
CA ILE A 470 8.08 23.68 19.83
C ILE A 470 7.10 23.59 21.00
N ALA A 471 7.55 23.00 22.10
CA ALA A 471 6.71 22.79 23.28
C ALA A 471 6.91 23.93 24.27
N VAL A 472 5.89 24.78 24.39
CA VAL A 472 5.95 25.92 25.30
C VAL A 472 5.35 25.54 26.65
N THR A 473 6.17 25.66 27.69
CA THR A 473 5.76 25.35 29.06
C THR A 473 6.36 26.35 30.06
N ARG A 474 5.67 26.53 31.19
CA ARG A 474 6.23 27.26 32.33
C ARG A 474 6.83 26.30 33.36
N ASN A 475 6.66 25.00 33.15
CA ASN A 475 7.17 24.00 34.08
C ASN A 475 8.59 23.62 33.69
N PRO A 476 9.61 24.07 34.47
CA PRO A 476 10.99 23.76 34.10
C PRO A 476 11.28 22.27 33.96
N GLN A 477 10.72 21.45 34.84
CA GLN A 477 10.93 20.00 34.75
C GLN A 477 10.33 19.41 33.46
N THR A 478 9.15 19.89 33.07
CA THR A 478 8.53 19.46 31.81
C THR A 478 9.44 19.80 30.65
N ALA A 479 10.00 21.01 30.68
CA ALA A 479 10.91 21.48 29.64
C ALA A 479 12.12 20.53 29.48
N ARG A 480 12.76 20.19 30.59
CA ARG A 480 13.94 19.31 30.56
C ARG A 480 13.61 17.89 30.10
N GLN A 481 12.55 17.32 30.68
CA GLN A 481 12.15 15.94 30.39
C GLN A 481 11.62 15.76 28.95
N ALA A 482 11.09 16.83 28.34
CA ALA A 482 10.57 16.78 26.97
C ALA A 482 11.64 16.38 25.94
N HIS A 483 12.91 16.60 26.27
CA HIS A 483 14.02 16.19 25.40
C HIS A 483 14.06 14.70 25.11
N LEU A 484 13.38 13.89 25.91
CA LEU A 484 13.31 12.45 25.63
C LEU A 484 12.56 12.10 24.33
N TYR A 485 11.79 13.04 23.76
CA TYR A 485 10.90 12.75 22.63
C TYR A 485 11.39 13.32 21.32
N ARG A 486 11.48 12.46 20.30
CA ARG A 486 11.84 12.89 18.95
C ARG A 486 10.99 14.11 18.57
N GLY A 487 11.66 15.19 18.15
CA GLY A 487 10.96 16.33 17.58
C GLY A 487 10.64 17.47 18.51
N ILE A 488 10.65 17.20 19.82
CA ILE A 488 10.30 18.22 20.79
C ILE A 488 11.48 19.15 21.08
N PHE A 489 11.25 20.43 20.79
CA PHE A 489 12.15 21.50 21.14
C PHE A 489 11.47 22.27 22.28
N PRO A 490 11.82 21.93 23.54
CA PRO A 490 11.16 22.58 24.66
C PRO A 490 11.66 24.01 24.88
N VAL A 491 10.73 24.92 25.16
CA VAL A 491 11.08 26.30 25.50
C VAL A 491 10.39 26.68 26.80
N LEU A 492 11.12 27.41 27.64
CA LEU A 492 10.70 27.70 29.00
C LEU A 492 10.23 29.15 29.10
N CYS A 493 8.92 29.31 29.14
CA CYS A 493 8.30 30.63 29.23
C CYS A 493 8.38 31.11 30.67
N LYS A 494 8.93 32.30 30.86
CA LYS A 494 9.08 32.87 32.19
C LYS A 494 8.25 34.15 32.39
N ASP A 495 7.46 34.52 31.37
CA ASP A 495 6.56 35.65 31.49
C ASP A 495 5.51 35.39 32.59
N PRO A 496 5.10 36.45 33.32
CA PRO A 496 4.08 36.25 34.34
C PRO A 496 2.74 35.83 33.73
N VAL A 497 1.92 35.15 34.52
CA VAL A 497 0.58 34.74 34.10
C VAL A 497 -0.32 35.97 33.95
N GLN A 498 -0.94 36.11 32.77
CA GLN A 498 -1.87 37.22 32.51
C GLN A 498 -3.22 36.92 33.17
N GLU A 499 -3.85 37.95 33.74
CA GLU A 499 -5.22 37.83 34.29
C GLU A 499 -6.14 37.13 33.31
N ALA A 500 -6.20 37.68 32.09
CA ALA A 500 -7.03 37.16 31.03
C ALA A 500 -6.35 35.92 30.42
N TRP A 501 -6.93 34.76 30.66
CA TRP A 501 -6.31 33.48 30.27
C TRP A 501 -6.04 33.40 28.75
N ALA A 502 -7.01 33.85 27.96
CA ALA A 502 -6.86 33.89 26.49
C ALA A 502 -5.61 34.68 26.06
N GLU A 503 -5.34 35.79 26.76
CA GLU A 503 -4.16 36.60 26.49
C GLU A 503 -2.89 35.93 27.02
N ASP A 504 -3.01 35.15 28.09
CA ASP A 504 -1.91 34.30 28.56
C ASP A 504 -1.55 33.26 27.50
N VAL A 505 -2.57 32.68 26.87
CA VAL A 505 -2.38 31.72 25.81
C VAL A 505 -1.68 32.37 24.60
N ASP A 506 -2.19 33.51 24.14
CA ASP A 506 -1.59 34.22 23.01
C ASP A 506 -0.16 34.71 23.30
N LEU A 507 0.12 34.99 24.57
CA LEU A 507 1.46 35.40 25.02
C LEU A 507 2.48 34.30 24.73
N ARG A 508 2.16 33.08 25.16
CA ARG A 508 3.05 31.93 25.01
C ARG A 508 3.20 31.47 23.55
N VAL A 509 2.11 31.55 22.78
CA VAL A 509 2.16 31.25 21.36
C VAL A 509 3.17 32.17 20.67
N ASN A 510 3.11 33.46 20.98
CA ASN A 510 4.02 34.44 20.39
C ASN A 510 5.46 34.30 20.85
N PHE A 511 5.65 33.82 22.08
CA PHE A 511 6.97 33.43 22.57
C PHE A 511 7.57 32.33 21.67
N ALA A 512 6.76 31.33 21.35
CA ALA A 512 7.14 30.25 20.44
C ALA A 512 7.52 30.79 19.06
N MET A 513 6.72 31.72 18.53
CA MET A 513 7.03 32.38 17.25
C MET A 513 8.40 33.05 17.32
N ASN A 514 8.65 33.76 18.41
CA ASN A 514 9.94 34.44 18.60
C ASN A 514 11.10 33.45 18.68
N VAL A 515 10.90 32.33 19.36
CA VAL A 515 11.95 31.30 19.46
C VAL A 515 12.26 30.70 18.08
N GLY A 516 11.22 30.29 17.35
CA GLY A 516 11.39 29.71 16.02
C GLY A 516 12.12 30.62 15.06
N LYS A 517 11.71 31.89 15.03
CA LYS A 517 12.37 32.92 14.23
C LYS A 517 13.84 33.03 14.60
N ALA A 518 14.11 33.18 15.90
CA ALA A 518 15.47 33.39 16.40
C ALA A 518 16.38 32.21 16.11
N ARG A 519 15.82 31.00 16.10
CA ARG A 519 16.59 29.78 15.83
C ARG A 519 16.66 29.47 14.33
N GLY A 520 15.97 30.26 13.52
CA GLY A 520 15.92 30.04 12.08
C GLY A 520 15.11 28.81 11.64
N PHE A 521 14.16 28.37 12.48
CA PHE A 521 13.23 27.30 12.09
C PHE A 521 12.19 27.77 11.08
N PHE A 522 11.83 29.05 11.16
CA PHE A 522 10.90 29.67 10.24
C PHE A 522 11.02 31.20 10.27
N LYS A 523 10.43 31.86 9.29
CA LYS A 523 10.43 33.32 9.22
C LYS A 523 9.03 33.84 8.95
N LYS A 524 8.88 35.17 9.05
CA LYS A 524 7.60 35.85 8.78
C LYS A 524 7.00 35.33 7.47
N GLY A 525 5.72 34.96 7.52
CA GLY A 525 5.01 34.53 6.32
C GLY A 525 4.90 33.02 6.19
N ASP A 526 5.82 32.27 6.80
CA ASP A 526 5.70 30.81 6.84
C ASP A 526 4.45 30.44 7.62
N VAL A 527 3.91 29.26 7.33
CA VAL A 527 2.75 28.71 8.05
C VAL A 527 3.24 27.74 9.13
N VAL A 528 2.66 27.85 10.33
CA VAL A 528 2.93 26.94 11.42
C VAL A 528 1.61 26.44 11.99
N ILE A 529 1.68 25.33 12.71
CA ILE A 529 0.52 24.75 13.37
C ILE A 529 0.62 25.12 14.85
N VAL A 530 -0.53 25.42 15.48
CA VAL A 530 -0.56 25.78 16.91
C VAL A 530 -1.64 25.00 17.67
N LEU A 531 -1.22 24.30 18.72
CA LEU A 531 -2.11 23.52 19.58
C LEU A 531 -2.27 24.19 20.93
N THR A 532 -3.53 24.36 21.35
CA THR A 532 -3.88 24.99 22.62
C THR A 532 -5.07 24.22 23.19
N GLY A 533 -5.52 24.58 24.39
CA GLY A 533 -6.71 23.97 24.98
C GLY A 533 -7.83 24.96 25.13
N TRP A 534 -8.97 24.49 25.64
CA TRP A 534 -10.16 25.35 25.77
C TRP A 534 -10.26 25.97 27.17
N ARG A 535 -9.45 25.46 28.12
CA ARG A 535 -9.44 25.97 29.50
C ARG A 535 -8.08 25.68 30.18
N PRO A 536 -7.82 26.31 31.35
CA PRO A 536 -6.54 26.06 32.03
C PRO A 536 -6.45 24.65 32.62
N GLY A 537 -5.22 24.22 32.94
CA GLY A 537 -4.98 22.90 33.52
C GLY A 537 -4.66 21.86 32.45
N SER A 538 -4.08 20.73 32.86
CA SER A 538 -3.69 19.64 31.95
C SER A 538 -4.90 18.84 31.47
N GLY A 539 -4.80 18.33 30.24
CA GLY A 539 -5.78 17.39 29.70
C GLY A 539 -6.90 17.98 28.83
N PHE A 540 -6.77 19.25 28.44
CA PHE A 540 -7.84 19.94 27.68
C PHE A 540 -7.38 20.46 26.31
N THR A 541 -6.26 19.93 25.80
CA THR A 541 -5.80 20.32 24.48
C THR A 541 -6.82 19.81 23.47
N ASN A 542 -7.37 20.74 22.70
CA ASN A 542 -8.43 20.41 21.74
C ASN A 542 -8.54 21.37 20.56
N THR A 543 -7.58 22.29 20.43
CA THR A 543 -7.67 23.34 19.45
C THR A 543 -6.41 23.35 18.60
N MET A 544 -6.59 23.17 17.30
CA MET A 544 -5.51 23.17 16.35
C MET A 544 -5.73 24.35 15.38
N ARG A 545 -4.70 25.17 15.21
CA ARG A 545 -4.75 26.30 14.29
C ARG A 545 -3.61 26.25 13.30
N VAL A 546 -3.91 26.67 12.07
CA VAL A 546 -2.91 26.82 11.04
C VAL A 546 -2.71 28.32 10.77
N VAL A 547 -1.59 28.85 11.25
CA VAL A 547 -1.39 30.29 11.28
C VAL A 547 -0.09 30.73 10.61
N PRO A 548 -0.11 31.91 9.97
CA PRO A 548 1.11 32.46 9.41
C PRO A 548 1.98 33.05 10.50
N VAL A 549 3.29 32.96 10.32
CA VAL A 549 4.23 33.56 11.25
C VAL A 549 4.14 35.10 11.13
N PRO A 550 3.96 35.79 12.28
CA PRO A 550 3.94 37.27 12.32
C PRO A 550 5.23 37.92 11.81
N GLN B 33 8.88 -19.98 14.05
CA GLN B 33 9.86 -19.94 15.18
C GLN B 33 11.32 -19.90 14.72
N THR B 34 11.56 -20.06 13.42
CA THR B 34 12.91 -19.90 12.83
C THR B 34 12.90 -18.91 11.68
N GLN B 35 14.08 -18.40 11.34
CA GLN B 35 14.27 -17.56 10.14
C GLN B 35 13.44 -16.27 10.16
N GLN B 36 13.10 -15.78 11.36
CA GLN B 36 12.23 -14.60 11.54
C GLN B 36 10.91 -14.73 10.75
N LEU B 37 10.36 -15.94 10.71
CA LEU B 37 9.16 -16.21 9.93
C LEU B 37 7.92 -15.52 10.52
N HIS B 38 7.91 -15.31 11.85
CA HIS B 38 6.80 -14.60 12.48
C HIS B 38 6.79 -13.14 12.02
N ALA B 39 7.95 -12.50 12.05
CA ALA B 39 8.10 -11.13 11.55
C ALA B 39 7.81 -11.07 10.04
N ALA B 40 8.13 -12.15 9.34
CA ALA B 40 7.90 -12.25 7.88
C ALA B 40 6.42 -12.05 7.51
N MET B 41 5.52 -12.52 8.39
CA MET B 41 4.09 -12.52 8.11
C MET B 41 3.37 -11.23 8.54
N ALA B 42 4.11 -10.23 9.01
CA ALA B 42 3.50 -8.98 9.48
C ALA B 42 2.96 -8.15 8.32
N ASP B 43 1.83 -7.48 8.55
CA ASP B 43 1.15 -6.67 7.53
C ASP B 43 1.77 -5.28 7.33
N THR B 44 2.59 -4.83 8.29
CA THR B 44 3.25 -3.52 8.22
C THR B 44 4.75 -3.68 8.52
N PHE B 45 5.57 -2.71 8.11
CA PHE B 45 6.99 -2.77 8.44
C PHE B 45 7.22 -2.57 9.97
N LEU B 46 6.42 -1.70 10.57
CA LEU B 46 6.47 -1.48 12.03
C LEU B 46 6.21 -2.77 12.80
N GLU B 47 5.13 -3.49 12.46
CA GLU B 47 4.88 -4.78 13.10
C GLU B 47 6.00 -5.80 12.79
N HIS B 48 6.57 -5.73 11.58
CA HIS B 48 7.73 -6.56 11.23
C HIS B 48 8.88 -6.33 12.22
N MET B 49 9.25 -5.06 12.42
CA MET B 49 10.31 -4.67 13.36
C MET B 49 10.01 -5.22 14.75
N CYS B 50 8.77 -5.00 15.20
CA CYS B 50 8.32 -5.40 16.53
C CYS B 50 8.42 -6.90 16.78
N ARG B 51 8.37 -7.70 15.71
CA ARG B 51 8.42 -9.14 15.84
C ARG B 51 9.82 -9.71 15.67
N LEU B 52 10.81 -8.86 15.37
CA LEU B 52 12.18 -9.36 15.21
C LEU B 52 12.62 -10.04 16.51
N ASP B 53 13.16 -11.24 16.38
CA ASP B 53 13.33 -12.15 17.50
C ASP B 53 14.74 -12.73 17.55
N ILE B 54 15.52 -12.31 18.56
CA ILE B 54 16.88 -12.82 18.75
C ILE B 54 16.93 -14.33 19.08
N ASP B 55 15.79 -14.91 19.42
CA ASP B 55 15.68 -16.35 19.70
C ASP B 55 15.06 -17.14 18.53
N SER B 56 14.87 -16.47 17.38
CA SER B 56 14.43 -17.12 16.15
C SER B 56 15.68 -17.37 15.29
N PRO B 57 16.22 -18.62 15.32
CA PRO B 57 17.50 -18.92 14.66
C PRO B 57 17.43 -18.91 13.13
N PRO B 58 18.48 -18.39 12.46
CA PRO B 58 18.48 -18.37 11.00
C PRO B 58 18.76 -19.74 10.39
N ILE B 59 18.32 -19.93 9.15
CA ILE B 59 18.70 -21.11 8.34
C ILE B 59 20.21 -21.16 8.15
N THR B 60 20.70 -22.22 7.53
CA THR B 60 22.15 -22.37 7.31
C THR B 60 22.69 -21.39 6.27
N ALA B 61 21.91 -21.16 5.21
CA ALA B 61 22.35 -20.35 4.09
C ALA B 61 22.65 -18.88 4.48
N ARG B 62 23.74 -18.36 3.91
CA ARG B 62 24.06 -16.97 4.02
C ARG B 62 24.28 -16.47 2.58
N ASN B 63 23.40 -15.56 2.15
CA ASN B 63 23.26 -15.07 0.76
C ASN B 63 24.24 -13.97 0.32
N THR B 64 24.72 -13.18 1.26
CA THR B 64 25.50 -11.98 0.96
C THR B 64 26.95 -12.35 0.77
N GLY B 65 27.51 -11.99 -0.38
CA GLY B 65 28.90 -12.31 -0.68
C GLY B 65 29.84 -11.52 0.21
N ILE B 66 30.91 -12.18 0.66
CA ILE B 66 31.90 -11.57 1.52
C ILE B 66 33.21 -11.46 0.75
N ILE B 67 33.65 -10.22 0.59
CA ILE B 67 34.85 -9.89 -0.16
C ILE B 67 35.95 -9.54 0.83
N CYS B 68 37.05 -10.27 0.79
CA CYS B 68 38.15 -10.05 1.75
C CYS B 68 39.39 -9.55 1.03
N THR B 69 39.94 -8.45 1.53
CA THR B 69 41.20 -7.94 1.02
C THR B 69 42.34 -8.78 1.59
N ILE B 70 43.21 -9.23 0.70
CA ILE B 70 44.30 -10.11 1.08
C ILE B 70 45.59 -9.29 1.24
N GLY B 71 46.38 -9.67 2.25
CA GLY B 71 47.58 -8.93 2.61
C GLY B 71 48.41 -9.78 3.56
N PRO B 72 49.38 -9.16 4.26
CA PRO B 72 50.29 -9.93 5.13
C PRO B 72 49.60 -10.89 6.09
N ALA B 73 48.45 -10.49 6.63
CA ALA B 73 47.75 -11.25 7.66
C ALA B 73 46.99 -12.48 7.14
N SER B 74 46.69 -12.52 5.84
CA SER B 74 45.79 -13.54 5.26
C SER B 74 46.28 -14.17 3.93
N ARG B 75 47.56 -13.97 3.63
CA ARG B 75 48.14 -14.28 2.31
C ARG B 75 48.66 -15.71 2.16
N SER B 76 48.98 -16.35 3.28
CA SER B 76 49.51 -17.72 3.27
C SER B 76 48.44 -18.73 2.84
N VAL B 77 48.90 -19.84 2.28
CA VAL B 77 48.00 -20.91 1.87
C VAL B 77 47.16 -21.44 3.03
N GLU B 78 47.80 -21.66 4.18
CA GLU B 78 47.12 -22.22 5.35
C GLU B 78 46.05 -21.27 5.92
N THR B 79 46.36 -19.97 5.96
CA THR B 79 45.38 -18.99 6.43
C THR B 79 44.26 -18.84 5.40
N LEU B 80 44.61 -18.88 4.12
CA LEU B 80 43.62 -18.79 3.05
C LEU B 80 42.59 -19.93 3.11
N LYS B 81 43.04 -21.15 3.44
CA LYS B 81 42.08 -22.25 3.63
C LYS B 81 41.06 -21.93 4.72
N GLU B 82 41.53 -21.39 5.84
CA GLU B 82 40.66 -21.02 6.96
C GLU B 82 39.73 -19.84 6.61
N MET B 83 40.24 -18.91 5.81
CA MET B 83 39.44 -17.79 5.30
C MET B 83 38.25 -18.29 4.47
N ILE B 84 38.50 -19.31 3.63
CA ILE B 84 37.44 -19.93 2.83
C ILE B 84 36.42 -20.64 3.72
N LYS B 85 36.92 -21.40 4.70
CA LYS B 85 36.06 -22.10 5.66
C LYS B 85 35.26 -21.11 6.52
N SER B 86 35.83 -19.92 6.76
CA SER B 86 35.17 -18.89 7.55
C SER B 86 34.10 -18.11 6.75
N GLY B 87 34.16 -18.18 5.42
CA GLY B 87 33.12 -17.60 4.55
C GLY B 87 33.58 -16.64 3.46
N MET B 88 34.88 -16.50 3.24
CA MET B 88 35.35 -15.66 2.13
C MET B 88 34.86 -16.20 0.78
N ASN B 89 34.20 -15.35 0.00
CA ASN B 89 33.79 -15.70 -1.37
C ASN B 89 34.63 -15.03 -2.46
N VAL B 90 35.18 -13.85 -2.17
CA VAL B 90 36.01 -13.14 -3.13
C VAL B 90 37.30 -12.66 -2.47
N ALA B 91 38.43 -13.03 -3.07
CA ALA B 91 39.73 -12.52 -2.64
C ALA B 91 40.05 -11.24 -3.40
N ARG B 92 40.20 -10.13 -2.66
CA ARG B 92 40.49 -8.82 -3.25
C ARG B 92 41.99 -8.49 -3.15
N LEU B 93 42.60 -8.19 -4.31
CA LEU B 93 43.99 -7.73 -4.40
C LEU B 93 44.01 -6.22 -4.57
N ASN B 94 44.54 -5.50 -3.59
CA ASN B 94 44.66 -4.05 -3.68
C ASN B 94 45.95 -3.67 -4.37
N PHE B 95 45.85 -3.21 -5.62
CA PHE B 95 47.05 -2.87 -6.40
C PHE B 95 47.61 -1.46 -6.13
N SER B 96 47.09 -0.78 -5.11
CA SER B 96 47.70 0.48 -4.66
C SER B 96 49.17 0.28 -4.24
N HIS B 97 49.48 -0.91 -3.75
CA HIS B 97 50.84 -1.28 -3.37
C HIS B 97 51.13 -2.69 -3.83
N GLY B 98 52.40 -3.08 -3.75
CA GLY B 98 52.81 -4.44 -4.07
C GLY B 98 53.17 -4.63 -5.54
N THR B 99 54.16 -5.48 -5.78
CA THR B 99 54.64 -5.76 -7.13
C THR B 99 53.74 -6.78 -7.85
N HIS B 100 53.90 -6.90 -9.17
CA HIS B 100 53.20 -7.96 -9.93
C HIS B 100 53.66 -9.34 -9.44
N GLU B 101 54.94 -9.44 -9.11
CA GLU B 101 55.50 -10.67 -8.59
C GLU B 101 54.78 -11.03 -7.28
N TYR B 102 54.61 -10.03 -6.42
CA TYR B 102 53.89 -10.17 -5.15
C TYR B 102 52.45 -10.65 -5.37
N HIS B 103 51.69 -9.91 -6.17
CA HIS B 103 50.27 -10.22 -6.40
C HIS B 103 50.08 -11.55 -7.14
N ALA B 104 50.99 -11.88 -8.05
CA ALA B 104 51.00 -13.18 -8.73
C ALA B 104 51.06 -14.31 -7.71
N GLU B 105 51.89 -14.14 -6.70
CA GLU B 105 52.05 -15.14 -5.64
C GLU B 105 50.81 -15.22 -4.76
N THR B 106 50.22 -14.07 -4.44
CA THR B 106 48.96 -14.08 -3.70
C THR B 106 47.91 -14.91 -4.44
N ILE B 107 47.76 -14.63 -5.74
CA ILE B 107 46.77 -15.32 -6.59
C ILE B 107 47.03 -16.82 -6.62
N LYS B 108 48.30 -17.19 -6.77
CA LYS B 108 48.68 -18.59 -6.73
C LYS B 108 48.25 -19.22 -5.40
N ASN B 109 48.48 -18.52 -4.29
CA ASN B 109 48.12 -19.06 -2.98
C ASN B 109 46.60 -19.19 -2.81
N VAL B 110 45.85 -18.18 -3.25
CA VAL B 110 44.39 -18.25 -3.27
C VAL B 110 43.91 -19.51 -4.01
N ARG B 111 44.51 -19.77 -5.17
CA ARG B 111 44.10 -20.90 -5.99
C ARG B 111 44.48 -22.24 -5.36
N THR B 112 45.66 -22.34 -4.78
CA THR B 112 46.08 -23.53 -4.03
C THR B 112 45.11 -23.84 -2.90
N ALA B 113 44.81 -22.82 -2.10
CA ALA B 113 43.82 -22.97 -1.00
C ALA B 113 42.45 -23.38 -1.52
N THR B 114 41.95 -22.68 -2.54
CA THR B 114 40.63 -22.96 -3.09
C THR B 114 40.55 -24.40 -3.65
N GLU B 115 41.55 -24.79 -4.43
CA GLU B 115 41.55 -26.13 -5.05
C GLU B 115 41.86 -27.27 -4.08
N SER B 116 42.33 -26.96 -2.88
CA SER B 116 42.52 -28.02 -1.85
C SER B 116 41.20 -28.65 -1.42
N PHE B 117 40.08 -27.99 -1.75
CA PHE B 117 38.73 -28.51 -1.46
C PHE B 117 38.07 -29.13 -2.70
N ALA B 118 38.77 -29.11 -3.83
CA ALA B 118 38.19 -29.52 -5.11
C ALA B 118 37.88 -31.01 -5.23
N SER B 119 38.48 -31.85 -4.38
CA SER B 119 38.28 -33.31 -4.48
C SER B 119 36.79 -33.65 -4.36
N ASP B 120 36.13 -33.10 -3.34
CA ASP B 120 34.68 -33.25 -3.15
C ASP B 120 33.94 -32.09 -3.86
N PRO B 121 33.39 -32.33 -5.07
CA PRO B 121 32.75 -31.23 -5.80
C PRO B 121 31.39 -30.82 -5.21
N ILE B 122 30.80 -31.70 -4.39
CA ILE B 122 29.53 -31.38 -3.72
C ILE B 122 29.74 -30.29 -2.64
N LEU B 123 30.91 -30.29 -2.00
CA LEU B 123 31.24 -29.32 -0.95
C LEU B 123 32.19 -28.19 -1.40
N TYR B 124 32.76 -28.33 -2.60
CA TYR B 124 33.66 -27.32 -3.13
C TYR B 124 32.96 -25.97 -3.24
N ARG B 125 33.63 -24.92 -2.74
CA ARG B 125 33.14 -23.56 -2.87
C ARG B 125 34.04 -22.77 -3.83
N PRO B 126 33.48 -22.27 -4.95
CA PRO B 126 34.23 -21.38 -5.82
C PRO B 126 34.68 -20.13 -5.05
N VAL B 127 35.85 -19.61 -5.40
CA VAL B 127 36.38 -18.38 -4.79
C VAL B 127 36.88 -17.48 -5.89
N ALA B 128 36.36 -16.26 -5.94
CA ALA B 128 36.68 -15.32 -7.02
C ALA B 128 37.91 -14.48 -6.71
N VAL B 129 38.56 -14.00 -7.76
CA VAL B 129 39.71 -13.13 -7.64
C VAL B 129 39.39 -11.76 -8.23
N ALA B 130 39.57 -10.73 -7.41
CA ALA B 130 39.27 -9.36 -7.79
C ALA B 130 40.52 -8.47 -7.75
N LEU B 131 40.74 -7.73 -8.83
CA LEU B 131 41.84 -6.78 -8.94
C LEU B 131 41.28 -5.38 -8.72
N ASP B 132 41.75 -4.73 -7.65
CA ASP B 132 41.31 -3.38 -7.29
C ASP B 132 42.44 -2.42 -7.67
N THR B 133 42.14 -1.49 -8.57
CA THR B 133 43.20 -0.69 -9.19
C THR B 133 43.68 0.44 -8.28
N LYS B 134 44.94 0.84 -8.44
CA LYS B 134 45.46 2.01 -7.74
C LYS B 134 44.65 3.23 -8.17
N GLY B 135 44.51 3.39 -9.48
CA GLY B 135 43.68 4.44 -10.05
C GLY B 135 44.40 5.76 -10.15
N PRO B 136 43.73 6.78 -10.73
CA PRO B 136 44.26 8.15 -10.78
C PRO B 136 44.35 8.78 -9.41
N GLU B 137 45.49 9.39 -9.12
CA GLU B 137 45.76 10.01 -7.82
C GLU B 137 46.39 11.38 -8.00
N ILE B 138 46.20 12.23 -6.98
CA ILE B 138 46.94 13.48 -6.85
C ILE B 138 47.85 13.32 -5.63
N ARG B 139 49.16 13.50 -5.84
CA ARG B 139 50.16 13.33 -4.78
C ARG B 139 50.98 14.59 -4.56
N THR B 140 51.34 14.86 -3.30
CA THR B 140 52.25 15.96 -2.97
C THR B 140 53.69 15.50 -3.17
N GLY B 141 54.64 16.42 -3.05
CA GLY B 141 56.07 16.12 -3.23
C GLY B 141 56.76 15.72 -1.96
N LEU B 142 58.09 15.58 -2.02
CA LEU B 142 58.90 15.23 -0.85
C LEU B 142 59.19 16.46 0.02
N ILE B 143 59.08 16.30 1.34
CA ILE B 143 59.40 17.38 2.26
C ILE B 143 60.92 17.52 2.41
N LYS B 144 61.44 18.72 2.17
CA LYS B 144 62.87 19.03 2.33
C LYS B 144 63.77 18.06 1.55
N GLU B 150 58.75 16.03 8.19
CA GLU B 150 57.42 16.61 8.18
C GLU B 150 57.43 18.09 8.53
N VAL B 151 56.27 18.74 8.36
CA VAL B 151 56.10 20.16 8.69
C VAL B 151 54.69 20.38 9.29
N GLU B 152 54.60 21.26 10.28
CA GLU B 152 53.34 21.51 10.97
C GLU B 152 52.48 22.53 10.21
N ALA B 157 47.00 30.42 8.70
CA ALA B 157 48.34 30.45 8.08
C ALA B 157 48.25 30.28 6.56
N THR B 158 49.09 31.01 5.83
CA THR B 158 49.13 30.93 4.37
C THR B 158 49.93 29.71 3.91
N LEU B 159 49.54 29.13 2.77
CA LEU B 159 50.27 28.01 2.16
C LEU B 159 50.06 28.04 0.65
N LYS B 160 51.17 28.15 -0.09
CA LYS B 160 51.11 28.24 -1.55
C LYS B 160 51.29 26.87 -2.20
N ILE B 161 50.37 26.52 -3.11
CA ILE B 161 50.49 25.30 -3.91
C ILE B 161 51.19 25.64 -5.23
N THR B 162 52.27 24.93 -5.54
CA THR B 162 53.05 25.18 -6.75
C THR B 162 53.10 23.94 -7.64
N LEU B 163 52.95 24.15 -8.94
CA LEU B 163 53.12 23.08 -9.93
C LEU B 163 54.55 23.13 -10.52
N ASP B 164 55.34 24.10 -10.04
CA ASP B 164 56.73 24.27 -10.46
C ASP B 164 57.61 23.11 -9.97
N ASN B 165 58.06 22.28 -10.91
CA ASN B 165 58.88 21.09 -10.58
C ASN B 165 60.18 21.41 -9.82
N ALA B 166 60.51 22.70 -9.69
CA ALA B 166 61.59 23.14 -8.81
C ALA B 166 61.26 22.82 -7.34
N TYR B 167 59.98 22.96 -6.97
CA TYR B 167 59.53 22.66 -5.61
C TYR B 167 59.22 21.16 -5.37
N MET B 168 59.51 20.33 -6.37
CA MET B 168 59.16 18.90 -6.37
C MET B 168 59.72 18.12 -5.17
N GLU B 169 60.94 18.47 -4.72
CA GLU B 169 61.57 17.81 -3.57
C GLU B 169 61.91 18.80 -2.45
N LYS B 170 61.26 19.97 -2.46
CA LYS B 170 61.49 21.01 -1.46
C LYS B 170 60.16 21.52 -0.87
N CYS B 171 59.27 20.58 -0.53
CA CYS B 171 57.97 20.92 0.08
C CYS B 171 58.15 21.34 1.54
N ASP B 172 57.44 22.38 1.96
CA ASP B 172 57.50 22.88 3.34
C ASP B 172 56.24 23.68 3.73
N GLU B 173 56.28 24.36 4.88
CA GLU B 173 55.14 25.12 5.40
C GLU B 173 54.73 26.31 4.52
N ASN B 174 55.68 26.85 3.76
CA ASN B 174 55.41 28.00 2.88
C ASN B 174 54.97 27.58 1.47
N ILE B 175 55.56 26.49 0.96
CA ILE B 175 55.32 26.01 -0.41
C ILE B 175 55.07 24.50 -0.46
N LEU B 176 53.98 24.09 -1.13
CA LEU B 176 53.64 22.67 -1.35
C LEU B 176 53.47 22.36 -2.83
N TRP B 177 54.25 21.41 -3.33
CA TRP B 177 54.17 21.00 -4.74
C TRP B 177 53.20 19.83 -4.92
N LEU B 178 52.42 19.87 -6.02
CA LEU B 178 51.50 18.79 -6.41
C LEU B 178 51.82 18.29 -7.81
N ASP B 179 51.44 17.05 -8.11
CA ASP B 179 51.73 16.44 -9.43
C ASP B 179 50.54 16.54 -10.41
N TYR B 180 49.46 17.20 -10.01
CA TYR B 180 48.29 17.39 -10.87
C TYR B 180 48.33 18.76 -11.57
N LYS B 181 48.82 18.74 -12.82
CA LYS B 181 49.10 19.98 -13.58
C LYS B 181 47.87 20.84 -13.86
N ASN B 182 46.70 20.18 -14.03
CA ASN B 182 45.46 20.89 -14.35
C ASN B 182 44.68 21.42 -13.16
N ILE B 183 45.24 21.28 -11.96
CA ILE B 183 44.51 21.63 -10.71
C ILE B 183 43.87 23.02 -10.73
N CYS B 184 44.53 23.97 -11.40
CA CYS B 184 44.01 25.35 -11.48
C CYS B 184 42.75 25.48 -12.34
N LYS B 185 42.64 24.61 -13.35
CA LYS B 185 41.44 24.57 -14.20
C LYS B 185 40.22 24.00 -13.47
N VAL B 186 40.45 23.11 -12.50
CA VAL B 186 39.37 22.39 -11.80
C VAL B 186 38.90 23.06 -10.49
N VAL B 187 39.72 23.95 -9.94
CA VAL B 187 39.40 24.63 -8.67
C VAL B 187 39.11 26.12 -8.88
N GLU B 188 38.52 26.74 -7.87
CA GLU B 188 38.20 28.17 -7.86
C GLU B 188 38.43 28.74 -6.46
N VAL B 189 38.47 30.08 -6.35
CA VAL B 189 38.65 30.74 -5.05
C VAL B 189 37.54 30.33 -4.10
N GLY B 190 37.90 29.74 -2.97
CA GLY B 190 36.93 29.22 -1.99
C GLY B 190 36.86 27.70 -1.96
N SER B 191 37.21 27.07 -3.08
CA SER B 191 37.20 25.59 -3.19
C SER B 191 38.15 24.95 -2.16
N LYS B 192 37.68 23.89 -1.51
CA LYS B 192 38.46 23.21 -0.46
C LYS B 192 39.43 22.19 -1.04
N ILE B 193 40.53 21.95 -0.32
CA ILE B 193 41.53 20.95 -0.71
C ILE B 193 41.98 20.15 0.51
N TYR B 194 41.76 18.83 0.47
CA TYR B 194 42.19 17.94 1.54
C TYR B 194 43.50 17.27 1.17
N VAL B 195 44.37 17.08 2.17
CA VAL B 195 45.69 16.45 1.98
C VAL B 195 45.91 15.36 3.02
N ASP B 196 46.48 14.23 2.58
CA ASP B 196 46.70 13.06 3.44
C ASP B 196 45.40 12.50 4.03
N ASP B 197 44.71 11.67 3.24
CA ASP B 197 43.45 11.02 3.65
C ASP B 197 42.53 11.94 4.48
N GLY B 198 42.38 13.18 4.03
CA GLY B 198 41.48 14.14 4.67
C GLY B 198 41.96 14.72 5.99
N LEU B 199 43.16 14.33 6.43
CA LEU B 199 43.72 14.76 7.73
C LEU B 199 43.92 16.28 7.74
N ILE B 200 44.55 16.79 6.69
CA ILE B 200 44.81 18.22 6.55
C ILE B 200 43.83 18.85 5.56
N SER B 201 43.39 20.07 5.88
CA SER B 201 42.36 20.78 5.10
C SER B 201 42.84 22.21 4.79
N LEU B 202 42.62 22.64 3.55
CA LEU B 202 43.01 23.98 3.09
C LEU B 202 41.87 24.64 2.33
N GLN B 203 41.83 25.97 2.34
CA GLN B 203 40.88 26.76 1.57
C GLN B 203 41.62 27.69 0.61
N VAL B 204 41.33 27.56 -0.69
CA VAL B 204 42.00 28.37 -1.73
C VAL B 204 41.54 29.83 -1.67
N ASP B 210 49.53 29.21 -12.82
CA ASP B 210 50.04 27.90 -12.44
C ASP B 210 50.41 27.82 -10.95
N PHE B 211 49.67 28.54 -10.12
CA PHE B 211 49.92 28.59 -8.66
C PHE B 211 48.59 28.77 -7.90
N LEU B 212 48.59 28.37 -6.63
CA LEU B 212 47.42 28.56 -5.75
C LEU B 212 47.87 29.05 -4.37
N VAL B 213 47.18 30.06 -3.84
CA VAL B 213 47.45 30.58 -2.49
C VAL B 213 46.30 30.16 -1.58
N THR B 214 46.62 29.39 -0.53
CA THR B 214 45.59 28.78 0.32
C THR B 214 45.79 29.10 1.81
N GLU B 215 44.69 29.00 2.57
CA GLU B 215 44.70 29.19 4.01
C GLU B 215 44.37 27.88 4.71
N VAL B 216 45.23 27.46 5.63
CA VAL B 216 45.05 26.19 6.35
C VAL B 216 43.80 26.23 7.23
N GLU B 217 42.80 25.40 6.91
CA GLU B 217 41.58 25.29 7.71
C GLU B 217 41.77 24.33 8.89
N ASN B 218 42.37 23.17 8.62
CA ASN B 218 42.68 22.19 9.66
C ASN B 218 44.12 21.72 9.56
N GLY B 219 44.95 22.13 10.51
CA GLY B 219 46.38 21.86 10.48
C GLY B 219 46.76 20.45 10.91
N GLY B 220 48.04 20.12 10.74
CA GLY B 220 48.58 18.81 11.13
C GLY B 220 49.99 18.61 10.63
N SER B 221 50.52 17.40 10.81
CA SER B 221 51.83 17.05 10.30
C SER B 221 51.74 16.75 8.81
N LEU B 222 52.38 17.58 7.98
CA LEU B 222 52.39 17.38 6.52
C LEU B 222 53.61 16.56 6.09
N GLY B 223 53.37 15.32 5.67
CA GLY B 223 54.43 14.43 5.23
C GLY B 223 54.70 14.49 3.72
N SER B 224 55.43 13.48 3.23
CA SER B 224 55.84 13.42 1.83
C SER B 224 54.93 12.50 1.01
N LYS B 225 54.70 12.87 -0.25
CA LYS B 225 53.95 12.02 -1.19
C LYS B 225 52.57 11.63 -0.64
N LYS B 226 51.81 12.61 -0.17
CA LYS B 226 50.50 12.35 0.42
C LYS B 226 49.38 12.51 -0.61
N GLY B 227 48.30 11.75 -0.41
CA GLY B 227 47.13 11.81 -1.30
C GLY B 227 46.33 13.08 -1.11
N VAL B 228 45.80 13.61 -2.20
CA VAL B 228 45.04 14.86 -2.19
C VAL B 228 43.63 14.66 -2.74
N ASN B 229 42.64 15.28 -2.10
CA ASN B 229 41.26 15.24 -2.58
C ASN B 229 40.71 16.65 -2.82
N LEU B 230 39.91 16.79 -3.87
CA LEU B 230 39.33 18.06 -4.29
C LEU B 230 37.80 17.97 -4.29
N PRO B 231 37.17 18.19 -3.12
CA PRO B 231 35.71 18.15 -2.98
C PRO B 231 34.96 19.01 -3.99
N GLY B 232 34.01 18.40 -4.70
CA GLY B 232 33.19 19.12 -5.68
C GLY B 232 33.86 19.35 -7.03
N ALA B 233 35.18 19.13 -7.13
CA ALA B 233 35.92 19.42 -8.35
C ALA B 233 35.79 18.31 -9.41
N ALA B 234 35.74 18.72 -10.69
CA ALA B 234 35.72 17.79 -11.81
C ALA B 234 37.15 17.42 -12.19
N VAL B 235 37.75 16.49 -11.45
CA VAL B 235 39.12 16.04 -11.71
C VAL B 235 39.17 15.38 -13.09
N ASP B 236 40.04 15.88 -13.96
CA ASP B 236 40.13 15.40 -15.35
C ASP B 236 41.32 14.47 -15.59
N LEU B 237 41.86 13.89 -14.53
CA LEU B 237 42.89 12.88 -14.67
C LEU B 237 42.34 11.74 -15.54
N PRO B 238 43.23 11.07 -16.32
CA PRO B 238 42.79 9.95 -17.14
C PRO B 238 41.98 8.91 -16.35
N ALA B 239 40.99 8.31 -17.01
CA ALA B 239 40.21 7.22 -16.43
C ALA B 239 41.11 6.12 -15.87
N VAL B 240 42.23 5.90 -16.56
CA VAL B 240 43.16 4.82 -16.26
C VAL B 240 44.61 5.34 -16.32
N SER B 241 45.32 5.26 -15.20
CA SER B 241 46.74 5.69 -15.14
C SER B 241 47.65 4.72 -15.92
N GLU B 242 48.91 5.12 -16.10
CA GLU B 242 49.88 4.26 -16.81
C GLU B 242 50.14 2.96 -16.04
N LYS B 243 50.21 3.06 -14.71
CA LYS B 243 50.31 1.87 -13.86
C LYS B 243 49.06 0.98 -14.00
N ASP B 244 47.88 1.59 -13.98
CA ASP B 244 46.62 0.86 -14.16
C ASP B 244 46.65 0.02 -15.44
N ILE B 245 47.12 0.62 -16.53
CA ILE B 245 47.18 -0.07 -17.84
C ILE B 245 48.00 -1.36 -17.74
N GLN B 246 49.17 -1.27 -17.11
CA GLN B 246 50.03 -2.45 -16.91
C GLN B 246 49.36 -3.46 -15.96
N ASP B 247 48.74 -2.95 -14.91
CA ASP B 247 48.08 -3.81 -13.91
C ASP B 247 46.87 -4.57 -14.48
N LEU B 248 46.09 -3.90 -15.32
CA LEU B 248 44.93 -4.51 -15.96
C LEU B 248 45.34 -5.58 -16.99
N LYS B 249 46.45 -5.33 -17.70
CA LYS B 249 47.02 -6.36 -18.58
C LYS B 249 47.41 -7.57 -17.75
N PHE B 250 48.06 -7.32 -16.61
CA PHE B 250 48.45 -8.37 -15.68
C PHE B 250 47.20 -9.14 -15.23
N GLY B 251 46.13 -8.41 -14.91
CA GLY B 251 44.85 -9.01 -14.52
C GLY B 251 44.33 -10.03 -15.55
N VAL B 252 44.33 -9.63 -16.82
CA VAL B 252 43.89 -10.52 -17.89
C VAL B 252 44.78 -11.76 -17.97
N GLU B 253 46.10 -11.55 -17.93
CA GLU B 253 47.06 -12.67 -17.94
C GLU B 253 46.82 -13.62 -16.78
N GLN B 254 46.47 -13.06 -15.62
CA GLN B 254 46.27 -13.88 -14.41
C GLN B 254 44.86 -14.46 -14.30
N ASP B 255 44.00 -14.17 -15.28
CA ASP B 255 42.64 -14.74 -15.34
C ASP B 255 41.79 -14.30 -14.14
N VAL B 256 41.88 -13.01 -13.79
CA VAL B 256 41.07 -12.49 -12.67
C VAL B 256 39.60 -12.45 -13.09
N ASP B 257 38.72 -12.48 -12.10
CA ASP B 257 37.29 -12.63 -12.34
C ASP B 257 36.61 -11.29 -12.53
N MET B 258 37.19 -10.26 -11.93
CA MET B 258 36.55 -8.96 -11.88
C MET B 258 37.57 -7.87 -11.53
N VAL B 259 37.29 -6.65 -11.98
CA VAL B 259 38.13 -5.49 -11.68
C VAL B 259 37.30 -4.47 -10.88
N PHE B 260 37.86 -4.00 -9.77
CA PHE B 260 37.27 -2.90 -9.02
C PHE B 260 38.02 -1.65 -9.46
N ALA B 261 37.40 -0.89 -10.34
CA ALA B 261 38.05 0.24 -10.98
C ALA B 261 37.89 1.48 -10.12
N SER B 262 39.02 2.02 -9.67
CA SER B 262 39.02 3.15 -8.73
C SER B 262 38.61 4.45 -9.39
N PHE B 263 37.94 5.29 -8.60
CA PHE B 263 37.76 6.70 -8.91
C PHE B 263 37.04 6.93 -10.24
N ILE B 264 35.95 6.17 -10.44
CA ILE B 264 35.12 6.32 -11.64
C ILE B 264 34.19 7.52 -11.46
N ARG B 265 34.31 8.48 -12.37
CA ARG B 265 33.60 9.76 -12.31
C ARG B 265 32.51 9.92 -13.36
N LYS B 266 32.56 9.09 -14.40
CA LYS B 266 31.65 9.24 -15.55
C LYS B 266 31.64 7.98 -16.39
N ALA B 267 30.63 7.86 -17.23
CA ALA B 267 30.45 6.69 -18.06
C ALA B 267 31.70 6.40 -18.91
N SER B 268 32.33 7.46 -19.44
CA SER B 268 33.47 7.28 -20.36
C SER B 268 34.65 6.65 -19.64
N ASP B 269 34.78 6.87 -18.32
CA ASP B 269 35.83 6.20 -17.54
C ASP B 269 35.67 4.69 -17.58
N VAL B 270 34.43 4.22 -17.46
CA VAL B 270 34.13 2.79 -17.53
C VAL B 270 34.53 2.22 -18.91
N HIS B 271 34.13 2.92 -19.98
CA HIS B 271 34.43 2.48 -21.34
C HIS B 271 35.93 2.34 -21.58
N GLU B 272 36.71 3.26 -21.04
CA GLU B 272 38.16 3.21 -21.15
C GLU B 272 38.74 2.01 -20.45
N VAL B 273 38.27 1.72 -19.23
CA VAL B 273 38.65 0.48 -18.54
C VAL B 273 38.25 -0.76 -19.35
N ARG B 274 37.02 -0.75 -19.85
CA ARG B 274 36.51 -1.83 -20.71
C ARG B 274 37.42 -2.00 -21.94
N LYS B 275 37.80 -0.87 -22.54
CA LYS B 275 38.67 -0.88 -23.73
C LYS B 275 40.07 -1.44 -23.41
N VAL B 276 40.64 -1.06 -22.26
CA VAL B 276 41.96 -1.57 -21.87
C VAL B 276 41.93 -3.08 -21.63
N LEU B 277 40.85 -3.57 -21.00
CA LEU B 277 40.68 -5.02 -20.78
C LEU B 277 40.48 -5.79 -22.12
N GLY B 278 39.81 -5.15 -23.07
CA GLY B 278 39.76 -5.64 -24.46
C GLY B 278 39.02 -6.96 -24.64
N GLU B 279 39.18 -7.55 -25.83
CA GLU B 279 38.53 -8.82 -26.18
C GLU B 279 39.02 -9.95 -25.30
N LYS B 280 40.33 -9.96 -24.98
CA LYS B 280 40.87 -11.01 -24.12
C LYS B 280 40.22 -10.94 -22.72
N GLY B 281 39.90 -9.73 -22.27
CA GLY B 281 39.26 -9.53 -20.95
C GLY B 281 37.78 -9.20 -21.00
N LYS B 282 37.13 -9.52 -22.12
CA LYS B 282 35.71 -9.16 -22.32
C LYS B 282 34.78 -9.75 -21.26
N ASN B 283 35.15 -10.90 -20.71
CA ASN B 283 34.31 -11.58 -19.69
C ASN B 283 34.66 -11.20 -18.25
N ILE B 284 35.65 -10.33 -18.07
CA ILE B 284 36.02 -9.83 -16.74
C ILE B 284 35.01 -8.75 -16.36
N LYS B 285 34.38 -8.91 -15.18
CA LYS B 285 33.37 -7.94 -14.72
C LYS B 285 34.03 -6.66 -14.25
N ILE B 286 33.42 -5.53 -14.60
CA ILE B 286 33.90 -4.23 -14.19
C ILE B 286 32.94 -3.66 -13.14
N ILE B 287 33.46 -3.49 -11.94
CA ILE B 287 32.75 -2.87 -10.83
C ILE B 287 33.31 -1.47 -10.64
N SER B 288 32.49 -0.44 -10.91
CA SER B 288 32.94 0.94 -10.76
C SER B 288 32.89 1.35 -9.30
N LYS B 289 34.01 1.88 -8.82
CA LYS B 289 34.10 2.45 -7.47
C LYS B 289 33.70 3.91 -7.50
N ILE B 290 32.63 4.23 -6.77
CA ILE B 290 32.17 5.61 -6.65
C ILE B 290 32.82 6.25 -5.42
N GLU B 291 33.65 7.25 -5.67
CA GLU B 291 34.55 7.81 -4.64
C GLU B 291 34.42 9.30 -4.43
N ASN B 292 33.63 10.01 -5.23
CA ASN B 292 33.54 11.46 -5.13
C ASN B 292 32.20 12.01 -5.60
N HIS B 293 32.06 13.33 -5.52
CA HIS B 293 30.79 13.97 -5.81
C HIS B 293 30.36 13.74 -7.26
N GLU B 294 31.28 13.88 -8.21
CA GLU B 294 30.92 13.72 -9.62
C GLU B 294 30.38 12.31 -9.90
N GLY B 295 31.07 11.31 -9.35
CA GLY B 295 30.62 9.91 -9.48
C GLY B 295 29.20 9.71 -8.97
N VAL B 296 28.86 10.36 -7.86
CA VAL B 296 27.49 10.29 -7.33
C VAL B 296 26.50 10.98 -8.28
N ARG B 297 26.84 12.20 -8.71
CA ARG B 297 25.97 12.98 -9.61
C ARG B 297 25.67 12.26 -10.92
N ARG B 298 26.70 11.62 -11.46
CA ARG B 298 26.60 10.95 -12.76
C ARG B 298 26.47 9.45 -12.58
N PHE B 299 25.83 9.04 -11.47
CA PHE B 299 25.74 7.63 -11.10
C PHE B 299 24.98 6.79 -12.12
N ASP B 300 23.84 7.29 -12.58
CA ASP B 300 23.00 6.55 -13.54
C ASP B 300 23.78 6.12 -14.80
N GLU B 301 24.56 7.04 -15.38
CA GLU B 301 25.34 6.70 -16.57
C GLU B 301 26.47 5.72 -16.25
N ILE B 302 27.08 5.88 -15.08
CA ILE B 302 28.14 4.95 -14.67
C ILE B 302 27.57 3.54 -14.50
N LEU B 303 26.43 3.44 -13.82
CA LEU B 303 25.77 2.17 -13.58
C LEU B 303 25.44 1.44 -14.88
N GLU B 304 24.84 2.17 -15.82
CA GLU B 304 24.45 1.60 -17.11
C GLU B 304 25.65 0.96 -17.81
N ALA B 305 26.79 1.65 -17.80
CA ALA B 305 28.02 1.17 -18.46
C ALA B 305 28.76 0.06 -17.67
N SER B 306 28.44 -0.07 -16.38
CA SER B 306 29.19 -0.98 -15.49
C SER B 306 28.50 -2.32 -15.33
N ASP B 307 29.26 -3.30 -14.86
CA ASP B 307 28.70 -4.58 -14.45
C ASP B 307 28.18 -4.55 -13.02
N GLY B 308 28.64 -3.58 -12.25
CA GLY B 308 28.29 -3.45 -10.85
C GLY B 308 28.96 -2.23 -10.24
N ILE B 309 28.72 -2.04 -8.93
CA ILE B 309 29.14 -0.80 -8.25
C ILE B 309 29.75 -1.12 -6.90
N MET B 310 30.80 -0.39 -6.52
CA MET B 310 31.26 -0.37 -5.15
C MET B 310 31.06 1.02 -4.55
N VAL B 311 30.41 1.05 -3.39
CA VAL B 311 30.30 2.28 -2.60
C VAL B 311 31.60 2.44 -1.82
N ALA B 312 32.55 3.18 -2.39
CA ALA B 312 33.86 3.37 -1.78
C ALA B 312 33.79 4.45 -0.70
N ARG B 313 33.33 4.07 0.49
CA ARG B 313 32.94 5.05 1.53
C ARG B 313 34.08 5.86 2.13
N GLY B 314 35.30 5.32 2.13
CA GLY B 314 36.45 6.02 2.71
C GLY B 314 36.64 7.36 2.02
N ASP B 315 37.01 7.31 0.73
CA ASP B 315 37.25 8.53 -0.05
C ASP B 315 35.97 9.35 -0.25
N LEU B 316 34.84 8.67 -0.40
CA LEU B 316 33.56 9.37 -0.53
C LEU B 316 33.34 10.33 0.64
N GLY B 317 33.66 9.87 1.86
CA GLY B 317 33.49 10.68 3.07
C GLY B 317 34.51 11.81 3.30
N ILE B 318 35.53 11.87 2.44
CA ILE B 318 36.41 13.04 2.35
C ILE B 318 35.86 14.02 1.30
N GLU B 319 35.44 13.46 0.17
CA GLU B 319 34.97 14.25 -0.98
C GLU B 319 33.62 14.94 -0.76
N ILE B 320 32.76 14.31 0.04
CA ILE B 320 31.52 14.94 0.49
C ILE B 320 31.50 14.91 2.02
N PRO B 321 30.70 15.78 2.65
CA PRO B 321 30.55 15.73 4.11
C PRO B 321 30.24 14.33 4.60
N ALA B 322 30.97 13.90 5.62
CA ALA B 322 30.90 12.54 6.11
C ALA B 322 29.50 12.18 6.59
N GLU B 323 28.76 13.17 7.12
CA GLU B 323 27.37 12.93 7.55
C GLU B 323 26.39 12.59 6.40
N LYS B 324 26.84 12.78 5.15
CA LYS B 324 26.00 12.52 3.97
C LYS B 324 26.28 11.18 3.30
N VAL B 325 27.32 10.48 3.72
CA VAL B 325 27.69 9.21 3.07
C VAL B 325 26.55 8.18 3.09
N PHE B 326 25.81 8.10 4.20
CA PHE B 326 24.74 7.10 4.31
C PHE B 326 23.65 7.35 3.24
N LEU B 327 23.44 8.62 2.89
CA LEU B 327 22.51 9.01 1.81
C LEU B 327 22.99 8.44 0.47
N ALA B 328 24.25 8.67 0.16
CA ALA B 328 24.86 8.15 -1.06
C ALA B 328 24.83 6.61 -1.10
N GLN B 329 25.16 5.98 0.02
CA GLN B 329 25.11 4.51 0.10
C GLN B 329 23.71 3.99 -0.20
N LYS B 330 22.71 4.55 0.48
CA LYS B 330 21.35 4.05 0.33
C LYS B 330 20.80 4.33 -1.08
N MET B 331 21.14 5.49 -1.64
CA MET B 331 20.76 5.82 -3.02
C MET B 331 21.36 4.86 -4.02
N MET B 332 22.67 4.61 -3.90
CA MET B 332 23.33 3.72 -4.84
C MET B 332 22.86 2.28 -4.70
N ILE B 333 22.72 1.78 -3.47
CA ILE B 333 22.20 0.42 -3.28
C ILE B 333 20.78 0.31 -3.86
N GLY B 334 19.94 1.33 -3.62
CA GLY B 334 18.58 1.34 -4.19
C GLY B 334 18.56 1.29 -5.71
N ARG B 335 19.34 2.15 -6.34
CA ARG B 335 19.39 2.19 -7.81
C ARG B 335 19.95 0.88 -8.40
N CYS B 336 20.97 0.32 -7.74
CA CYS B 336 21.52 -0.96 -8.17
C CYS B 336 20.51 -2.09 -8.06
N ASN B 337 19.77 -2.13 -6.95
CA ASN B 337 18.68 -3.12 -6.78
C ASN B 337 17.61 -2.96 -7.86
N ARG B 338 17.24 -1.71 -8.13
CA ARG B 338 16.29 -1.38 -9.19
C ARG B 338 16.77 -1.87 -10.57
N ALA B 339 18.07 -1.75 -10.83
CA ALA B 339 18.66 -2.17 -12.11
C ALA B 339 19.05 -3.65 -12.13
N GLY B 340 19.04 -4.30 -10.96
CA GLY B 340 19.46 -5.67 -10.84
C GLY B 340 20.96 -5.86 -11.08
N LYS B 341 21.76 -4.83 -10.75
CA LYS B 341 23.22 -4.93 -10.87
C LYS B 341 23.84 -4.98 -9.47
N PRO B 342 24.89 -5.79 -9.30
CA PRO B 342 25.51 -6.00 -7.97
C PRO B 342 26.09 -4.73 -7.37
N VAL B 343 25.92 -4.59 -6.06
CA VAL B 343 26.48 -3.45 -5.36
C VAL B 343 27.20 -3.97 -4.09
N ILE B 344 28.39 -3.43 -3.87
CA ILE B 344 29.25 -3.77 -2.74
C ILE B 344 29.30 -2.60 -1.78
N CYS B 345 29.14 -2.87 -0.48
CA CYS B 345 29.37 -1.86 0.55
C CYS B 345 30.76 -2.08 1.10
N ALA B 346 31.53 -1.00 1.20
CA ALA B 346 32.96 -1.10 1.48
C ALA B 346 33.41 -0.07 2.49
N THR B 347 34.44 -0.47 3.26
CA THR B 347 35.30 0.44 4.04
C THR B 347 34.85 0.65 5.51
N GLN B 348 35.71 0.20 6.42
CA GLN B 348 35.58 0.41 7.87
C GLN B 348 34.35 -0.26 8.50
N MET B 349 33.83 -1.29 7.84
CA MET B 349 32.62 -1.97 8.31
C MET B 349 32.86 -2.62 9.68
N LEU B 350 34.04 -3.24 9.85
CA LEU B 350 34.46 -3.85 11.12
C LEU B 350 35.86 -3.35 11.54
N GLU B 351 36.09 -2.05 11.40
CA GLU B 351 37.44 -1.46 11.49
C GLU B 351 38.19 -1.78 12.78
N SER B 352 37.50 -1.72 13.92
CA SER B 352 38.11 -1.99 15.24
C SER B 352 38.67 -3.40 15.39
N MET B 353 38.18 -4.33 14.56
CA MET B 353 38.69 -5.70 14.56
C MET B 353 40.08 -5.86 13.94
N ILE B 354 40.63 -4.79 13.39
CA ILE B 354 42.06 -4.77 13.03
C ILE B 354 42.90 -4.99 14.31
N LYS B 355 42.43 -4.43 15.43
CA LYS B 355 43.15 -4.49 16.71
C LYS B 355 42.49 -5.40 17.76
N LYS B 356 41.18 -5.63 17.65
CA LYS B 356 40.40 -6.32 18.68
C LYS B 356 39.62 -7.50 18.13
N PRO B 357 39.40 -8.53 18.98
CA PRO B 357 38.74 -9.77 18.52
C PRO B 357 37.21 -9.68 18.41
N ARG B 358 36.61 -8.59 18.90
CA ARG B 358 35.17 -8.37 18.76
C ARG B 358 34.96 -6.95 18.20
N PRO B 359 33.90 -6.76 17.40
CA PRO B 359 33.66 -5.44 16.82
C PRO B 359 32.91 -4.50 17.78
N THR B 360 32.88 -3.20 17.48
CA THR B 360 32.03 -2.25 18.20
C THR B 360 30.55 -2.46 17.81
N ARG B 361 29.65 -1.88 18.59
CA ARG B 361 28.22 -2.05 18.31
C ARG B 361 27.80 -1.32 17.03
N ALA B 362 28.47 -0.21 16.73
CA ALA B 362 28.24 0.53 15.51
C ALA B 362 28.63 -0.27 14.28
N GLU B 363 29.70 -1.05 14.40
CA GLU B 363 30.20 -1.90 13.33
C GLU B 363 29.24 -3.08 13.06
N GLY B 364 28.76 -3.70 14.13
CA GLY B 364 27.71 -4.75 14.00
C GLY B 364 26.49 -4.21 13.29
N SER B 365 26.09 -3.01 13.70
CA SER B 365 24.97 -2.32 13.12
C SER B 365 25.18 -2.02 11.62
N ASP B 366 26.37 -1.51 11.29
CA ASP B 366 26.69 -1.13 9.91
C ASP B 366 26.60 -2.31 8.93
N VAL B 367 27.13 -3.46 9.34
CA VAL B 367 27.07 -4.65 8.49
C VAL B 367 25.60 -5.07 8.30
N ALA B 368 24.84 -5.14 9.39
CA ALA B 368 23.44 -5.55 9.27
C ALA B 368 22.65 -4.61 8.39
N ASN B 369 22.88 -3.31 8.55
CA ASN B 369 22.14 -2.32 7.78
C ASN B 369 22.50 -2.27 6.31
N ALA B 370 23.75 -2.61 5.98
CA ALA B 370 24.16 -2.75 4.60
C ALA B 370 23.35 -3.85 3.91
N VAL B 371 23.17 -4.97 4.61
CA VAL B 371 22.37 -6.07 4.11
C VAL B 371 20.90 -5.68 4.00
N LEU B 372 20.36 -5.06 5.05
CA LEU B 372 18.98 -4.61 5.04
C LEU B 372 18.73 -3.56 3.94
N ASP B 373 19.74 -2.73 3.62
CA ASP B 373 19.67 -1.73 2.55
C ASP B 373 19.51 -2.40 1.18
N GLY B 374 20.10 -3.59 1.02
CA GLY B 374 20.08 -4.30 -0.25
C GLY B 374 21.44 -4.66 -0.85
N ALA B 375 22.53 -4.43 -0.11
CA ALA B 375 23.88 -4.68 -0.65
C ALA B 375 24.04 -6.15 -1.02
N ASP B 376 24.52 -6.41 -2.24
CA ASP B 376 24.79 -7.79 -2.68
C ASP B 376 25.99 -8.38 -1.95
N CYS B 377 27.00 -7.54 -1.74
CA CYS B 377 28.23 -7.94 -1.08
C CYS B 377 28.66 -6.93 -0.01
N ILE B 378 29.40 -7.43 0.96
CA ILE B 378 30.00 -6.59 1.99
C ILE B 378 31.50 -6.86 1.93
N MET B 379 32.31 -5.91 2.37
CA MET B 379 33.75 -6.00 2.19
C MET B 379 34.54 -5.77 3.46
N LEU B 380 35.73 -6.37 3.48
CA LEU B 380 36.71 -6.18 4.52
C LEU B 380 38.01 -5.75 3.86
N SER B 381 38.65 -4.73 4.42
CA SER B 381 39.89 -4.21 3.92
C SER B 381 41.02 -4.51 4.92
N GLY B 382 41.48 -3.52 5.69
CA GLY B 382 42.52 -3.74 6.74
C GLY B 382 42.21 -4.87 7.70
N GLU B 383 40.92 -5.10 7.94
CA GLU B 383 40.47 -6.16 8.85
C GLU B 383 40.99 -7.53 8.47
N THR B 384 41.10 -7.82 7.17
CA THR B 384 41.64 -9.11 6.71
C THR B 384 43.02 -9.01 6.07
N ALA B 385 43.38 -7.83 5.58
CA ALA B 385 44.69 -7.63 4.93
C ALA B 385 45.84 -7.64 5.94
N LYS B 386 45.69 -6.83 6.99
CA LYS B 386 46.79 -6.49 7.91
C LYS B 386 46.48 -6.75 9.38
N GLY B 387 45.20 -6.89 9.72
CA GLY B 387 44.79 -6.96 11.12
C GLY B 387 45.19 -8.23 11.85
N ASP B 388 45.00 -8.22 13.17
CA ASP B 388 45.39 -9.32 14.05
C ASP B 388 44.32 -10.42 14.13
N TYR B 389 43.11 -10.13 13.63
CA TYR B 389 42.00 -11.05 13.72
C TYR B 389 41.25 -11.21 12.37
N PRO B 390 41.97 -11.65 11.33
CA PRO B 390 41.34 -11.75 10.00
C PRO B 390 40.17 -12.74 9.97
N LEU B 391 40.39 -13.93 10.54
CA LEU B 391 39.39 -14.97 10.48
C LEU B 391 38.15 -14.57 11.27
N GLU B 392 38.36 -13.96 12.44
CA GLU B 392 37.25 -13.50 13.28
C GLU B 392 36.40 -12.46 12.54
N ALA B 393 37.06 -11.57 11.79
CA ALA B 393 36.36 -10.55 11.02
C ALA B 393 35.48 -11.18 9.94
N VAL B 394 36.00 -12.20 9.25
CA VAL B 394 35.22 -12.89 8.20
C VAL B 394 34.05 -13.62 8.84
N ARG B 395 34.30 -14.30 9.96
CA ARG B 395 33.25 -15.03 10.66
C ARG B 395 32.14 -14.12 11.14
N MET B 396 32.51 -12.91 11.57
CA MET B 396 31.52 -11.96 12.08
C MET B 396 30.64 -11.39 10.94
N GLN B 397 31.23 -11.07 9.79
CA GLN B 397 30.40 -10.65 8.64
C GLN B 397 29.42 -11.75 8.24
N HIS B 398 29.90 -13.00 8.26
CA HIS B 398 29.05 -14.17 7.97
C HIS B 398 27.87 -14.24 8.92
N LEU B 399 28.16 -14.17 10.23
CA LEU B 399 27.12 -14.31 11.25
C LEU B 399 26.10 -13.18 11.16
N ILE B 400 26.59 -11.95 11.00
CA ILE B 400 25.69 -10.79 10.91
C ILE B 400 24.88 -10.86 9.62
N ALA B 401 25.54 -11.16 8.49
CA ALA B 401 24.84 -11.26 7.19
C ALA B 401 23.70 -12.24 7.27
N ARG B 402 23.97 -13.40 7.84
CA ARG B 402 22.97 -14.44 7.91
C ARG B 402 21.75 -14.01 8.74
N GLU B 403 22.00 -13.38 9.89
CA GLU B 403 20.90 -12.87 10.72
C GLU B 403 20.09 -11.81 9.96
N ALA B 404 20.80 -10.89 9.30
CA ALA B 404 20.15 -9.76 8.60
C ALA B 404 19.29 -10.23 7.43
N GLU B 405 19.76 -11.22 6.70
CA GLU B 405 19.00 -11.77 5.57
C GLU B 405 17.67 -12.36 6.01
N ALA B 406 17.67 -13.03 7.15
CA ALA B 406 16.44 -13.56 7.75
C ALA B 406 15.47 -12.43 8.14
N ALA B 407 16.02 -11.28 8.52
CA ALA B 407 15.23 -10.14 9.02
C ALA B 407 14.70 -9.25 7.91
N ILE B 408 14.99 -9.57 6.65
CA ILE B 408 14.47 -8.79 5.54
C ILE B 408 12.94 -8.93 5.48
N TYR B 409 12.27 -7.83 5.15
CA TYR B 409 10.80 -7.81 5.02
C TYR B 409 10.43 -8.12 3.57
N HIS B 410 10.53 -9.40 3.21
CA HIS B 410 10.40 -9.82 1.79
C HIS B 410 9.05 -9.46 1.20
N LEU B 411 8.00 -9.51 2.03
CA LEU B 411 6.62 -9.16 1.61
C LEU B 411 6.60 -7.83 0.86
N GLN B 412 7.07 -6.77 1.50
CA GLN B 412 7.12 -5.47 0.86
C GLN B 412 8.21 -5.38 -0.21
N LEU B 413 9.39 -5.92 0.07
CA LEU B 413 10.50 -5.85 -0.87
C LEU B 413 10.10 -6.45 -2.23
N PHE B 414 9.59 -7.68 -2.21
CA PHE B 414 9.19 -8.35 -3.45
C PHE B 414 8.04 -7.61 -4.13
N GLU B 415 7.06 -7.16 -3.34
CA GLU B 415 5.94 -6.38 -3.90
C GLU B 415 6.44 -5.19 -4.69
N GLU B 416 7.42 -4.46 -4.13
CA GLU B 416 7.95 -3.26 -4.77
C GLU B 416 8.79 -3.58 -6.00
N LEU B 417 9.65 -4.59 -5.89
CA LEU B 417 10.46 -5.01 -7.04
C LEU B 417 9.58 -5.40 -8.26
N ARG B 418 8.47 -6.10 -7.99
CA ARG B 418 7.48 -6.44 -9.03
C ARG B 418 6.87 -5.20 -9.68
N ARG B 419 6.30 -4.32 -8.85
CA ARG B 419 5.68 -3.07 -9.35
C ARG B 419 6.60 -2.27 -10.24
N LEU B 420 7.87 -2.22 -9.86
CA LEU B 420 8.85 -1.46 -10.63
C LEU B 420 9.47 -2.34 -11.73
N ALA B 421 9.09 -3.63 -11.79
CA ALA B 421 9.60 -4.55 -12.82
C ALA B 421 8.95 -4.21 -14.16
N PRO B 422 9.77 -3.72 -15.12
CA PRO B 422 9.25 -3.41 -16.47
C PRO B 422 8.56 -4.60 -17.15
N ILE B 423 7.40 -4.35 -17.74
CA ILE B 423 6.69 -5.37 -18.51
C ILE B 423 7.38 -5.44 -19.89
N THR B 424 8.06 -6.56 -20.15
CA THR B 424 8.74 -6.80 -21.42
C THR B 424 8.41 -8.18 -21.97
N SER B 425 8.79 -8.42 -23.22
CA SER B 425 8.51 -9.70 -23.88
C SER B 425 9.56 -10.77 -23.55
N ASP B 426 10.58 -10.42 -22.77
CA ASP B 426 11.69 -11.32 -22.47
C ASP B 426 11.24 -12.56 -21.64
N PRO B 427 11.38 -13.78 -22.22
CA PRO B 427 10.97 -15.04 -21.56
C PRO B 427 11.73 -15.37 -20.28
N THR B 428 13.05 -15.16 -20.30
CA THR B 428 13.88 -15.46 -19.13
CA THR B 428 13.92 -15.41 -19.15
C THR B 428 13.51 -14.57 -17.93
N GLU B 429 13.15 -13.32 -18.19
CA GLU B 429 12.71 -12.43 -17.11
C GLU B 429 11.39 -12.89 -16.52
N ALA B 430 10.44 -13.27 -17.38
CA ALA B 430 9.14 -13.77 -16.91
C ALA B 430 9.30 -15.07 -16.14
N THR B 431 10.22 -15.93 -16.58
CA THR B 431 10.50 -17.20 -15.88
C THR B 431 11.09 -16.97 -14.50
N ALA B 432 12.03 -16.02 -14.41
CA ALA B 432 12.68 -15.67 -13.15
C ALA B 432 11.69 -15.16 -12.10
N VAL B 433 10.83 -14.21 -12.48
CA VAL B 433 9.88 -13.65 -11.53
C VAL B 433 8.84 -14.72 -11.12
N GLY B 434 8.44 -15.55 -12.09
CA GLY B 434 7.55 -16.69 -11.79
C GLY B 434 8.17 -17.66 -10.80
N ALA B 435 9.45 -17.95 -10.96
CA ALA B 435 10.19 -18.79 -10.01
C ALA B 435 10.24 -18.17 -8.59
N VAL B 436 10.52 -16.88 -8.50
CA VAL B 436 10.59 -16.26 -7.18
C VAL B 436 9.20 -16.22 -6.53
N GLU B 437 8.17 -15.88 -7.30
CA GLU B 437 6.80 -15.90 -6.76
C GLU B 437 6.44 -17.29 -6.23
N ALA B 438 6.76 -18.32 -7.02
CA ALA B 438 6.52 -19.71 -6.63
C ALA B 438 7.28 -20.07 -5.34
N SER B 439 8.53 -19.61 -5.24
CA SER B 439 9.37 -19.93 -4.07
C SER B 439 8.79 -19.36 -2.77
N PHE B 440 8.23 -18.16 -2.83
CA PHE B 440 7.52 -17.60 -1.68
C PHE B 440 6.23 -18.38 -1.37
N LYS B 441 5.48 -18.74 -2.40
CA LYS B 441 4.16 -19.40 -2.23
C LYS B 441 4.27 -20.77 -1.54
N CYS B 442 5.33 -21.52 -1.85
CA CYS B 442 5.54 -22.83 -1.24
C CYS B 442 6.74 -22.87 -0.30
N CYS B 443 7.28 -21.71 0.08
CA CYS B 443 8.41 -21.63 1.00
C CYS B 443 9.48 -22.69 0.65
N SER B 444 9.95 -22.63 -0.60
CA SER B 444 10.85 -23.64 -1.15
C SER B 444 12.22 -23.63 -0.48
N GLY B 445 12.89 -24.79 -0.50
CA GLY B 445 14.23 -24.91 0.10
C GLY B 445 15.30 -24.21 -0.71
N ALA B 446 15.03 -23.99 -1.99
CA ALA B 446 15.99 -23.34 -2.86
C ALA B 446 15.35 -23.04 -4.20
N ILE B 447 16.03 -22.22 -4.99
CA ILE B 447 15.76 -22.08 -6.41
C ILE B 447 17.02 -22.56 -7.12
N ILE B 448 16.89 -23.66 -7.86
CA ILE B 448 18.02 -24.24 -8.58
C ILE B 448 17.99 -23.68 -9.98
N VAL B 449 19.12 -23.14 -10.44
CA VAL B 449 19.21 -22.54 -11.77
C VAL B 449 20.42 -23.08 -12.55
N LEU B 450 20.16 -23.72 -13.69
CA LEU B 450 21.25 -24.08 -14.62
C LEU B 450 21.62 -22.82 -15.37
N THR B 451 22.90 -22.48 -15.39
CA THR B 451 23.34 -21.28 -16.10
C THR B 451 24.75 -21.43 -16.64
N LYS B 452 24.97 -20.98 -17.88
CA LYS B 452 26.31 -20.99 -18.48
C LYS B 452 27.06 -19.72 -18.17
N SER B 453 26.41 -18.58 -18.37
CA SER B 453 27.02 -17.27 -18.18
C SER B 453 26.73 -16.69 -16.79
N GLY B 454 25.76 -17.27 -16.09
CA GLY B 454 25.28 -16.74 -14.82
C GLY B 454 24.01 -15.89 -14.95
N ARG B 455 23.70 -15.43 -16.17
CA ARG B 455 22.65 -14.44 -16.37
C ARG B 455 21.30 -14.89 -15.81
N SER B 456 20.94 -16.15 -16.04
CA SER B 456 19.65 -16.65 -15.59
C SER B 456 19.55 -16.52 -14.05
N ALA B 457 20.62 -16.85 -13.35
CA ALA B 457 20.64 -16.77 -11.88
C ALA B 457 20.65 -15.31 -11.40
N HIS B 458 21.33 -14.42 -12.14
CA HIS B 458 21.29 -12.99 -11.83
C HIS B 458 19.86 -12.46 -11.89
N GLN B 459 19.08 -12.95 -12.86
CA GLN B 459 17.70 -12.51 -13.05
C GLN B 459 16.79 -12.91 -11.91
N VAL B 460 17.03 -14.10 -11.36
CA VAL B 460 16.34 -14.55 -10.16
C VAL B 460 16.78 -13.69 -8.95
N ALA B 461 18.09 -13.52 -8.78
CA ALA B 461 18.67 -12.76 -7.64
C ALA B 461 18.08 -11.36 -7.48
N ARG B 462 17.80 -10.68 -8.58
CA ARG B 462 17.31 -9.30 -8.51
C ARG B 462 15.93 -9.18 -7.87
N TYR B 463 15.17 -10.27 -7.80
CA TYR B 463 13.86 -10.25 -7.13
C TYR B 463 13.92 -10.65 -5.67
N ARG B 464 15.12 -10.97 -5.19
CA ARG B 464 15.37 -11.12 -3.77
C ARG B 464 14.52 -12.20 -3.11
N PRO B 465 14.59 -13.42 -3.63
CA PRO B 465 13.92 -14.51 -2.92
C PRO B 465 14.61 -14.75 -1.57
N ARG B 466 13.86 -15.32 -0.62
CA ARG B 466 14.41 -15.77 0.66
C ARG B 466 15.19 -17.07 0.46
N ALA B 467 14.65 -17.94 -0.38
CA ALA B 467 15.28 -19.21 -0.69
C ALA B 467 16.64 -18.99 -1.38
N PRO B 468 17.66 -19.79 -1.00
CA PRO B 468 18.96 -19.72 -1.66
C PRO B 468 18.85 -20.10 -3.13
N ILE B 469 19.61 -19.40 -3.97
CA ILE B 469 19.64 -19.67 -5.41
C ILE B 469 20.88 -20.55 -5.70
N ILE B 470 20.67 -21.84 -5.91
CA ILE B 470 21.79 -22.74 -6.25
C ILE B 470 22.00 -22.67 -7.76
N ALA B 471 23.02 -21.91 -8.17
CA ALA B 471 23.35 -21.75 -9.59
C ALA B 471 24.34 -22.83 -10.02
N VAL B 472 23.86 -23.82 -10.78
CA VAL B 472 24.71 -24.94 -11.24
C VAL B 472 25.29 -24.60 -12.60
N THR B 473 26.61 -24.61 -12.70
CA THR B 473 27.28 -24.28 -13.95
C THR B 473 28.46 -25.22 -14.16
N ARG B 474 28.83 -25.38 -15.43
CA ARG B 474 30.08 -26.06 -15.80
C ARG B 474 31.19 -25.06 -16.08
N ASN B 475 30.85 -23.77 -16.12
CA ASN B 475 31.80 -22.72 -16.41
C ASN B 475 32.43 -22.23 -15.09
N PRO B 476 33.74 -22.54 -14.87
CA PRO B 476 34.40 -22.18 -13.61
C PRO B 476 34.36 -20.69 -13.30
N GLN B 477 34.52 -19.85 -14.32
CA GLN B 477 34.50 -18.40 -14.15
C GLN B 477 33.11 -17.87 -13.75
N THR B 478 32.07 -18.43 -14.37
CA THR B 478 30.69 -18.11 -13.97
C THR B 478 30.47 -18.44 -12.50
N ALA B 479 30.97 -19.59 -12.07
CA ALA B 479 30.83 -20.03 -10.68
C ALA B 479 31.49 -19.05 -9.69
N ARG B 480 32.63 -18.49 -10.09
CA ARG B 480 33.34 -17.51 -9.29
C ARG B 480 32.65 -16.15 -9.31
N GLN B 481 32.19 -15.73 -10.48
CA GLN B 481 31.62 -14.39 -10.64
C GLN B 481 30.22 -14.28 -10.00
N ALA B 482 29.55 -15.41 -9.84
CA ALA B 482 28.17 -15.43 -9.33
C ALA B 482 28.08 -14.94 -7.86
N HIS B 483 29.20 -15.02 -7.12
CA HIS B 483 29.29 -14.48 -5.75
C HIS B 483 28.96 -13.00 -5.64
N LEU B 484 29.02 -12.26 -6.75
CA LEU B 484 28.69 -10.84 -6.73
C LEU B 484 27.21 -10.56 -6.46
N TYR B 485 26.35 -11.60 -6.57
CA TYR B 485 24.91 -11.43 -6.51
C TYR B 485 24.32 -12.02 -5.25
N ARG B 486 23.56 -11.21 -4.52
CA ARG B 486 22.83 -11.67 -3.33
C ARG B 486 22.03 -12.94 -3.60
N GLY B 487 22.21 -13.93 -2.74
CA GLY B 487 21.39 -15.13 -2.79
C GLY B 487 21.96 -16.24 -3.62
N ILE B 488 22.94 -15.94 -4.47
CA ILE B 488 23.50 -16.98 -5.33
C ILE B 488 24.56 -17.77 -4.57
N PHE B 489 24.34 -19.08 -4.54
CA PHE B 489 25.26 -20.06 -4.01
C PHE B 489 25.74 -20.85 -5.23
N PRO B 490 26.92 -20.49 -5.78
CA PRO B 490 27.34 -21.09 -7.02
C PRO B 490 27.97 -22.47 -6.83
N VAL B 491 27.61 -23.43 -7.68
CA VAL B 491 28.21 -24.75 -7.62
C VAL B 491 28.74 -25.12 -9.01
N LEU B 492 29.95 -25.69 -9.02
CA LEU B 492 30.65 -26.02 -10.26
C LEU B 492 30.50 -27.52 -10.51
N CYS B 493 29.67 -27.87 -11.49
CA CYS B 493 29.48 -29.27 -11.86
C CYS B 493 30.64 -29.73 -12.71
N LYS B 494 31.28 -30.83 -12.31
CA LYS B 494 32.44 -31.38 -13.02
C LYS B 494 32.13 -32.67 -13.76
N ASP B 495 30.87 -33.10 -13.73
CA ASP B 495 30.46 -34.35 -14.39
C ASP B 495 30.55 -34.19 -15.90
N PRO B 496 30.84 -35.30 -16.63
CA PRO B 496 30.97 -35.21 -18.09
C PRO B 496 29.64 -34.90 -18.76
N VAL B 497 29.70 -34.22 -19.90
CA VAL B 497 28.49 -33.94 -20.68
C VAL B 497 27.91 -35.28 -21.15
N GLN B 498 26.67 -35.56 -20.74
CA GLN B 498 26.00 -36.78 -21.14
C GLN B 498 25.58 -36.65 -22.60
N GLU B 499 25.49 -37.79 -23.28
CA GLU B 499 25.14 -37.84 -24.71
C GLU B 499 23.77 -37.21 -24.97
N ALA B 500 22.77 -37.66 -24.20
CA ALA B 500 21.42 -37.13 -24.29
C ALA B 500 21.32 -35.86 -23.45
N TRP B 501 21.08 -34.72 -24.11
CA TRP B 501 21.01 -33.42 -23.41
C TRP B 501 20.04 -33.45 -22.23
N ALA B 502 18.86 -34.05 -22.43
CA ALA B 502 17.85 -34.14 -21.37
C ALA B 502 18.38 -34.84 -20.11
N GLU B 503 19.23 -35.85 -20.31
CA GLU B 503 19.90 -36.56 -19.19
C GLU B 503 20.98 -35.69 -18.56
N ASP B 504 21.64 -34.89 -19.39
CA ASP B 504 22.68 -33.99 -18.93
C ASP B 504 22.09 -32.88 -18.04
N VAL B 505 20.92 -32.38 -18.45
CA VAL B 505 20.17 -31.42 -17.67
C VAL B 505 19.79 -32.02 -16.30
N ASP B 506 19.20 -33.22 -16.33
CA ASP B 506 18.79 -33.91 -15.10
C ASP B 506 19.97 -34.19 -14.17
N LEU B 507 21.10 -34.59 -14.74
CA LEU B 507 22.32 -34.84 -13.97
C LEU B 507 22.71 -33.58 -13.16
N ARG B 508 22.68 -32.43 -13.81
CA ARG B 508 23.03 -31.17 -13.15
C ARG B 508 22.01 -30.72 -12.09
N VAL B 509 20.71 -30.87 -12.38
CA VAL B 509 19.70 -30.66 -11.35
C VAL B 509 19.95 -31.58 -10.14
N ASN B 510 20.30 -32.84 -10.40
CA ASN B 510 20.53 -33.78 -9.30
C ASN B 510 21.78 -33.44 -8.52
N PHE B 511 22.78 -32.86 -9.19
CA PHE B 511 23.97 -32.38 -8.52
C PHE B 511 23.56 -31.31 -7.51
N ALA B 512 22.73 -30.38 -7.94
CA ALA B 512 22.25 -29.30 -7.07
C ALA B 512 21.47 -29.86 -5.88
N MET B 513 20.68 -30.90 -6.12
CA MET B 513 19.94 -31.59 -5.05
C MET B 513 20.90 -32.14 -4.00
N ASN B 514 21.99 -32.75 -4.47
CA ASN B 514 22.99 -33.29 -3.56
C ASN B 514 23.72 -32.20 -2.76
N VAL B 515 24.05 -31.09 -3.40
CA VAL B 515 24.69 -29.96 -2.70
C VAL B 515 23.79 -29.46 -1.58
N GLY B 516 22.54 -29.20 -1.92
CA GLY B 516 21.55 -28.72 -0.96
C GLY B 516 21.36 -29.66 0.23
N LYS B 517 21.25 -30.96 -0.05
CA LYS B 517 21.13 -31.96 1.03
C LYS B 517 22.37 -31.94 1.92
N ALA B 518 23.56 -32.01 1.32
CA ALA B 518 24.83 -32.01 2.09
C ALA B 518 25.02 -30.73 2.90
N ARG B 519 24.63 -29.59 2.32
CA ARG B 519 24.79 -28.29 2.99
C ARG B 519 23.65 -27.99 3.98
N GLY B 520 22.66 -28.87 4.06
CA GLY B 520 21.52 -28.69 4.97
C GLY B 520 20.50 -27.63 4.55
N PHE B 521 20.45 -27.31 3.26
CA PHE B 521 19.47 -26.36 2.74
C PHE B 521 18.08 -26.96 2.76
N PHE B 522 18.01 -28.25 2.45
CA PHE B 522 16.73 -28.95 2.40
C PHE B 522 16.98 -30.43 2.55
N LYS B 523 15.91 -31.20 2.61
CA LYS B 523 15.99 -32.65 2.74
C LYS B 523 15.01 -33.33 1.82
N LYS B 524 15.15 -34.64 1.70
CA LYS B 524 14.28 -35.46 0.88
C LYS B 524 12.81 -35.18 1.18
N GLY B 525 12.02 -34.97 0.14
CA GLY B 525 10.60 -34.69 0.28
C GLY B 525 10.21 -33.22 0.30
N ASP B 526 11.16 -32.34 0.63
CA ASP B 526 10.93 -30.90 0.55
C ASP B 526 10.70 -30.54 -0.91
N VAL B 527 10.16 -29.36 -1.15
CA VAL B 527 9.95 -28.88 -2.52
C VAL B 527 10.93 -27.75 -2.82
N VAL B 528 11.52 -27.79 -4.01
CA VAL B 528 12.39 -26.72 -4.48
C VAL B 528 11.91 -26.25 -5.85
N ILE B 529 12.37 -25.08 -6.27
CA ILE B 529 12.09 -24.55 -7.62
C ILE B 529 13.30 -24.87 -8.49
N VAL B 530 13.06 -25.27 -9.75
CA VAL B 530 14.17 -25.57 -10.68
C VAL B 530 13.96 -24.83 -11.99
N LEU B 531 14.99 -24.08 -12.41
CA LEU B 531 14.96 -23.38 -13.69
C LEU B 531 15.90 -24.03 -14.71
N THR B 532 15.36 -24.28 -15.91
CA THR B 532 16.08 -24.90 -17.02
C THR B 532 15.66 -24.18 -18.30
N GLY B 533 16.25 -24.60 -19.43
CA GLY B 533 15.95 -23.98 -20.71
C GLY B 533 15.46 -25.00 -21.71
N TRP B 534 15.12 -24.53 -22.91
CA TRP B 534 14.48 -25.39 -23.90
C TRP B 534 15.49 -25.98 -24.90
N ARG B 535 16.73 -25.50 -24.87
CA ARG B 535 17.82 -26.07 -25.65
C ARG B 535 19.18 -25.68 -25.05
N PRO B 536 20.28 -26.29 -25.54
CA PRO B 536 21.62 -25.91 -25.07
C PRO B 536 22.04 -24.51 -25.46
N GLY B 537 23.04 -23.99 -24.76
CA GLY B 537 23.55 -22.63 -24.99
C GLY B 537 22.86 -21.60 -24.12
N SER B 538 23.46 -20.42 -24.01
CA SER B 538 22.89 -19.34 -23.20
C SER B 538 21.68 -18.73 -23.86
N GLY B 539 20.77 -18.21 -23.04
CA GLY B 539 19.70 -17.35 -23.49
C GLY B 539 18.33 -17.99 -23.64
N PHE B 540 18.20 -19.25 -23.23
CA PHE B 540 16.99 -20.02 -23.50
C PHE B 540 16.25 -20.50 -22.25
N THR B 541 16.61 -19.94 -21.10
CA THR B 541 15.93 -20.28 -19.85
C THR B 541 14.47 -19.88 -19.98
N ASN B 542 13.58 -20.86 -19.80
CA ASN B 542 12.15 -20.63 -20.00
C ASN B 542 11.23 -21.58 -19.23
N THR B 543 11.80 -22.42 -18.37
CA THR B 543 11.07 -23.50 -17.74
C THR B 543 11.26 -23.45 -16.22
N MET B 544 10.15 -23.30 -15.51
CA MET B 544 10.14 -23.33 -14.07
C MET B 544 9.37 -24.55 -13.60
N ARG B 545 10.01 -25.37 -12.76
CA ARG B 545 9.35 -26.53 -12.15
C ARG B 545 9.39 -26.51 -10.63
N VAL B 546 8.33 -27.01 -9.99
CA VAL B 546 8.32 -27.24 -8.56
C VAL B 546 8.59 -28.73 -8.38
N VAL B 547 9.71 -29.06 -7.75
CA VAL B 547 10.22 -30.42 -7.76
C VAL B 547 10.47 -30.91 -6.34
N PRO B 548 10.05 -32.17 -6.03
CA PRO B 548 10.38 -32.72 -4.73
C PRO B 548 11.85 -33.14 -4.66
N VAL B 549 12.49 -32.92 -3.53
CA VAL B 549 13.88 -33.32 -3.35
C VAL B 549 13.92 -34.85 -3.22
N PRO B 550 14.71 -35.52 -4.08
CA PRO B 550 14.73 -36.99 -4.03
C PRO B 550 15.54 -37.50 -2.85
N GLN C 33 -19.81 -2.92 14.60
CA GLN C 33 -21.25 -3.15 14.94
C GLN C 33 -22.20 -2.33 14.03
N THR C 34 -21.78 -1.11 13.67
CA THR C 34 -22.59 -0.20 12.85
C THR C 34 -21.73 0.46 11.80
N GLN C 35 -22.37 1.05 10.79
CA GLN C 35 -21.69 1.83 9.75
C GLN C 35 -20.56 1.05 9.05
N GLN C 36 -20.67 -0.29 9.02
CA GLN C 36 -19.66 -1.15 8.41
C GLN C 36 -18.24 -0.87 8.94
N LEU C 37 -18.14 -0.54 10.23
CA LEU C 37 -16.84 -0.21 10.84
C LEU C 37 -15.86 -1.40 10.87
N HIS C 38 -16.39 -2.63 10.89
CA HIS C 38 -15.55 -3.82 10.81
C HIS C 38 -14.87 -3.92 9.44
N ALA C 39 -15.64 -3.71 8.38
CA ALA C 39 -15.07 -3.65 7.03
C ALA C 39 -14.14 -2.44 6.85
N ALA C 40 -14.42 -1.35 7.58
CA ALA C 40 -13.59 -0.13 7.50
C ALA C 40 -12.13 -0.40 7.93
N MET C 41 -11.95 -1.33 8.86
CA MET C 41 -10.64 -1.65 9.43
C MET C 41 -9.79 -2.61 8.59
N ALA C 42 -10.36 -3.21 7.53
CA ALA C 42 -9.62 -4.19 6.72
C ALA C 42 -8.39 -3.56 6.07
N ASP C 43 -7.33 -4.36 5.95
CA ASP C 43 -6.05 -3.90 5.41
C ASP C 43 -5.93 -4.10 3.90
N THR C 44 -6.95 -4.71 3.30
CA THR C 44 -7.04 -4.90 1.85
C THR C 44 -8.49 -4.60 1.39
N PHE C 45 -8.65 -4.19 0.13
CA PHE C 45 -10.00 -3.97 -0.40
C PHE C 45 -10.77 -5.29 -0.45
N LEU C 46 -10.12 -6.38 -0.87
CA LEU C 46 -10.75 -7.70 -0.89
C LEU C 46 -11.31 -8.10 0.48
N GLU C 47 -10.54 -7.90 1.54
CA GLU C 47 -11.02 -8.18 2.90
C GLU C 47 -12.14 -7.21 3.34
N HIS C 48 -12.04 -5.95 2.90
CA HIS C 48 -13.12 -4.98 3.12
C HIS C 48 -14.44 -5.52 2.55
N MET C 49 -14.42 -5.96 1.29
CA MET C 49 -15.61 -6.58 0.66
C MET C 49 -16.09 -7.78 1.48
N CYS C 50 -15.17 -8.68 1.82
CA CYS C 50 -15.51 -9.88 2.62
C CYS C 50 -16.21 -9.56 3.94
N ARG C 51 -16.00 -8.35 4.46
CA ARG C 51 -16.52 -7.96 5.77
C ARG C 51 -17.81 -7.15 5.70
N LEU C 52 -18.27 -6.80 4.49
CA LEU C 52 -19.53 -6.07 4.37
C LEU C 52 -20.65 -6.88 4.99
N ASP C 53 -21.44 -6.21 5.83
CA ASP C 53 -22.35 -6.87 6.75
C ASP C 53 -23.78 -6.30 6.68
N ILE C 54 -24.72 -7.13 6.23
CA ILE C 54 -26.13 -6.70 6.11
C ILE C 54 -26.80 -6.44 7.46
N ASP C 55 -26.16 -6.87 8.54
CA ASP C 55 -26.66 -6.64 9.92
C ASP C 55 -25.93 -5.48 10.63
N SER C 56 -25.11 -4.74 9.89
CA SER C 56 -24.45 -3.53 10.40
C SER C 56 -25.19 -2.30 9.86
N PRO C 57 -26.08 -1.70 10.68
CA PRO C 57 -26.90 -0.61 10.15
C PRO C 57 -26.13 0.72 9.96
N PRO C 58 -26.50 1.48 8.92
CA PRO C 58 -25.82 2.76 8.67
C PRO C 58 -26.19 3.82 9.69
N ILE C 59 -25.46 4.94 9.68
CA ILE C 59 -25.83 6.11 10.46
C ILE C 59 -27.10 6.74 9.88
N THR C 60 -27.67 7.70 10.58
CA THR C 60 -28.90 8.36 10.12
C THR C 60 -28.61 9.32 8.96
N ALA C 61 -27.43 9.91 8.98
CA ALA C 61 -27.05 10.91 7.99
C ALA C 61 -26.86 10.28 6.61
N ARG C 62 -27.36 10.96 5.57
CA ARG C 62 -27.14 10.57 4.18
C ARG C 62 -26.36 11.69 3.47
N ASN C 63 -25.18 11.34 2.95
CA ASN C 63 -24.23 12.31 2.40
C ASN C 63 -24.46 12.69 0.93
N THR C 64 -25.00 11.77 0.15
CA THR C 64 -25.17 11.95 -1.30
C THR C 64 -26.43 12.73 -1.61
N GLY C 65 -26.27 13.88 -2.26
CA GLY C 65 -27.41 14.75 -2.59
C GLY C 65 -28.31 14.05 -3.59
N ILE C 66 -29.62 14.19 -3.42
CA ILE C 66 -30.60 13.61 -4.32
C ILE C 66 -31.25 14.73 -5.11
N ILE C 67 -31.12 14.65 -6.44
CA ILE C 67 -31.72 15.61 -7.36
C ILE C 67 -32.98 15.04 -8.03
N CYS C 68 -34.11 15.73 -7.88
CA CYS C 68 -35.39 15.25 -8.40
C CYS C 68 -35.92 16.14 -9.51
N THR C 69 -36.23 15.54 -10.65
CA THR C 69 -36.86 16.26 -11.74
C THR C 69 -38.33 16.47 -11.39
N ILE C 70 -38.79 17.71 -11.51
CA ILE C 70 -40.14 18.04 -11.12
C ILE C 70 -41.03 18.04 -12.35
N GLY C 71 -42.20 17.44 -12.21
CA GLY C 71 -43.20 17.45 -13.27
C GLY C 71 -44.60 17.33 -12.71
N PRO C 72 -45.58 16.94 -13.56
CA PRO C 72 -46.96 16.77 -13.10
C PRO C 72 -47.12 15.90 -11.83
N ALA C 73 -46.29 14.87 -11.68
CA ALA C 73 -46.38 13.95 -10.51
C ALA C 73 -45.90 14.58 -9.20
N SER C 74 -45.14 15.67 -9.28
CA SER C 74 -44.38 16.14 -8.11
C SER C 74 -44.36 17.65 -7.95
N ARG C 75 -45.32 18.34 -8.55
CA ARG C 75 -45.24 19.80 -8.71
C ARG C 75 -46.08 20.61 -7.73
N SER C 76 -47.16 20.03 -7.23
CA SER C 76 -48.02 20.75 -6.30
C SER C 76 -47.26 20.97 -5.01
N VAL C 77 -47.56 22.08 -4.33
CA VAL C 77 -46.89 22.41 -3.07
C VAL C 77 -47.03 21.26 -2.08
N GLU C 78 -48.24 20.70 -2.02
CA GLU C 78 -48.55 19.57 -1.15
C GLU C 78 -47.55 18.41 -1.33
N THR C 79 -47.38 17.99 -2.58
CA THR C 79 -46.48 16.90 -2.92
C THR C 79 -45.00 17.31 -2.77
N LEU C 80 -44.67 18.56 -3.09
CA LEU C 80 -43.28 19.05 -2.93
C LEU C 80 -42.84 18.97 -1.47
N LYS C 81 -43.74 19.28 -0.54
CA LYS C 81 -43.43 19.16 0.88
C LYS C 81 -43.03 17.70 1.24
N GLU C 82 -43.74 16.72 0.69
CA GLU C 82 -43.41 15.31 0.90
C GLU C 82 -42.10 14.93 0.19
N MET C 83 -41.86 15.50 -0.99
CA MET C 83 -40.58 15.29 -1.69
C MET C 83 -39.42 15.72 -0.79
N ILE C 84 -39.56 16.87 -0.16
CA ILE C 84 -38.55 17.40 0.75
C ILE C 84 -38.39 16.45 1.95
N LYS C 85 -39.50 16.06 2.58
CA LYS C 85 -39.43 15.17 3.76
C LYS C 85 -38.81 13.81 3.41
N SER C 86 -39.04 13.37 2.18
CA SER C 86 -38.50 12.10 1.68
C SER C 86 -36.99 12.17 1.32
N GLY C 87 -36.44 13.36 1.12
CA GLY C 87 -35.01 13.54 0.91
C GLY C 87 -34.54 14.38 -0.28
N MET C 88 -35.47 14.91 -1.08
CA MET C 88 -35.07 15.81 -2.19
C MET C 88 -34.24 17.00 -1.72
N ASN C 89 -33.08 17.19 -2.34
CA ASN C 89 -32.20 18.31 -2.04
C ASN C 89 -32.21 19.37 -3.12
N VAL C 90 -32.42 18.95 -4.36
CA VAL C 90 -32.37 19.84 -5.51
C VAL C 90 -33.54 19.53 -6.44
N ALA C 91 -34.28 20.57 -6.82
CA ALA C 91 -35.38 20.47 -7.76
C ALA C 91 -34.87 20.80 -9.16
N ARG C 92 -34.95 19.83 -10.07
CA ARG C 92 -34.49 20.01 -11.43
C ARG C 92 -35.67 20.32 -12.35
N LEU C 93 -35.57 21.43 -13.08
CA LEU C 93 -36.58 21.77 -14.09
C LEU C 93 -35.99 21.61 -15.49
N ASN C 94 -36.63 20.77 -16.29
CA ASN C 94 -36.20 20.45 -17.64
C ASN C 94 -36.81 21.41 -18.64
N PHE C 95 -35.98 22.31 -19.16
CA PHE C 95 -36.48 23.31 -20.10
C PHE C 95 -36.58 22.80 -21.55
N SER C 96 -36.37 21.50 -21.77
CA SER C 96 -36.79 20.88 -23.03
C SER C 96 -38.31 21.02 -23.23
N HIS C 97 -39.05 21.22 -22.13
CA HIS C 97 -40.50 21.40 -22.18
C HIS C 97 -40.94 22.61 -21.34
N GLY C 98 -42.16 23.06 -21.59
CA GLY C 98 -42.81 24.06 -20.75
C GLY C 98 -42.46 25.50 -21.06
N THR C 99 -43.39 26.40 -20.75
CA THR C 99 -43.22 27.83 -20.95
C THR C 99 -42.55 28.45 -19.73
N HIS C 100 -42.01 29.65 -19.89
CA HIS C 100 -41.47 30.42 -18.76
C HIS C 100 -42.54 30.63 -17.69
N GLU C 101 -43.76 30.93 -18.12
CA GLU C 101 -44.88 31.09 -17.16
C GLU C 101 -45.01 29.84 -16.28
N TYR C 102 -45.01 28.68 -16.92
CA TYR C 102 -45.14 27.40 -16.23
C TYR C 102 -43.99 27.16 -15.26
N HIS C 103 -42.76 27.38 -15.72
CA HIS C 103 -41.57 27.15 -14.89
C HIS C 103 -41.50 28.10 -13.71
N ALA C 104 -41.89 29.36 -13.93
CA ALA C 104 -41.97 30.33 -12.83
C ALA C 104 -42.92 29.82 -11.75
N GLU C 105 -44.03 29.21 -12.17
CA GLU C 105 -44.99 28.64 -11.23
C GLU C 105 -44.37 27.50 -10.46
N THR C 106 -43.69 26.60 -11.16
CA THR C 106 -43.00 25.47 -10.50
C THR C 106 -42.01 25.97 -9.45
N ILE C 107 -41.20 26.96 -9.82
CA ILE C 107 -40.21 27.54 -8.91
C ILE C 107 -40.88 28.15 -7.67
N LYS C 108 -41.99 28.85 -7.87
CA LYS C 108 -42.77 29.40 -6.77
C LYS C 108 -43.26 28.30 -5.83
N ASN C 109 -43.78 27.20 -6.39
CA ASN C 109 -44.23 26.04 -5.59
C ASN C 109 -43.09 25.38 -4.80
N VAL C 110 -41.94 25.22 -5.42
CA VAL C 110 -40.77 24.67 -4.71
C VAL C 110 -40.41 25.55 -3.50
N ARG C 111 -40.38 26.87 -3.71
CA ARG C 111 -40.06 27.83 -2.66
C ARG C 111 -41.13 27.86 -1.56
N THR C 112 -42.40 27.86 -1.96
CA THR C 112 -43.47 27.79 -0.97
C THR C 112 -43.33 26.54 -0.09
N ALA C 113 -43.09 25.38 -0.73
CA ALA C 113 -42.96 24.11 -0.03
C ALA C 113 -41.73 24.13 0.88
N THR C 114 -40.61 24.60 0.35
CA THR C 114 -39.36 24.69 1.10
C THR C 114 -39.52 25.60 2.32
N GLU C 115 -40.11 26.79 2.10
CA GLU C 115 -40.28 27.77 3.18
C GLU C 115 -41.35 27.42 4.20
N SER C 116 -42.22 26.48 3.90
CA SER C 116 -43.22 26.00 4.87
C SER C 116 -42.57 25.44 6.14
N PHE C 117 -41.33 24.97 6.02
CA PHE C 117 -40.56 24.42 7.15
C PHE C 117 -39.70 25.46 7.88
N ALA C 118 -39.69 26.70 7.38
CA ALA C 118 -38.81 27.76 7.91
C ALA C 118 -39.14 28.17 9.36
N SER C 119 -40.38 27.92 9.81
CA SER C 119 -40.84 28.36 11.15
C SER C 119 -40.21 27.58 12.31
N ASP C 120 -39.62 26.42 12.00
CA ASP C 120 -38.71 25.76 12.93
C ASP C 120 -37.34 25.67 12.25
N PRO C 121 -36.43 26.63 12.57
CA PRO C 121 -35.11 26.73 11.93
C PRO C 121 -34.25 25.49 12.07
N ILE C 122 -34.47 24.73 13.14
CA ILE C 122 -33.75 23.50 13.38
C ILE C 122 -34.11 22.44 12.33
N LEU C 123 -35.35 22.47 11.86
CA LEU C 123 -35.87 21.44 10.95
C LEU C 123 -35.92 21.89 9.47
N TYR C 124 -35.75 23.19 9.23
CA TYR C 124 -35.68 23.71 7.86
C TYR C 124 -34.53 23.05 7.08
N ARG C 125 -34.81 22.65 5.84
CA ARG C 125 -33.81 22.12 4.95
C ARG C 125 -33.77 22.97 3.69
N PRO C 126 -32.62 23.60 3.41
CA PRO C 126 -32.47 24.30 2.15
C PRO C 126 -32.75 23.37 0.97
N VAL C 127 -33.31 23.93 -0.11
CA VAL C 127 -33.59 23.18 -1.35
C VAL C 127 -33.13 24.02 -2.53
N ALA C 128 -32.25 23.47 -3.36
CA ALA C 128 -31.75 24.21 -4.52
C ALA C 128 -32.67 24.06 -5.74
N VAL C 129 -32.56 25.03 -6.64
CA VAL C 129 -33.29 25.02 -7.91
C VAL C 129 -32.27 24.95 -9.03
N ALA C 130 -32.44 23.96 -9.90
CA ALA C 130 -31.58 23.78 -11.05
C ALA C 130 -32.35 23.92 -12.36
N LEU C 131 -31.80 24.73 -13.28
CA LEU C 131 -32.33 24.87 -14.63
C LEU C 131 -31.56 23.96 -15.59
N ASP C 132 -32.25 22.99 -16.20
CA ASP C 132 -31.62 22.10 -17.19
C ASP C 132 -32.01 22.57 -18.59
N THR C 133 -31.03 22.99 -19.38
CA THR C 133 -31.33 23.58 -20.69
C THR C 133 -31.76 22.52 -21.73
N LYS C 134 -32.49 22.96 -22.75
CA LYS C 134 -32.80 22.10 -23.87
C LYS C 134 -31.53 21.80 -24.68
N GLY C 135 -30.82 22.86 -25.06
CA GLY C 135 -29.60 22.68 -25.83
C GLY C 135 -29.89 22.22 -27.25
N PRO C 136 -28.85 21.75 -27.97
CA PRO C 136 -28.98 21.30 -29.33
C PRO C 136 -29.71 19.95 -29.46
N GLU C 137 -31.01 19.94 -29.15
CA GLU C 137 -31.82 18.74 -29.28
C GLU C 137 -32.35 18.56 -30.70
N ILE C 138 -32.57 17.31 -31.10
CA ILE C 138 -33.25 16.97 -32.34
C ILE C 138 -34.52 16.22 -31.96
N ARG C 139 -35.66 16.71 -32.44
CA ARG C 139 -36.96 16.13 -32.10
C ARG C 139 -37.79 15.84 -33.35
N THR C 140 -38.60 14.79 -33.29
CA THR C 140 -39.56 14.48 -34.35
C THR C 140 -40.85 15.30 -34.18
N GLY C 141 -41.78 15.14 -35.12
CA GLY C 141 -43.07 15.85 -35.08
C GLY C 141 -44.16 15.03 -34.43
N LEU C 142 -45.41 15.44 -34.67
CA LEU C 142 -46.57 14.77 -34.07
C LEU C 142 -47.08 13.65 -34.96
N ILE C 143 -47.36 12.51 -34.33
CA ILE C 143 -48.01 11.42 -35.03
C ILE C 143 -49.48 11.83 -35.28
N LYS C 144 -49.84 11.99 -36.55
CA LYS C 144 -51.24 12.22 -36.96
C LYS C 144 -51.94 13.28 -36.12
N GLY C 145 -51.27 14.41 -35.93
CA GLY C 145 -51.85 15.54 -35.21
C GLY C 145 -52.03 15.38 -33.70
N SER C 146 -51.58 14.25 -33.14
CA SER C 146 -51.84 13.94 -31.73
C SER C 146 -50.53 13.87 -30.92
N GLY C 147 -50.61 14.32 -29.67
CA GLY C 147 -49.49 14.21 -28.73
C GLY C 147 -49.30 12.80 -28.20
N THR C 148 -50.36 11.99 -28.25
CA THR C 148 -50.32 10.66 -27.63
C THR C 148 -50.31 9.51 -28.63
N ALA C 149 -50.64 9.80 -29.90
CA ALA C 149 -50.80 8.76 -30.90
C ALA C 149 -49.47 8.09 -31.22
N GLU C 150 -49.53 6.81 -31.58
CA GLU C 150 -48.35 6.04 -31.97
C GLU C 150 -48.61 5.21 -33.23
N VAL C 151 -47.53 4.90 -33.96
CA VAL C 151 -47.57 3.99 -35.11
C VAL C 151 -46.50 2.92 -34.94
N GLU C 152 -46.76 1.73 -35.47
CA GLU C 152 -45.79 0.62 -35.40
C GLU C 152 -44.84 0.64 -36.60
N LEU C 153 -43.53 0.71 -36.32
CA LEU C 153 -42.51 0.60 -37.35
C LEU C 153 -42.01 -0.84 -37.37
N LYS C 154 -42.10 -1.48 -38.54
CA LYS C 154 -41.72 -2.89 -38.69
C LYS C 154 -40.31 -2.99 -39.27
N LYS C 155 -39.48 -3.85 -38.67
CA LYS C 155 -38.09 -4.04 -39.11
C LYS C 155 -38.06 -4.37 -40.60
N GLY C 156 -37.14 -3.75 -41.32
CA GLY C 156 -37.02 -3.93 -42.78
C GLY C 156 -37.93 -3.04 -43.60
N ALA C 157 -38.93 -2.42 -42.98
CA ALA C 157 -39.84 -1.51 -43.70
C ALA C 157 -39.13 -0.23 -44.08
N THR C 158 -39.76 0.54 -44.96
CA THR C 158 -39.20 1.81 -45.42
C THR C 158 -39.80 2.98 -44.63
N LEU C 159 -38.98 4.00 -44.36
CA LEU C 159 -39.42 5.21 -43.67
C LEU C 159 -38.68 6.42 -44.21
N LYS C 160 -39.45 7.40 -44.67
CA LYS C 160 -38.92 8.60 -45.26
C LYS C 160 -38.86 9.71 -44.21
N ILE C 161 -37.66 10.27 -44.00
CA ILE C 161 -37.49 11.45 -43.15
C ILE C 161 -37.56 12.72 -44.00
N THR C 162 -38.45 13.63 -43.61
CA THR C 162 -38.66 14.88 -44.32
C THR C 162 -38.38 16.07 -43.43
N LEU C 163 -37.99 17.19 -44.05
CA LEU C 163 -37.80 18.45 -43.35
C LEU C 163 -38.93 19.44 -43.67
N ASP C 164 -39.82 19.05 -44.58
CA ASP C 164 -40.93 19.90 -45.01
C ASP C 164 -41.96 20.05 -43.89
N ASN C 165 -42.11 21.28 -43.40
CA ASN C 165 -42.98 21.56 -42.25
C ASN C 165 -44.48 21.34 -42.50
N ALA C 166 -44.85 20.98 -43.74
CA ALA C 166 -46.21 20.49 -44.01
C ALA C 166 -46.51 19.19 -43.24
N TYR C 167 -45.45 18.41 -42.98
CA TYR C 167 -45.58 17.10 -42.28
C TYR C 167 -45.22 17.17 -40.80
N MET C 168 -44.91 18.37 -40.36
CA MET C 168 -44.56 18.71 -38.97
C MET C 168 -45.54 18.10 -37.94
N GLU C 169 -46.82 18.02 -38.28
CA GLU C 169 -47.81 17.36 -37.43
C GLU C 169 -48.54 16.22 -38.16
N LYS C 170 -47.89 15.63 -39.16
CA LYS C 170 -48.48 14.55 -39.93
C LYS C 170 -47.50 13.37 -40.05
N CYS C 171 -46.76 13.10 -38.97
CA CYS C 171 -45.89 11.94 -38.92
C CYS C 171 -46.71 10.67 -38.84
N ASP C 172 -46.22 9.63 -39.51
CA ASP C 172 -46.82 8.31 -39.42
C ASP C 172 -45.75 7.25 -39.76
N GLU C 173 -46.16 6.01 -40.02
CA GLU C 173 -45.20 4.94 -40.31
C GLU C 173 -44.51 5.08 -41.68
N ASN C 174 -45.00 6.02 -42.51
CA ASN C 174 -44.44 6.27 -43.85
C ASN C 174 -43.52 7.48 -43.91
N ILE C 175 -43.94 8.58 -43.27
CA ILE C 175 -43.17 9.85 -43.32
C ILE C 175 -42.94 10.40 -41.92
N LEU C 176 -41.68 10.74 -41.62
CA LEU C 176 -41.32 11.28 -40.30
C LEU C 176 -40.61 12.61 -40.44
N TRP C 177 -41.21 13.66 -39.88
CA TRP C 177 -40.61 15.00 -39.85
C TRP C 177 -39.76 15.14 -38.60
N LEU C 178 -38.65 15.86 -38.74
CA LEU C 178 -37.78 16.20 -37.63
C LEU C 178 -37.35 17.65 -37.80
N ASP C 179 -36.93 18.26 -36.70
CA ASP C 179 -36.73 19.71 -36.65
C ASP C 179 -35.27 20.17 -36.89
N TYR C 180 -34.38 19.23 -37.23
CA TYR C 180 -33.00 19.56 -37.54
C TYR C 180 -32.87 19.80 -39.04
N LYS C 181 -32.99 21.07 -39.44
CA LYS C 181 -33.08 21.46 -40.84
C LYS C 181 -31.86 21.05 -41.69
N ASN C 182 -30.68 20.97 -41.06
CA ASN C 182 -29.43 20.64 -41.78
C ASN C 182 -29.01 19.16 -41.74
N ILE C 183 -29.91 18.27 -41.33
CA ILE C 183 -29.57 16.85 -41.13
C ILE C 183 -28.94 16.19 -42.37
N CYS C 184 -29.40 16.58 -43.56
CA CYS C 184 -28.92 15.97 -44.81
C CYS C 184 -27.43 16.22 -45.08
N LYS C 185 -26.95 17.41 -44.70
CA LYS C 185 -25.55 17.79 -44.92
C LYS C 185 -24.57 17.02 -43.99
N VAL C 186 -25.07 16.49 -42.88
CA VAL C 186 -24.22 15.80 -41.89
C VAL C 186 -24.42 14.27 -41.83
N VAL C 187 -25.32 13.74 -42.67
CA VAL C 187 -25.51 12.30 -42.78
C VAL C 187 -25.03 11.80 -44.15
N GLU C 188 -24.82 10.49 -44.26
CA GLU C 188 -24.51 9.84 -45.53
C GLU C 188 -25.25 8.53 -45.63
N VAL C 189 -25.25 7.92 -46.82
CA VAL C 189 -25.79 6.57 -47.00
C VAL C 189 -25.08 5.62 -46.03
N GLY C 190 -25.86 4.79 -45.33
CA GLY C 190 -25.33 3.86 -44.35
C GLY C 190 -25.37 4.40 -42.92
N SER C 191 -25.46 5.72 -42.76
CA SER C 191 -25.57 6.35 -41.43
C SER C 191 -26.74 5.76 -40.66
N LYS C 192 -26.55 5.60 -39.35
CA LYS C 192 -27.62 5.13 -38.50
C LYS C 192 -28.25 6.30 -37.74
N ILE C 193 -29.58 6.25 -37.61
CA ILE C 193 -30.36 7.30 -36.95
C ILE C 193 -31.20 6.65 -35.88
N TYR C 194 -31.13 7.18 -34.67
CA TYR C 194 -31.81 6.60 -33.52
C TYR C 194 -32.93 7.51 -33.06
N VAL C 195 -34.06 6.91 -32.69
CA VAL C 195 -35.25 7.63 -32.26
C VAL C 195 -35.81 7.01 -30.99
N ASP C 196 -36.24 7.89 -30.07
CA ASP C 196 -36.84 7.50 -28.78
C ASP C 196 -35.90 6.72 -27.85
N ASP C 197 -35.01 7.47 -27.19
CA ASP C 197 -34.00 6.88 -26.31
C ASP C 197 -33.24 5.76 -27.00
N GLY C 198 -32.99 5.91 -28.30
CA GLY C 198 -32.24 4.94 -29.07
C GLY C 198 -32.87 3.57 -29.24
N LEU C 199 -34.18 3.47 -28.97
CA LEU C 199 -34.88 2.18 -29.02
C LEU C 199 -35.40 1.82 -30.42
N ILE C 200 -35.64 2.85 -31.24
CA ILE C 200 -35.95 2.66 -32.65
C ILE C 200 -34.72 3.04 -33.47
N SER C 201 -34.38 2.20 -34.43
CA SER C 201 -33.16 2.37 -35.21
C SER C 201 -33.44 2.34 -36.70
N LEU C 202 -32.83 3.28 -37.40
CA LEU C 202 -32.96 3.40 -38.85
C LEU C 202 -31.57 3.43 -39.51
N GLN C 203 -31.52 3.05 -40.79
CA GLN C 203 -30.31 3.16 -41.60
C GLN C 203 -30.62 3.94 -42.87
N VAL C 204 -29.88 5.01 -43.12
CA VAL C 204 -30.06 5.80 -44.34
C VAL C 204 -29.77 4.89 -45.53
N LYS C 205 -30.79 4.69 -46.37
CA LYS C 205 -30.64 3.90 -47.60
C LYS C 205 -30.32 4.83 -48.78
N GLN C 206 -31.03 5.95 -48.85
CA GLN C 206 -30.80 6.96 -49.91
C GLN C 206 -30.86 8.36 -49.33
N LYS C 207 -29.97 9.24 -49.79
CA LYS C 207 -30.01 10.65 -49.41
C LYS C 207 -30.74 11.49 -50.44
N GLY C 208 -31.25 12.63 -49.98
CA GLY C 208 -31.83 13.64 -50.86
C GLY C 208 -31.31 15.01 -50.48
N ALA C 209 -31.83 16.04 -51.12
CA ALA C 209 -31.47 17.43 -50.79
C ALA C 209 -32.21 17.92 -49.55
N ASP C 210 -33.49 17.54 -49.45
CA ASP C 210 -34.34 17.91 -48.32
C ASP C 210 -35.07 16.71 -47.71
N PHE C 211 -34.50 15.52 -47.89
CA PHE C 211 -35.15 14.28 -47.42
C PHE C 211 -34.18 13.12 -47.34
N LEU C 212 -34.59 12.08 -46.62
CA LEU C 212 -33.84 10.85 -46.52
C LEU C 212 -34.80 9.68 -46.62
N VAL C 213 -34.39 8.62 -47.33
CA VAL C 213 -35.10 7.35 -47.29
C VAL C 213 -34.29 6.42 -46.40
N THR C 214 -34.96 5.80 -45.43
CA THR C 214 -34.30 4.92 -44.47
C THR C 214 -34.99 3.56 -44.43
N GLU C 215 -34.29 2.59 -43.86
CA GLU C 215 -34.86 1.27 -43.57
C GLU C 215 -34.85 1.06 -42.06
N VAL C 216 -35.96 0.55 -41.52
CA VAL C 216 -36.09 0.27 -40.09
C VAL C 216 -35.26 -0.96 -39.75
N GLU C 217 -34.31 -0.81 -38.81
CA GLU C 217 -33.56 -1.96 -38.28
C GLU C 217 -34.28 -2.47 -37.05
N ASN C 218 -34.38 -1.62 -36.04
CA ASN C 218 -35.07 -1.94 -34.81
C ASN C 218 -36.39 -1.19 -34.82
N GLY C 219 -37.47 -1.95 -34.91
CA GLY C 219 -38.82 -1.40 -34.92
C GLY C 219 -39.38 -1.26 -33.53
N GLY C 220 -40.67 -0.95 -33.47
CA GLY C 220 -41.35 -0.64 -32.22
C GLY C 220 -42.37 0.47 -32.44
N SER C 221 -42.97 0.94 -31.33
CA SER C 221 -43.98 2.00 -31.36
C SER C 221 -43.30 3.35 -31.47
N LEU C 222 -43.72 4.12 -32.46
CA LEU C 222 -43.20 5.47 -32.67
C LEU C 222 -44.26 6.45 -32.23
N GLY C 223 -43.92 7.31 -31.26
CA GLY C 223 -44.82 8.34 -30.77
C GLY C 223 -44.40 9.72 -31.24
N SER C 224 -44.95 10.75 -30.62
CA SER C 224 -44.73 12.13 -31.04
C SER C 224 -43.56 12.80 -30.33
N LYS C 225 -42.88 13.69 -31.03
CA LYS C 225 -41.84 14.53 -30.45
C LYS C 225 -40.82 13.74 -29.65
N LYS C 226 -40.26 12.70 -30.27
CA LYS C 226 -39.24 11.87 -29.63
C LYS C 226 -37.86 12.37 -29.99
N GLY C 227 -36.90 12.11 -29.10
CA GLY C 227 -35.52 12.53 -29.30
C GLY C 227 -34.81 11.72 -30.35
N VAL C 228 -33.96 12.40 -31.14
CA VAL C 228 -33.24 11.77 -32.24
C VAL C 228 -31.73 11.95 -32.06
N ASN C 229 -31.00 10.86 -32.27
CA ASN C 229 -29.53 10.87 -32.20
C ASN C 229 -28.92 10.40 -33.50
N LEU C 230 -27.80 11.04 -33.85
CA LEU C 230 -27.04 10.73 -35.05
C LEU C 230 -25.60 10.46 -34.61
N PRO C 231 -25.36 9.26 -34.02
CA PRO C 231 -24.06 8.99 -33.39
C PRO C 231 -22.86 9.14 -34.32
N GLY C 232 -22.99 8.69 -35.55
CA GLY C 232 -21.90 8.84 -36.53
C GLY C 232 -21.58 10.29 -36.90
N ALA C 233 -22.59 11.16 -36.83
CA ALA C 233 -22.54 12.48 -37.44
C ALA C 233 -21.99 13.57 -36.54
N ALA C 234 -21.42 14.60 -37.16
CA ALA C 234 -20.99 15.80 -36.45
C ALA C 234 -22.12 16.84 -36.53
N VAL C 235 -23.06 16.74 -35.58
CA VAL C 235 -24.22 17.62 -35.53
C VAL C 235 -23.80 19.08 -35.31
N ASP C 236 -24.37 19.98 -36.12
CA ASP C 236 -23.89 21.36 -36.23
C ASP C 236 -24.87 22.39 -35.66
N LEU C 237 -25.70 21.99 -34.69
CA LEU C 237 -26.62 22.91 -34.01
C LEU C 237 -25.83 23.81 -33.04
N PRO C 238 -26.39 24.99 -32.71
CA PRO C 238 -25.70 25.88 -31.77
C PRO C 238 -25.60 25.28 -30.37
N ALA C 239 -24.45 25.43 -29.72
CA ALA C 239 -24.30 25.00 -28.33
C ALA C 239 -25.31 25.75 -27.44
N VAL C 240 -25.44 27.05 -27.69
CA VAL C 240 -26.46 27.88 -27.02
C VAL C 240 -27.35 28.59 -28.06
N SER C 241 -28.55 28.05 -28.27
CA SER C 241 -29.54 28.61 -29.21
C SER C 241 -30.24 29.86 -28.68
N GLU C 242 -31.03 30.51 -29.53
CA GLU C 242 -31.79 31.68 -29.09
C GLU C 242 -32.72 31.33 -27.94
N LYS C 243 -33.36 30.15 -27.99
CA LYS C 243 -34.20 29.67 -26.89
C LYS C 243 -33.40 29.48 -25.62
N ASP C 244 -32.22 28.86 -25.74
CA ASP C 244 -31.34 28.62 -24.57
C ASP C 244 -30.97 29.96 -23.91
N ILE C 245 -30.66 30.95 -24.74
CA ILE C 245 -30.33 32.27 -24.26
C ILE C 245 -31.49 32.85 -23.47
N GLN C 246 -32.71 32.74 -24.01
CA GLN C 246 -33.93 33.22 -23.32
C GLN C 246 -34.12 32.50 -21.97
N ASP C 247 -33.88 31.20 -21.95
CA ASP C 247 -34.08 30.38 -20.76
C ASP C 247 -33.04 30.70 -19.69
N LEU C 248 -31.80 30.91 -20.11
CA LEU C 248 -30.73 31.23 -19.17
C LEU C 248 -30.94 32.62 -18.53
N LYS C 249 -31.38 33.59 -19.32
CA LYS C 249 -31.69 34.93 -18.77
C LYS C 249 -32.86 34.84 -17.79
N PHE C 250 -33.86 34.02 -18.12
CA PHE C 250 -34.96 33.71 -17.20
C PHE C 250 -34.42 33.05 -15.91
N GLY C 251 -33.51 32.11 -16.06
CA GLY C 251 -32.79 31.53 -14.90
C GLY C 251 -32.18 32.59 -13.99
N VAL C 252 -31.49 33.57 -14.57
CA VAL C 252 -30.94 34.68 -13.76
C VAL C 252 -32.04 35.44 -13.02
N GLU C 253 -33.07 35.88 -13.76
CA GLU C 253 -34.20 36.61 -13.17
C GLU C 253 -34.87 35.83 -12.04
N GLN C 254 -34.97 34.51 -12.19
CA GLN C 254 -35.62 33.65 -11.21
C GLN C 254 -34.72 33.21 -10.04
N ASP C 255 -33.47 33.68 -10.03
CA ASP C 255 -32.50 33.38 -8.95
C ASP C 255 -32.23 31.87 -8.79
N VAL C 256 -32.07 31.16 -9.90
CA VAL C 256 -31.74 29.73 -9.84
C VAL C 256 -30.33 29.52 -9.24
N ASP C 257 -30.11 28.35 -8.68
CA ASP C 257 -28.83 28.03 -8.01
C ASP C 257 -27.80 27.47 -8.95
N MET C 258 -28.26 26.80 -10.00
CA MET C 258 -27.38 26.14 -10.93
C MET C 258 -28.06 25.88 -12.28
N VAL C 259 -27.22 25.70 -13.30
CA VAL C 259 -27.66 25.37 -14.63
C VAL C 259 -27.02 24.05 -14.99
N PHE C 260 -27.84 23.11 -15.47
CA PHE C 260 -27.33 21.89 -16.06
C PHE C 260 -27.36 22.15 -17.56
N ALA C 261 -26.19 22.36 -18.14
CA ALA C 261 -26.08 22.72 -19.55
C ALA C 261 -25.95 21.47 -20.43
N SER C 262 -26.97 21.24 -21.26
CA SER C 262 -27.06 20.02 -22.08
C SER C 262 -26.10 20.01 -23.25
N PHE C 263 -25.60 18.80 -23.56
CA PHE C 263 -24.80 18.51 -24.77
C PHE C 263 -23.49 19.31 -24.90
N ILE C 264 -22.84 19.60 -23.76
CA ILE C 264 -21.54 20.29 -23.79
C ILE C 264 -20.49 19.43 -24.53
N ARG C 265 -19.88 20.00 -25.57
CA ARG C 265 -18.92 19.29 -26.42
C ARG C 265 -17.47 19.73 -26.20
N LYS C 266 -17.29 20.94 -25.67
CA LYS C 266 -15.96 21.53 -25.51
C LYS C 266 -16.03 22.75 -24.60
N ALA C 267 -14.86 23.24 -24.21
CA ALA C 267 -14.72 24.39 -23.30
C ALA C 267 -15.50 25.60 -23.79
N SER C 268 -15.37 25.93 -25.07
CA SER C 268 -16.03 27.13 -25.63
C SER C 268 -17.57 27.06 -25.51
N ASP C 269 -18.13 25.85 -25.52
CA ASP C 269 -19.57 25.69 -25.24
C ASP C 269 -19.91 26.20 -23.85
N VAL C 270 -19.08 25.84 -22.88
CA VAL C 270 -19.26 26.27 -21.48
C VAL C 270 -19.09 27.78 -21.36
N HIS C 271 -18.12 28.33 -22.09
CA HIS C 271 -17.85 29.79 -22.05
C HIS C 271 -19.06 30.58 -22.55
N GLU C 272 -19.74 30.07 -23.57
CA GLU C 272 -20.96 30.70 -24.10
C GLU C 272 -22.11 30.72 -23.09
N VAL C 273 -22.30 29.62 -22.36
CA VAL C 273 -23.31 29.57 -21.29
C VAL C 273 -22.96 30.57 -20.20
N ARG C 274 -21.68 30.58 -19.82
CA ARG C 274 -21.17 31.50 -18.78
C ARG C 274 -21.36 32.95 -19.21
N LYS C 275 -21.16 33.23 -20.50
CA LYS C 275 -21.34 34.57 -21.04
C LYS C 275 -22.80 35.08 -20.93
N VAL C 276 -23.76 34.17 -21.15
CA VAL C 276 -25.18 34.54 -21.12
C VAL C 276 -25.62 34.85 -19.69
N LEU C 277 -25.20 34.01 -18.76
CA LEU C 277 -25.42 34.26 -17.34
C LEU C 277 -24.82 35.62 -16.91
N GLY C 278 -23.66 35.95 -17.47
CA GLY C 278 -23.05 37.27 -17.26
C GLY C 278 -22.68 37.59 -15.83
N GLU C 279 -22.38 38.87 -15.56
CA GLU C 279 -22.01 39.29 -14.20
C GLU C 279 -23.14 39.06 -13.22
N LYS C 280 -24.37 39.39 -13.61
CA LYS C 280 -25.55 39.22 -12.74
C LYS C 280 -25.72 37.75 -12.30
N GLY C 281 -25.44 36.82 -13.21
CA GLY C 281 -25.52 35.38 -12.90
C GLY C 281 -24.18 34.71 -12.59
N LYS C 282 -23.17 35.49 -12.24
CA LYS C 282 -21.79 34.96 -12.08
C LYS C 282 -21.66 33.93 -10.95
N ASN C 283 -22.56 33.97 -9.96
CA ASN C 283 -22.51 33.04 -8.83
C ASN C 283 -23.38 31.77 -9.04
N ILE C 284 -24.05 31.70 -10.18
CA ILE C 284 -24.80 30.50 -10.55
C ILE C 284 -23.80 29.41 -11.01
N LYS C 285 -23.91 28.21 -10.45
CA LYS C 285 -23.01 27.11 -10.84
C LYS C 285 -23.41 26.48 -12.18
N ILE C 286 -22.43 26.32 -13.06
CA ILE C 286 -22.64 25.70 -14.36
C ILE C 286 -22.13 24.27 -14.30
N ILE C 287 -23.06 23.32 -14.43
CA ILE C 287 -22.76 21.90 -14.46
C ILE C 287 -22.89 21.45 -15.91
N SER C 288 -21.78 21.03 -16.50
CA SER C 288 -21.79 20.63 -17.87
C SER C 288 -22.26 19.17 -17.98
N LYS C 289 -23.24 18.94 -18.84
CA LYS C 289 -23.76 17.60 -19.09
C LYS C 289 -22.98 16.96 -20.20
N ILE C 290 -22.39 15.80 -19.90
CA ILE C 290 -21.58 15.04 -20.88
C ILE C 290 -22.46 13.93 -21.41
N GLU C 291 -22.85 14.05 -22.67
CA GLU C 291 -23.78 13.11 -23.28
C GLU C 291 -23.48 12.79 -24.75
N ASN C 292 -22.24 13.07 -25.17
CA ASN C 292 -21.79 12.65 -26.49
C ASN C 292 -20.30 12.32 -26.48
N HIS C 293 -19.82 11.78 -27.58
CA HIS C 293 -18.44 11.30 -27.65
C HIS C 293 -17.45 12.45 -27.51
N GLU C 294 -17.74 13.59 -28.13
CA GLU C 294 -16.82 14.74 -28.07
C GLU C 294 -16.68 15.27 -26.64
N GLY C 295 -17.79 15.32 -25.91
CA GLY C 295 -17.77 15.69 -24.49
C GLY C 295 -16.82 14.82 -23.67
N VAL C 296 -16.79 13.52 -23.98
CA VAL C 296 -15.86 12.60 -23.29
C VAL C 296 -14.43 12.88 -23.72
N ARG C 297 -14.21 12.99 -25.02
CA ARG C 297 -12.88 13.26 -25.58
C ARG C 297 -12.29 14.53 -24.99
N ARG C 298 -13.10 15.56 -24.91
CA ARG C 298 -12.65 16.88 -24.49
C ARG C 298 -13.00 17.15 -23.04
N PHE C 299 -13.12 16.09 -22.25
CA PHE C 299 -13.59 16.23 -20.88
C PHE C 299 -12.74 17.17 -20.03
N ASP C 300 -11.42 17.05 -20.12
CA ASP C 300 -10.54 17.81 -19.23
C ASP C 300 -10.75 19.33 -19.39
N GLU C 301 -10.82 19.81 -20.62
CA GLU C 301 -11.00 21.25 -20.86
C GLU C 301 -12.41 21.69 -20.46
N ILE C 302 -13.39 20.77 -20.57
CA ILE C 302 -14.78 21.06 -20.16
C ILE C 302 -14.86 21.21 -18.65
N LEU C 303 -14.25 20.25 -17.94
CA LEU C 303 -14.22 20.24 -16.47
C LEU C 303 -13.54 21.51 -15.93
N GLU C 304 -12.42 21.87 -16.55
CA GLU C 304 -11.68 23.08 -16.17
C GLU C 304 -12.56 24.34 -16.27
N ALA C 305 -13.38 24.41 -17.31
CA ALA C 305 -14.23 25.58 -17.57
C ALA C 305 -15.55 25.54 -16.77
N SER C 306 -15.86 24.40 -16.16
CA SER C 306 -17.14 24.19 -15.48
C SER C 306 -16.99 24.26 -13.96
N ASP C 307 -18.13 24.38 -13.27
CA ASP C 307 -18.18 24.24 -11.82
C ASP C 307 -18.47 22.81 -11.38
N GLY C 308 -18.86 21.97 -12.34
CA GLY C 308 -19.23 20.60 -12.05
C GLY C 308 -19.72 19.89 -13.30
N ILE C 309 -19.98 18.60 -13.15
CA ILE C 309 -20.30 17.71 -14.26
C ILE C 309 -21.52 16.83 -13.95
N MET C 310 -22.32 16.58 -14.99
CA MET C 310 -23.32 15.53 -14.93
C MET C 310 -22.97 14.47 -15.95
N VAL C 311 -22.94 13.23 -15.47
CA VAL C 311 -22.82 12.08 -16.34
C VAL C 311 -24.24 11.78 -16.84
N ALA C 312 -24.54 12.29 -18.03
CA ALA C 312 -25.89 12.24 -18.61
C ALA C 312 -26.02 10.95 -19.42
N ARG C 313 -26.30 9.86 -18.72
CA ARG C 313 -26.11 8.51 -19.26
C ARG C 313 -27.11 8.13 -20.34
N GLY C 314 -28.23 8.83 -20.39
CA GLY C 314 -29.29 8.56 -21.39
C GLY C 314 -28.78 8.71 -22.80
N ASP C 315 -28.52 9.95 -23.21
CA ASP C 315 -27.97 10.21 -24.53
C ASP C 315 -26.58 9.62 -24.69
N LEU C 316 -25.78 9.64 -23.63
CA LEU C 316 -24.42 9.12 -23.71
C LEU C 316 -24.42 7.67 -24.19
N GLY C 317 -25.32 6.85 -23.65
CA GLY C 317 -25.42 5.43 -24.04
C GLY C 317 -26.04 5.16 -25.41
N ILE C 318 -26.43 6.23 -26.11
CA ILE C 318 -26.85 6.15 -27.51
C ILE C 318 -25.73 6.66 -28.41
N GLU C 319 -25.07 7.74 -27.97
CA GLU C 319 -23.98 8.35 -28.73
C GLU C 319 -22.74 7.48 -28.77
N ILE C 320 -22.48 6.74 -27.69
CA ILE C 320 -21.43 5.70 -27.68
C ILE C 320 -22.08 4.35 -27.41
N PRO C 321 -21.35 3.23 -27.66
CA PRO C 321 -21.95 1.93 -27.37
C PRO C 321 -22.33 1.80 -25.90
N ALA C 322 -23.50 1.23 -25.65
CA ALA C 322 -24.06 1.19 -24.29
C ALA C 322 -23.10 0.49 -23.31
N GLU C 323 -22.38 -0.49 -23.80
CA GLU C 323 -21.43 -1.23 -22.95
C GLU C 323 -20.23 -0.42 -22.45
N LYS C 324 -19.99 0.76 -23.05
CA LYS C 324 -18.87 1.61 -22.64
C LYS C 324 -19.27 2.71 -21.66
N VAL C 325 -20.57 2.87 -21.39
CA VAL C 325 -21.01 3.95 -20.52
C VAL C 325 -20.42 3.86 -19.11
N PHE C 326 -20.29 2.65 -18.55
CA PHE C 326 -19.75 2.51 -17.19
C PHE C 326 -18.29 3.02 -17.15
N LEU C 327 -17.57 2.88 -18.26
CA LEU C 327 -16.18 3.38 -18.34
C LEU C 327 -16.14 4.91 -18.29
N ALA C 328 -17.01 5.54 -19.07
CA ALA C 328 -17.10 7.00 -19.09
C ALA C 328 -17.59 7.54 -17.75
N GLN C 329 -18.54 6.85 -17.13
CA GLN C 329 -19.04 7.24 -15.80
C GLN C 329 -17.93 7.23 -14.75
N LYS C 330 -17.20 6.12 -14.66
CA LYS C 330 -16.16 5.96 -13.66
C LYS C 330 -14.97 6.87 -13.94
N MET C 331 -14.64 7.09 -15.21
CA MET C 331 -13.61 8.06 -15.59
C MET C 331 -13.99 9.46 -15.12
N MET C 332 -15.21 9.89 -15.45
CA MET C 332 -15.66 11.24 -15.13
C MET C 332 -15.82 11.48 -13.64
N ILE C 333 -16.41 10.54 -12.93
CA ILE C 333 -16.46 10.62 -11.47
C ILE C 333 -15.05 10.68 -10.84
N GLY C 334 -14.15 9.81 -11.29
CA GLY C 334 -12.76 9.83 -10.81
C GLY C 334 -12.09 11.18 -11.05
N ARG C 335 -12.22 11.72 -12.25
CA ARG C 335 -11.57 12.99 -12.59
C ARG C 335 -12.17 14.16 -11.81
N CYS C 336 -13.47 14.11 -11.55
CA CYS C 336 -14.14 15.14 -10.74
C CYS C 336 -13.73 15.07 -9.26
N ASN C 337 -13.66 13.85 -8.72
CA ASN C 337 -13.16 13.65 -7.35
C ASN C 337 -11.72 14.19 -7.21
N ARG C 338 -10.90 13.94 -8.24
CA ARG C 338 -9.50 14.37 -8.27
C ARG C 338 -9.39 15.90 -8.35
N ALA C 339 -10.34 16.52 -9.05
CA ALA C 339 -10.35 17.99 -9.22
C ALA C 339 -11.11 18.69 -8.10
N GLY C 340 -11.81 17.91 -7.27
CA GLY C 340 -12.61 18.48 -6.21
C GLY C 340 -13.83 19.22 -6.74
N LYS C 341 -14.39 18.75 -7.87
CA LYS C 341 -15.59 19.37 -8.44
C LYS C 341 -16.76 18.41 -8.41
N PRO C 342 -17.97 18.92 -8.04
CA PRO C 342 -19.17 18.10 -7.97
C PRO C 342 -19.45 17.29 -9.24
N VAL C 343 -19.83 16.04 -9.05
CA VAL C 343 -20.27 15.21 -10.15
C VAL C 343 -21.59 14.55 -9.80
N ILE C 344 -22.49 14.52 -10.79
CA ILE C 344 -23.81 13.98 -10.70
C ILE C 344 -23.93 12.74 -11.61
N CYS C 345 -24.40 11.62 -11.05
CA CYS C 345 -24.78 10.46 -11.86
C CYS C 345 -26.28 10.52 -12.13
N ALA C 346 -26.66 10.42 -13.40
CA ALA C 346 -28.05 10.67 -13.82
C ALA C 346 -28.56 9.62 -14.77
N THR C 347 -29.88 9.45 -14.73
CA THR C 347 -30.67 8.80 -15.78
C THR C 347 -30.87 7.29 -15.62
N GLN C 348 -32.14 6.90 -15.52
CA GLN C 348 -32.58 5.51 -15.41
C GLN C 348 -32.07 4.77 -14.18
N MET C 349 -31.72 5.52 -13.13
CA MET C 349 -31.17 4.90 -11.92
C MET C 349 -32.18 3.98 -11.26
N LEU C 350 -33.45 4.41 -11.27
CA LEU C 350 -34.56 3.63 -10.72
C LEU C 350 -35.75 3.57 -11.71
N GLU C 351 -35.42 3.34 -12.98
CA GLU C 351 -36.37 3.47 -14.10
C GLU C 351 -37.71 2.72 -13.96
N SER C 352 -37.65 1.47 -13.52
CA SER C 352 -38.86 0.64 -13.34
C SER C 352 -39.82 1.21 -12.31
N MET C 353 -39.35 2.11 -11.45
CA MET C 353 -40.22 2.71 -10.45
C MET C 353 -41.16 3.80 -11.03
N ILE C 354 -41.00 4.11 -12.31
CA ILE C 354 -42.00 4.93 -13.03
C ILE C 354 -43.37 4.22 -12.97
N LYS C 355 -43.36 2.90 -13.13
CA LYS C 355 -44.58 2.07 -13.15
C LYS C 355 -44.74 1.15 -11.90
N LYS C 356 -43.65 0.86 -11.19
CA LYS C 356 -43.68 -0.12 -10.09
C LYS C 356 -43.30 0.48 -8.73
N PRO C 357 -43.87 -0.05 -7.63
CA PRO C 357 -43.64 0.50 -6.30
C PRO C 357 -42.24 0.21 -5.76
N ARG C 358 -41.51 -0.72 -6.38
CA ARG C 358 -40.12 -0.97 -6.00
C ARG C 358 -39.23 -1.23 -7.21
N PRO C 359 -37.89 -1.08 -7.01
CA PRO C 359 -36.95 -1.15 -8.12
C PRO C 359 -36.48 -2.58 -8.39
N THR C 360 -35.79 -2.76 -9.51
CA THR C 360 -35.15 -4.03 -9.81
C THR C 360 -33.82 -4.12 -9.05
N ARG C 361 -33.19 -5.30 -9.07
CA ARG C 361 -31.92 -5.49 -8.38
C ARG C 361 -30.78 -4.75 -9.08
N ALA C 362 -30.87 -4.63 -10.40
CA ALA C 362 -29.87 -3.86 -11.16
C ALA C 362 -29.93 -2.38 -10.83
N GLU C 363 -31.15 -1.87 -10.60
CA GLU C 363 -31.35 -0.49 -10.22
C GLU C 363 -30.81 -0.25 -8.81
N GLY C 364 -31.11 -1.15 -7.89
CA GLY C 364 -30.52 -1.09 -6.53
C GLY C 364 -29.00 -1.01 -6.59
N SER C 365 -28.42 -1.91 -7.39
CA SER C 365 -26.97 -1.98 -7.61
C SER C 365 -26.41 -0.68 -8.19
N ASP C 366 -27.05 -0.17 -9.22
CA ASP C 366 -26.65 1.06 -9.88
C ASP C 366 -26.56 2.25 -8.93
N VAL C 367 -27.57 2.42 -8.08
CA VAL C 367 -27.54 3.53 -7.13
C VAL C 367 -26.35 3.36 -6.16
N ALA C 368 -26.19 2.16 -5.61
CA ALA C 368 -25.11 1.88 -4.66
C ALA C 368 -23.74 2.10 -5.30
N ASN C 369 -23.56 1.61 -6.52
CA ASN C 369 -22.26 1.71 -7.19
C ASN C 369 -21.90 3.12 -7.63
N ALA C 370 -22.92 3.93 -7.93
CA ALA C 370 -22.69 5.35 -8.22
C ALA C 370 -22.07 6.05 -7.01
N VAL C 371 -22.57 5.69 -5.82
CA VAL C 371 -22.05 6.25 -4.59
C VAL C 371 -20.66 5.71 -4.33
N LEU C 372 -20.46 4.40 -4.50
CA LEU C 372 -19.16 3.80 -4.28
C LEU C 372 -18.11 4.34 -5.27
N ASP C 373 -18.56 4.67 -6.48
CA ASP C 373 -17.70 5.31 -7.50
C ASP C 373 -17.19 6.66 -7.04
N GLY C 374 -18.03 7.40 -6.31
CA GLY C 374 -17.68 8.73 -5.79
C GLY C 374 -18.61 9.87 -6.20
N ALA C 375 -19.79 9.56 -6.75
CA ALA C 375 -20.71 10.60 -7.20
C ALA C 375 -21.14 11.48 -6.03
N ASP C 376 -21.08 12.78 -6.23
CA ASP C 376 -21.55 13.72 -5.20
C ASP C 376 -23.06 13.68 -5.03
N CYS C 377 -23.75 13.57 -6.17
CA CYS C 377 -25.22 13.52 -6.23
C CYS C 377 -25.69 12.41 -7.16
N ILE C 378 -26.92 11.97 -6.90
CA ILE C 378 -27.64 11.08 -7.77
C ILE C 378 -28.94 11.75 -8.16
N MET C 379 -29.55 11.29 -9.25
CA MET C 379 -30.68 12.01 -9.85
C MET C 379 -31.81 11.07 -10.21
N LEU C 380 -33.02 11.64 -10.22
CA LEU C 380 -34.22 10.99 -10.68
C LEU C 380 -34.86 11.89 -11.75
N SER C 381 -35.34 11.29 -12.82
CA SER C 381 -35.93 12.01 -13.92
C SER C 381 -37.42 11.65 -14.03
N GLY C 382 -37.80 10.77 -14.94
CA GLY C 382 -39.20 10.30 -15.06
C GLY C 382 -39.75 9.73 -13.77
N GLU C 383 -38.88 9.11 -12.96
CA GLU C 383 -39.28 8.51 -11.68
C GLU C 383 -39.99 9.51 -10.78
N THR C 384 -39.56 10.77 -10.80
CA THR C 384 -40.18 11.82 -10.00
C THR C 384 -41.05 12.77 -10.82
N ALA C 385 -40.73 12.96 -12.10
CA ALA C 385 -41.43 13.94 -12.94
C ALA C 385 -42.85 13.48 -13.31
N LYS C 386 -42.96 12.21 -13.70
CA LYS C 386 -44.16 11.69 -14.36
C LYS C 386 -44.68 10.36 -13.80
N GLY C 387 -43.88 9.66 -13.01
CA GLY C 387 -44.21 8.29 -12.61
C GLY C 387 -45.26 8.19 -11.51
N ASP C 388 -45.67 6.96 -11.23
CA ASP C 388 -46.71 6.66 -10.24
C ASP C 388 -46.20 6.60 -8.83
N TYR C 389 -44.87 6.64 -8.66
CA TYR C 389 -44.27 6.42 -7.35
C TYR C 389 -43.13 7.39 -7.04
N PRO C 390 -43.37 8.71 -7.22
CA PRO C 390 -42.29 9.70 -7.02
C PRO C 390 -41.68 9.66 -5.63
N LEU C 391 -42.53 9.67 -4.58
CA LEU C 391 -42.00 9.68 -3.22
C LEU C 391 -41.21 8.40 -2.92
N GLU C 392 -41.72 7.27 -3.40
CA GLU C 392 -41.09 5.98 -3.18
C GLU C 392 -39.71 5.93 -3.82
N ALA C 393 -39.59 6.53 -5.01
CA ALA C 393 -38.31 6.61 -5.71
C ALA C 393 -37.30 7.44 -4.92
N VAL C 394 -37.74 8.58 -4.38
CA VAL C 394 -36.89 9.41 -3.55
C VAL C 394 -36.42 8.66 -2.29
N ARG C 395 -37.37 8.04 -1.58
CA ARG C 395 -37.06 7.26 -0.38
C ARG C 395 -36.05 6.15 -0.66
N MET C 396 -36.15 5.52 -1.83
CA MET C 396 -35.28 4.39 -2.15
C MET C 396 -33.86 4.83 -2.38
N GLN C 397 -33.68 5.94 -3.12
CA GLN C 397 -32.34 6.51 -3.30
C GLN C 397 -31.75 6.88 -1.97
N HIS C 398 -32.59 7.42 -1.08
CA HIS C 398 -32.12 7.79 0.26
C HIS C 398 -31.61 6.54 1.00
N LEU C 399 -32.42 5.49 1.04
CA LEU C 399 -32.04 4.25 1.76
C LEU C 399 -30.76 3.64 1.17
N ILE C 400 -30.69 3.52 -0.16
CA ILE C 400 -29.51 2.90 -0.80
C ILE C 400 -28.24 3.73 -0.58
N ALA C 401 -28.34 5.05 -0.79
CA ALA C 401 -27.17 5.94 -0.66
C ALA C 401 -26.53 5.83 0.72
N ARG C 402 -27.36 5.79 1.75
CA ARG C 402 -26.89 5.68 3.13
C ARG C 402 -26.14 4.35 3.38
N GLU C 403 -26.65 3.26 2.83
CA GLU C 403 -25.98 1.96 2.94
C GLU C 403 -24.63 1.97 2.19
N ALA C 404 -24.64 2.51 0.98
CA ALA C 404 -23.44 2.58 0.14
C ALA C 404 -22.36 3.42 0.80
N GLU C 405 -22.76 4.55 1.38
CA GLU C 405 -21.80 5.46 2.01
C GLU C 405 -21.01 4.78 3.14
N ALA C 406 -21.71 3.98 3.93
CA ALA C 406 -21.09 3.21 4.99
C ALA C 406 -20.07 2.18 4.44
N ALA C 407 -20.38 1.63 3.26
CA ALA C 407 -19.57 0.59 2.60
C ALA C 407 -18.36 1.12 1.84
N ILE C 408 -18.18 2.44 1.83
CA ILE C 408 -16.99 3.02 1.22
C ILE C 408 -15.75 2.59 2.02
N TYR C 409 -14.66 2.30 1.30
CA TYR C 409 -13.38 1.95 1.91
C TYR C 409 -12.57 3.22 2.12
N HIS C 410 -12.94 3.98 3.15
CA HIS C 410 -12.36 5.32 3.38
C HIS C 410 -10.86 5.27 3.58
N LEU C 411 -10.38 4.19 4.21
CA LEU C 411 -8.94 4.02 4.48
C LEU C 411 -8.13 4.24 3.19
N GLN C 412 -8.49 3.55 2.11
CA GLN C 412 -7.77 3.73 0.83
C GLN C 412 -8.16 5.03 0.13
N LEU C 413 -9.44 5.39 0.16
CA LEU C 413 -9.90 6.59 -0.52
C LEU C 413 -9.19 7.83 0.01
N PHE C 414 -9.20 7.98 1.32
CA PHE C 414 -8.58 9.13 1.98
C PHE C 414 -7.07 9.15 1.69
N GLU C 415 -6.42 7.99 1.77
CA GLU C 415 -4.99 7.89 1.44
C GLU C 415 -4.70 8.38 0.03
N GLU C 416 -5.51 7.96 -0.94
CA GLU C 416 -5.28 8.34 -2.33
C GLU C 416 -5.57 9.81 -2.62
N LEU C 417 -6.61 10.34 -1.98
CA LEU C 417 -6.98 11.76 -2.14
C LEU C 417 -5.88 12.65 -1.57
N ARG C 418 -5.40 12.31 -0.38
CA ARG C 418 -4.25 12.99 0.24
C ARG C 418 -2.98 12.89 -0.61
N ARG C 419 -2.74 11.71 -1.18
CA ARG C 419 -1.54 11.48 -2.02
C ARG C 419 -1.62 12.25 -3.34
N LEU C 420 -2.79 12.22 -3.98
CA LEU C 420 -2.98 12.91 -5.26
C LEU C 420 -3.21 14.42 -5.08
N ALA C 421 -3.37 14.85 -3.82
CA ALA C 421 -3.57 16.27 -3.49
C ALA C 421 -2.21 16.97 -3.36
N PRO C 422 -2.04 18.10 -4.07
CA PRO C 422 -0.83 18.92 -3.92
C PRO C 422 -0.65 19.46 -2.49
N ILE C 423 0.58 19.39 -1.98
CA ILE C 423 0.94 20.00 -0.69
C ILE C 423 1.18 21.50 -0.92
N THR C 424 0.37 22.35 -0.27
CA THR C 424 0.34 23.78 -0.57
C THR C 424 0.47 24.63 0.68
N SER C 425 0.68 25.93 0.48
CA SER C 425 0.80 26.89 1.57
C SER C 425 -0.56 27.46 2.00
N ASP C 426 -1.65 26.85 1.56
CA ASP C 426 -3.00 27.32 1.88
C ASP C 426 -3.42 26.81 3.26
N PRO C 427 -3.57 27.73 4.25
CA PRO C 427 -3.95 27.35 5.62
C PRO C 427 -5.28 26.63 5.73
N THR C 428 -6.22 26.96 4.85
CA THR C 428 -7.58 26.40 4.90
C THR C 428 -7.58 24.94 4.41
N GLU C 429 -6.79 24.66 3.39
CA GLU C 429 -6.61 23.29 2.91
C GLU C 429 -6.04 22.39 4.01
N ALA C 430 -5.00 22.88 4.68
CA ALA C 430 -4.33 22.14 5.77
C ALA C 430 -5.29 21.91 6.96
N THR C 431 -6.07 22.93 7.30
CA THR C 431 -7.07 22.78 8.35
C THR C 431 -8.12 21.76 7.96
N ALA C 432 -8.54 21.78 6.70
CA ALA C 432 -9.55 20.86 6.19
C ALA C 432 -9.06 19.41 6.26
N VAL C 433 -7.88 19.14 5.73
CA VAL C 433 -7.33 17.76 5.78
C VAL C 433 -7.11 17.32 7.24
N GLY C 434 -6.64 18.23 8.08
CA GLY C 434 -6.49 17.96 9.52
C GLY C 434 -7.80 17.57 10.18
N ALA C 435 -8.86 18.32 9.86
CA ALA C 435 -10.19 18.09 10.40
C ALA C 435 -10.75 16.72 9.97
N VAL C 436 -10.60 16.38 8.69
CA VAL C 436 -11.00 15.05 8.21
C VAL C 436 -10.20 13.94 8.91
N GLU C 437 -8.88 14.10 9.02
CA GLU C 437 -8.05 13.11 9.74
C GLU C 437 -8.53 12.96 11.17
N ALA C 438 -8.70 14.09 11.85
CA ALA C 438 -9.23 14.09 13.20
C ALA C 438 -10.59 13.38 13.32
N SER C 439 -11.47 13.56 12.32
CA SER C 439 -12.81 12.93 12.35
C SER C 439 -12.71 11.40 12.26
N PHE C 440 -11.74 10.90 11.51
CA PHE C 440 -11.51 9.46 11.44
C PHE C 440 -10.99 8.93 12.78
N LYS C 441 -10.07 9.68 13.39
CA LYS C 441 -9.42 9.25 14.64
C LYS C 441 -10.40 9.07 15.80
N CYS C 442 -11.37 9.98 15.93
CA CYS C 442 -12.36 9.89 17.01
C CYS C 442 -13.73 9.47 16.50
N CYS C 443 -13.82 9.06 15.23
CA CYS C 443 -15.07 8.62 14.62
C CYS C 443 -16.20 9.60 14.97
N SER C 444 -15.98 10.87 14.64
CA SER C 444 -16.86 11.94 15.09
C SER C 444 -18.27 11.85 14.51
N GLY C 445 -19.23 12.42 15.24
CA GLY C 445 -20.61 12.48 14.78
C GLY C 445 -20.83 13.45 13.63
N ALA C 446 -19.90 14.40 13.47
CA ALA C 446 -19.98 15.40 12.41
C ALA C 446 -18.70 16.24 12.35
N ILE C 447 -18.50 16.87 11.20
CA ILE C 447 -17.59 17.99 11.06
C ILE C 447 -18.47 19.23 10.83
N ILE C 448 -18.55 20.10 11.84
CA ILE C 448 -19.32 21.34 11.75
C ILE C 448 -18.43 22.44 11.20
N VAL C 449 -18.85 23.08 10.13
CA VAL C 449 -18.05 24.06 9.44
C VAL C 449 -18.84 25.36 9.34
N LEU C 450 -18.30 26.46 9.89
CA LEU C 450 -18.96 27.76 9.75
C LEU C 450 -18.41 28.37 8.47
N THR C 451 -19.32 28.71 7.54
CA THR C 451 -18.88 29.14 6.20
C THR C 451 -19.83 30.17 5.56
N LYS C 452 -19.25 31.23 5.00
CA LYS C 452 -20.02 32.26 4.30
C LYS C 452 -20.23 31.89 2.83
N SER C 453 -19.14 31.59 2.12
CA SER C 453 -19.20 31.28 0.67
C SER C 453 -19.38 29.78 0.41
N GLY C 454 -19.23 28.96 1.45
CA GLY C 454 -19.30 27.51 1.33
C GLY C 454 -17.94 26.84 1.11
N ARG C 455 -16.94 27.64 0.67
CA ARG C 455 -15.63 27.10 0.25
C ARG C 455 -15.01 26.17 1.29
N SER C 456 -15.00 26.61 2.55
CA SER C 456 -14.41 25.83 3.64
C SER C 456 -15.02 24.42 3.71
N ALA C 457 -16.35 24.36 3.63
CA ALA C 457 -17.06 23.08 3.64
C ALA C 457 -16.79 22.23 2.36
N HIS C 458 -16.69 22.88 1.20
CA HIS C 458 -16.32 22.16 -0.04
C HIS C 458 -14.92 21.55 0.11
N GLN C 459 -14.01 22.29 0.72
CA GLN C 459 -12.63 21.84 0.91
C GLN C 459 -12.58 20.62 1.82
N VAL C 460 -13.45 20.56 2.82
CA VAL C 460 -13.56 19.36 3.67
C VAL C 460 -14.19 18.19 2.89
N ALA C 461 -15.21 18.50 2.09
CA ALA C 461 -15.95 17.47 1.36
C ALA C 461 -15.06 16.72 0.37
N ARG C 462 -14.12 17.41 -0.24
CA ARG C 462 -13.28 16.79 -1.26
C ARG C 462 -12.37 15.70 -0.70
N TYR C 463 -12.17 15.66 0.63
CA TYR C 463 -11.39 14.57 1.25
C TYR C 463 -12.24 13.40 1.73
N ARG C 464 -13.55 13.49 1.50
CA ARG C 464 -14.47 12.38 1.71
C ARG C 464 -14.47 11.77 3.12
N PRO C 465 -14.69 12.62 4.15
CA PRO C 465 -14.89 12.08 5.49
C PRO C 465 -16.11 11.19 5.58
N ARG C 466 -16.08 10.25 6.52
CA ARG C 466 -17.23 9.44 6.85
C ARG C 466 -18.28 10.30 7.57
N ALA C 467 -17.82 11.14 8.49
CA ALA C 467 -18.69 12.01 9.28
C ALA C 467 -19.42 13.02 8.38
N PRO C 468 -20.71 13.26 8.65
CA PRO C 468 -21.45 14.28 7.92
C PRO C 468 -20.88 15.67 8.18
N ILE C 469 -20.89 16.51 7.15
CA ILE C 469 -20.36 17.85 7.24
C ILE C 469 -21.54 18.81 7.37
N ILE C 470 -21.78 19.28 8.59
CA ILE C 470 -22.85 20.26 8.82
C ILE C 470 -22.31 21.66 8.55
N ALA C 471 -22.70 22.23 7.41
CA ALA C 471 -22.21 23.53 7.01
C ALA C 471 -23.20 24.59 7.47
N VAL C 472 -22.78 25.41 8.45
CA VAL C 472 -23.61 26.49 8.99
C VAL C 472 -23.26 27.78 8.29
N THR C 473 -24.23 28.35 7.57
CA THR C 473 -24.06 29.60 6.85
C THR C 473 -25.25 30.53 7.07
N ARG C 474 -25.01 31.83 6.94
CA ARG C 474 -26.09 32.81 6.92
C ARG C 474 -26.50 33.17 5.49
N ASN C 475 -25.73 32.67 4.50
CA ASN C 475 -25.95 32.97 3.09
C ASN C 475 -26.87 31.91 2.44
N PRO C 476 -28.11 32.31 2.06
CA PRO C 476 -29.09 31.34 1.52
C PRO C 476 -28.62 30.60 0.28
N GLN C 477 -27.96 31.29 -0.64
CA GLN C 477 -27.48 30.66 -1.85
C GLN C 477 -26.37 29.66 -1.54
N THR C 478 -25.49 30.03 -0.61
CA THR C 478 -24.43 29.12 -0.17
C THR C 478 -25.03 27.84 0.33
N ALA C 479 -26.04 27.96 1.20
CA ALA C 479 -26.75 26.82 1.76
C ALA C 479 -27.40 25.94 0.68
N ARG C 480 -27.98 26.55 -0.35
CA ARG C 480 -28.63 25.78 -1.41
C ARG C 480 -27.62 25.08 -2.32
N GLN C 481 -26.56 25.79 -2.72
CA GLN C 481 -25.57 25.23 -3.63
C GLN C 481 -24.69 24.16 -2.96
N ALA C 482 -24.62 24.20 -1.61
CA ALA C 482 -23.83 23.22 -0.86
C ALA C 482 -24.22 21.78 -1.15
N HIS C 483 -25.49 21.57 -1.55
CA HIS C 483 -26.03 20.25 -1.88
C HIS C 483 -25.30 19.54 -3.01
N LEU C 484 -24.57 20.28 -3.84
CA LEU C 484 -23.74 19.68 -4.89
C LEU C 484 -22.56 18.85 -4.35
N TYR C 485 -22.20 19.03 -3.08
CA TYR C 485 -21.02 18.35 -2.50
C TYR C 485 -21.38 17.20 -1.57
N ARG C 486 -20.84 16.02 -1.87
CA ARG C 486 -20.99 14.85 -1.00
C ARG C 486 -20.68 15.21 0.45
N GLY C 487 -21.58 14.84 1.36
CA GLY C 487 -21.33 14.97 2.78
C GLY C 487 -21.83 16.26 3.40
N ILE C 488 -22.07 17.29 2.59
CA ILE C 488 -22.48 18.58 3.16
C ILE C 488 -23.97 18.55 3.46
N PHE C 489 -24.29 18.77 4.74
CA PHE C 489 -25.65 18.98 5.20
C PHE C 489 -25.77 20.46 5.56
N PRO C 490 -26.35 21.26 4.62
CA PRO C 490 -26.36 22.71 4.81
C PRO C 490 -27.46 23.13 5.76
N VAL C 491 -27.14 24.04 6.67
CA VAL C 491 -28.16 24.63 7.56
C VAL C 491 -28.05 26.15 7.49
N LEU C 492 -29.21 26.81 7.36
CA LEU C 492 -29.24 28.26 7.20
C LEU C 492 -29.54 28.92 8.55
N CYS C 493 -28.57 29.67 9.06
CA CYS C 493 -28.74 30.38 10.31
C CYS C 493 -29.39 31.71 10.01
N LYS C 494 -30.53 31.98 10.63
CA LYS C 494 -31.28 33.22 10.41
C LYS C 494 -31.17 34.21 11.60
N ASP C 495 -30.46 33.80 12.67
CA ASP C 495 -30.29 34.67 13.84
C ASP C 495 -29.44 35.87 13.49
N PRO C 496 -29.70 37.03 14.13
CA PRO C 496 -28.84 38.19 13.89
C PRO C 496 -27.40 37.95 14.36
N VAL C 497 -26.47 38.72 13.79
CA VAL C 497 -25.09 38.65 14.21
C VAL C 497 -24.97 39.22 15.62
N GLN C 498 -24.30 38.48 16.51
CA GLN C 498 -24.13 38.92 17.90
C GLN C 498 -23.02 39.94 18.01
N GLU C 499 -23.09 40.78 19.04
CA GLU C 499 -22.09 41.80 19.25
C GLU C 499 -20.74 41.15 19.54
N ALA C 500 -20.74 40.17 20.44
CA ALA C 500 -19.53 39.46 20.79
C ALA C 500 -19.30 38.33 19.80
N TRP C 501 -18.13 38.34 19.15
CA TRP C 501 -17.84 37.36 18.10
C TRP C 501 -17.79 35.91 18.62
N ALA C 502 -17.18 35.70 19.79
CA ALA C 502 -17.14 34.37 20.40
C ALA C 502 -18.56 33.84 20.61
N GLU C 503 -19.46 34.71 21.06
CA GLU C 503 -20.86 34.35 21.26
C GLU C 503 -21.60 34.10 19.94
N ASP C 504 -21.22 34.81 18.88
CA ASP C 504 -21.83 34.58 17.56
C ASP C 504 -21.37 33.24 16.98
N VAL C 505 -20.11 32.90 17.19
CA VAL C 505 -19.58 31.57 16.81
C VAL C 505 -20.34 30.47 17.57
N ASP C 506 -20.42 30.62 18.90
CA ASP C 506 -21.08 29.63 19.75
C ASP C 506 -22.56 29.45 19.42
N LEU C 507 -23.22 30.55 19.05
CA LEU C 507 -24.61 30.51 18.61
C LEU C 507 -24.74 29.62 17.35
N ARG C 508 -23.86 29.81 16.40
CA ARG C 508 -23.91 29.04 15.16
C ARG C 508 -23.49 27.58 15.36
N VAL C 509 -22.45 27.36 16.17
CA VAL C 509 -22.04 26.00 16.52
C VAL C 509 -23.16 25.26 17.23
N ASN C 510 -23.76 25.88 18.25
CA ASN C 510 -24.85 25.25 18.99
C ASN C 510 -26.09 25.00 18.13
N PHE C 511 -26.29 25.87 17.15
CA PHE C 511 -27.32 25.68 16.13
C PHE C 511 -27.08 24.33 15.42
N ALA C 512 -25.85 24.11 14.96
CA ALA C 512 -25.48 22.82 14.33
C ALA C 512 -25.69 21.61 15.27
N MET C 513 -25.32 21.78 16.55
CA MET C 513 -25.52 20.74 17.56
C MET C 513 -27.00 20.36 17.69
N ASN C 514 -27.86 21.37 17.70
CA ASN C 514 -29.29 21.16 17.83
C ASN C 514 -29.92 20.54 16.59
N VAL C 515 -29.44 20.90 15.41
CA VAL C 515 -29.90 20.24 14.17
C VAL C 515 -29.46 18.76 14.21
N GLY C 516 -28.18 18.54 14.52
CA GLY C 516 -27.62 17.19 14.54
C GLY C 516 -28.38 16.27 15.48
N LYS C 517 -28.62 16.75 16.69
CA LYS C 517 -29.41 16.01 17.68
C LYS C 517 -30.85 15.75 17.19
N ALA C 518 -31.51 16.79 16.70
CA ALA C 518 -32.90 16.66 16.22
C ALA C 518 -33.00 15.62 15.08
N ARG C 519 -32.03 15.65 14.17
CA ARG C 519 -31.97 14.72 13.04
C ARG C 519 -31.44 13.33 13.41
N GLY C 520 -30.97 13.16 14.64
CA GLY C 520 -30.44 11.88 15.10
C GLY C 520 -29.04 11.56 14.58
N PHE C 521 -28.30 12.58 14.13
CA PHE C 521 -26.92 12.36 13.66
C PHE C 521 -25.98 12.03 14.80
N PHE C 522 -26.28 12.53 16.00
CA PHE C 522 -25.49 12.28 17.20
C PHE C 522 -26.28 12.68 18.44
N LYS C 523 -25.73 12.39 19.62
CA LYS C 523 -26.39 12.68 20.90
C LYS C 523 -25.41 13.34 21.87
N LYS C 524 -25.95 13.84 22.99
CA LYS C 524 -25.13 14.45 24.03
C LYS C 524 -24.03 13.46 24.46
N GLY C 525 -22.79 13.94 24.54
CA GLY C 525 -21.65 13.07 24.93
C GLY C 525 -20.80 12.58 23.77
N ASP C 526 -21.36 12.56 22.56
CA ASP C 526 -20.57 12.26 21.35
C ASP C 526 -19.55 13.38 21.10
N VAL C 527 -18.52 13.09 20.30
CA VAL C 527 -17.51 14.09 19.96
C VAL C 527 -17.68 14.54 18.51
N VAL C 528 -17.60 15.85 18.28
CA VAL C 528 -17.68 16.43 16.94
C VAL C 528 -16.47 17.30 16.68
N ILE C 529 -16.16 17.52 15.41
CA ILE C 529 -15.11 18.42 14.99
C ILE C 529 -15.78 19.72 14.55
N VAL C 530 -15.22 20.86 14.98
CA VAL C 530 -15.75 22.19 14.65
C VAL C 530 -14.69 23.04 13.96
N LEU C 531 -15.01 23.56 12.77
CA LEU C 531 -14.12 24.41 12.02
C LEU C 531 -14.65 25.83 11.95
N THR C 532 -13.84 26.77 12.44
CA THR C 532 -14.20 28.17 12.41
C THR C 532 -12.97 28.98 12.00
N GLY C 533 -13.12 30.31 11.97
CA GLY C 533 -11.98 31.22 11.93
C GLY C 533 -11.49 31.41 13.35
N TRP C 534 -10.29 31.99 13.50
CA TRP C 534 -9.73 32.25 14.85
C TRP C 534 -10.11 33.63 15.36
N ARG C 535 -10.04 34.63 14.48
CA ARG C 535 -10.39 35.99 14.81
C ARG C 535 -11.43 36.51 13.80
N PRO C 536 -12.21 37.54 14.17
CA PRO C 536 -13.33 38.03 13.34
C PRO C 536 -12.95 38.33 11.88
N PHE C 540 -11.16 33.51 6.52
CA PHE C 540 -10.17 32.44 6.49
C PHE C 540 -10.41 31.42 7.63
N THR C 541 -10.90 30.23 7.25
CA THR C 541 -11.13 29.16 8.22
C THR C 541 -9.81 28.48 8.53
N ASN C 542 -9.41 28.50 9.80
CA ASN C 542 -8.13 27.92 10.19
C ASN C 542 -8.07 27.36 11.62
N THR C 543 -9.24 27.16 12.24
CA THR C 543 -9.32 26.68 13.61
C THR C 543 -10.18 25.43 13.67
N MET C 544 -9.59 24.35 14.20
CA MET C 544 -10.28 23.10 14.37
C MET C 544 -10.36 22.80 15.85
N ARG C 545 -11.56 22.49 16.33
CA ARG C 545 -11.74 22.12 17.72
C ARG C 545 -12.46 20.81 17.83
N VAL C 546 -11.99 19.99 18.77
CA VAL C 546 -12.61 18.74 19.08
C VAL C 546 -13.43 18.96 20.34
N VAL C 547 -14.75 18.95 20.19
CA VAL C 547 -15.65 19.35 21.26
C VAL C 547 -16.73 18.28 21.47
N PRO C 548 -17.21 18.12 22.73
CA PRO C 548 -18.28 17.16 22.99
C PRO C 548 -19.65 17.77 22.71
N VAL C 549 -20.61 16.95 22.34
CA VAL C 549 -21.97 17.41 22.09
C VAL C 549 -22.63 17.70 23.45
N PRO C 550 -23.17 18.92 23.64
CA PRO C 550 -23.81 19.25 24.93
C PRO C 550 -25.17 18.58 25.12
N GLN D 33 -2.70 1.61 -25.06
CA GLN D 33 -3.77 2.04 -26.03
C GLN D 33 -4.92 1.03 -26.13
N THR D 34 -4.65 -0.26 -26.01
CA THR D 34 -5.73 -1.27 -26.02
C THR D 34 -5.97 -1.84 -24.63
N GLN D 35 -7.11 -2.50 -24.45
CA GLN D 35 -7.50 -3.19 -23.18
C GLN D 35 -7.21 -2.42 -21.88
N GLN D 36 -7.35 -1.09 -21.95
CA GLN D 36 -7.16 -0.21 -20.79
C GLN D 36 -5.79 -0.39 -20.14
N LEU D 37 -4.75 -0.59 -20.96
CA LEU D 37 -3.39 -0.79 -20.43
C LEU D 37 -2.77 0.49 -19.88
N HIS D 38 -3.27 1.67 -20.30
CA HIS D 38 -2.84 2.93 -19.68
C HIS D 38 -3.37 2.97 -18.23
N ALA D 39 -4.66 2.68 -18.07
CA ALA D 39 -5.28 2.58 -16.76
C ALA D 39 -4.64 1.46 -15.91
N ALA D 40 -4.21 0.37 -16.57
CA ALA D 40 -3.58 -0.76 -15.88
C ALA D 40 -2.31 -0.32 -15.13
N MET D 41 -1.63 0.70 -15.65
CA MET D 41 -0.35 1.18 -15.09
C MET D 41 -0.46 2.19 -13.94
N ALA D 42 -1.69 2.59 -13.58
CA ALA D 42 -1.88 3.60 -12.54
C ALA D 42 -1.41 3.10 -11.19
N ASP D 43 -0.71 3.96 -10.44
CA ASP D 43 -0.21 3.59 -9.13
C ASP D 43 -1.29 3.67 -8.05
N THR D 44 -2.42 4.32 -8.35
CA THR D 44 -3.54 4.36 -7.41
C THR D 44 -4.85 3.93 -8.12
N PHE D 45 -5.84 3.50 -7.35
CA PHE D 45 -7.17 3.19 -7.93
C PHE D 45 -7.83 4.43 -8.50
N LEU D 46 -7.77 5.53 -7.77
CA LEU D 46 -8.28 6.79 -8.28
C LEU D 46 -7.72 7.10 -9.66
N GLU D 47 -6.39 7.05 -9.82
CA GLU D 47 -5.79 7.34 -11.13
C GLU D 47 -6.18 6.29 -12.18
N HIS D 48 -6.33 5.04 -11.75
CA HIS D 48 -6.86 3.98 -12.61
C HIS D 48 -8.25 4.39 -13.16
N MET D 49 -9.15 4.80 -12.28
CA MET D 49 -10.49 5.30 -12.71
C MET D 49 -10.33 6.43 -13.74
N CYS D 50 -9.50 7.41 -13.41
CA CYS D 50 -9.30 8.58 -14.27
C CYS D 50 -8.81 8.26 -15.68
N ARG D 51 -8.13 7.11 -15.85
CA ARG D 51 -7.56 6.74 -17.15
C ARG D 51 -8.45 5.79 -17.97
N LEU D 52 -9.53 5.27 -17.38
CA LEU D 52 -10.46 4.42 -18.12
C LEU D 52 -10.91 5.15 -19.39
N ASP D 53 -10.81 4.46 -20.52
CA ASP D 53 -10.86 5.11 -21.82
C ASP D 53 -11.81 4.38 -22.78
N ILE D 54 -12.92 5.04 -23.12
CA ILE D 54 -13.91 4.43 -24.01
C ILE D 54 -13.38 4.18 -25.41
N ASP D 55 -12.23 4.76 -25.76
CA ASP D 55 -11.59 4.54 -27.07
C ASP D 55 -10.39 3.58 -26.98
N SER D 56 -10.22 2.95 -25.83
CA SER D 56 -9.28 1.84 -25.69
C SER D 56 -10.04 0.51 -25.89
N PRO D 57 -9.94 -0.09 -27.09
CA PRO D 57 -10.72 -1.29 -27.36
C PRO D 57 -10.23 -2.50 -26.55
N PRO D 58 -11.15 -3.37 -26.09
CA PRO D 58 -10.71 -4.57 -25.39
C PRO D 58 -10.18 -5.63 -26.34
N ILE D 59 -9.57 -6.68 -25.79
CA ILE D 59 -9.17 -7.87 -26.57
C ILE D 59 -10.41 -8.69 -26.95
N THR D 60 -10.22 -9.70 -27.79
CA THR D 60 -11.32 -10.56 -28.24
C THR D 60 -11.90 -11.39 -27.10
N ALA D 61 -11.01 -11.88 -26.23
CA ALA D 61 -11.38 -12.84 -25.20
C ALA D 61 -12.29 -12.23 -24.14
N ARG D 62 -13.37 -12.93 -23.82
CA ARG D 62 -14.27 -12.55 -22.74
C ARG D 62 -14.25 -13.64 -21.66
N ASN D 63 -13.81 -13.26 -20.46
CA ASN D 63 -13.50 -14.20 -19.38
C ASN D 63 -14.71 -14.67 -18.55
N THR D 64 -15.74 -13.84 -18.46
CA THR D 64 -16.86 -14.12 -17.57
C THR D 64 -17.85 -15.04 -18.23
N GLY D 65 -18.13 -16.18 -17.59
CA GLY D 65 -19.13 -17.12 -18.09
C GLY D 65 -20.52 -16.51 -18.11
N ILE D 66 -21.29 -16.78 -19.17
CA ILE D 66 -22.67 -16.32 -19.29
C ILE D 66 -23.60 -17.52 -19.20
N ILE D 67 -24.50 -17.47 -18.23
CA ILE D 67 -25.45 -18.51 -17.96
C ILE D 67 -26.80 -18.03 -18.49
N CYS D 68 -27.41 -18.79 -19.40
CA CYS D 68 -28.70 -18.41 -20.02
C CYS D 68 -29.79 -19.39 -19.64
N THR D 69 -30.87 -18.86 -19.07
CA THR D 69 -32.06 -19.66 -18.76
C THR D 69 -32.80 -19.97 -20.06
N ILE D 70 -33.01 -21.26 -20.31
CA ILE D 70 -33.68 -21.68 -21.54
C ILE D 70 -35.17 -21.82 -21.30
N GLY D 71 -35.96 -21.39 -22.28
CA GLY D 71 -37.41 -21.46 -22.18
C GLY D 71 -38.01 -21.31 -23.57
N PRO D 72 -39.31 -20.96 -23.64
CA PRO D 72 -40.02 -20.80 -24.92
C PRO D 72 -39.32 -19.94 -25.97
N ALA D 73 -38.64 -18.86 -25.56
CA ALA D 73 -37.99 -17.97 -26.51
C ALA D 73 -36.66 -18.50 -27.08
N SER D 74 -36.06 -19.49 -26.42
CA SER D 74 -34.67 -19.90 -26.70
C SER D 74 -34.47 -21.41 -26.84
N ARG D 75 -35.58 -22.13 -26.94
CA ARG D 75 -35.65 -23.59 -26.82
C ARG D 75 -35.33 -24.34 -28.10
N SER D 76 -35.53 -23.68 -29.23
CA SER D 76 -35.39 -24.31 -30.53
C SER D 76 -33.91 -24.58 -30.84
N VAL D 77 -33.64 -25.65 -31.57
CA VAL D 77 -32.28 -25.99 -31.97
C VAL D 77 -31.64 -24.82 -32.71
N GLU D 78 -32.43 -24.18 -33.59
CA GLU D 78 -31.93 -23.08 -34.40
C GLU D 78 -31.63 -21.81 -33.60
N THR D 79 -32.46 -21.51 -32.60
CA THR D 79 -32.17 -20.37 -31.73
C THR D 79 -30.99 -20.68 -30.78
N LEU D 80 -30.94 -21.92 -30.27
CA LEU D 80 -29.83 -22.36 -29.41
C LEU D 80 -28.47 -22.22 -30.09
N LYS D 81 -28.42 -22.53 -31.39
CA LYS D 81 -27.22 -22.29 -32.21
C LYS D 81 -26.81 -20.82 -32.16
N GLU D 82 -27.77 -19.92 -32.34
CA GLU D 82 -27.46 -18.49 -32.26
C GLU D 82 -27.09 -18.04 -30.83
N MET D 83 -27.68 -18.67 -29.83
CA MET D 83 -27.36 -18.38 -28.44
C MET D 83 -25.91 -18.72 -28.14
N ILE D 84 -25.45 -19.84 -28.70
CA ILE D 84 -24.06 -20.26 -28.55
C ILE D 84 -23.13 -19.30 -29.27
N LYS D 85 -23.48 -18.96 -30.52
CA LYS D 85 -22.69 -18.00 -31.31
C LYS D 85 -22.63 -16.61 -30.65
N SER D 86 -23.71 -16.24 -29.96
CA SER D 86 -23.79 -14.97 -29.27
C SER D 86 -22.99 -14.93 -27.96
N GLY D 87 -22.68 -16.12 -27.40
CA GLY D 87 -21.81 -16.21 -26.22
C GLY D 87 -22.29 -17.06 -25.05
N MET D 88 -23.42 -17.76 -25.18
CA MET D 88 -23.89 -18.65 -24.10
C MET D 88 -22.86 -19.74 -23.80
N ASN D 89 -22.51 -19.89 -22.53
CA ASN D 89 -21.62 -20.95 -22.08
C ASN D 89 -22.33 -22.03 -21.27
N VAL D 90 -23.41 -21.65 -20.58
CA VAL D 90 -24.17 -22.58 -19.73
C VAL D 90 -25.66 -22.37 -20.02
N ALA D 91 -26.37 -23.47 -20.28
CA ALA D 91 -27.83 -23.46 -20.42
C ALA D 91 -28.43 -23.87 -19.10
N ARG D 92 -29.18 -22.96 -18.50
CA ARG D 92 -29.84 -23.20 -17.22
C ARG D 92 -31.28 -23.62 -17.47
N LEU D 93 -31.69 -24.70 -16.80
CA LEU D 93 -33.08 -25.17 -16.83
C LEU D 93 -33.68 -24.97 -15.47
N ASN D 94 -34.74 -24.16 -15.43
CA ASN D 94 -35.43 -23.87 -14.20
C ASN D 94 -36.53 -24.90 -13.98
N PHE D 95 -36.32 -25.78 -12.98
CA PHE D 95 -37.28 -26.84 -12.66
C PHE D 95 -38.42 -26.42 -11.72
N SER D 96 -38.56 -25.11 -11.47
CA SER D 96 -39.75 -24.60 -10.77
C SER D 96 -41.00 -24.88 -11.59
N HIS D 97 -40.84 -24.97 -12.91
CA HIS D 97 -41.94 -25.31 -13.83
C HIS D 97 -41.47 -26.28 -14.90
N GLY D 98 -42.43 -26.92 -15.57
CA GLY D 98 -42.15 -27.82 -16.69
C GLY D 98 -41.92 -29.28 -16.29
N THR D 99 -42.32 -30.19 -17.16
CA THR D 99 -42.23 -31.63 -16.92
C THR D 99 -40.83 -32.16 -17.23
N HIS D 100 -40.53 -33.35 -16.76
CA HIS D 100 -39.27 -34.04 -17.11
C HIS D 100 -39.13 -34.27 -18.61
N GLU D 101 -40.22 -34.67 -19.26
CA GLU D 101 -40.22 -34.87 -20.72
C GLU D 101 -39.92 -33.55 -21.44
N TYR D 102 -40.50 -32.46 -20.93
CA TYR D 102 -40.26 -31.12 -21.46
C TYR D 102 -38.79 -30.71 -21.35
N HIS D 103 -38.22 -30.87 -20.15
CA HIS D 103 -36.82 -30.53 -19.91
C HIS D 103 -35.87 -31.46 -20.66
N ALA D 104 -36.23 -32.74 -20.74
CA ALA D 104 -35.45 -33.71 -21.52
C ALA D 104 -35.32 -33.29 -22.98
N GLU D 105 -36.41 -32.75 -23.55
CA GLU D 105 -36.38 -32.24 -24.93
C GLU D 105 -35.53 -30.96 -25.06
N THR D 106 -35.57 -30.10 -24.04
CA THR D 106 -34.72 -28.88 -24.02
C THR D 106 -33.23 -29.25 -23.98
N ILE D 107 -32.88 -30.19 -23.11
CA ILE D 107 -31.52 -30.69 -23.03
C ILE D 107 -31.09 -31.31 -24.37
N LYS D 108 -31.97 -32.14 -24.95
CA LYS D 108 -31.69 -32.74 -26.26
C LYS D 108 -31.40 -31.67 -27.31
N ASN D 109 -32.23 -30.63 -27.35
CA ASN D 109 -32.01 -29.52 -28.31
C ASN D 109 -30.69 -28.77 -28.03
N VAL D 110 -30.38 -28.59 -26.76
CA VAL D 110 -29.12 -27.91 -26.38
C VAL D 110 -27.94 -28.68 -26.94
N ARG D 111 -27.98 -30.00 -26.79
CA ARG D 111 -26.88 -30.86 -27.26
C ARG D 111 -26.86 -31.00 -28.77
N THR D 112 -28.03 -31.03 -29.41
CA THR D 112 -28.08 -30.96 -30.87
C THR D 112 -27.39 -29.68 -31.37
N ALA D 113 -27.81 -28.54 -30.83
CA ALA D 113 -27.20 -27.25 -31.21
C ALA D 113 -25.68 -27.23 -30.95
N THR D 114 -25.29 -27.67 -29.77
CA THR D 114 -23.88 -27.66 -29.35
C THR D 114 -23.00 -28.54 -30.24
N GLU D 115 -23.47 -29.75 -30.53
CA GLU D 115 -22.67 -30.69 -31.34
C GLU D 115 -22.68 -30.40 -32.84
N SER D 116 -23.53 -29.47 -33.29
CA SER D 116 -23.51 -29.00 -34.69
C SER D 116 -22.21 -28.25 -35.03
N PHE D 117 -21.51 -27.77 -34.01
CA PHE D 117 -20.19 -27.15 -34.17
C PHE D 117 -19.02 -28.14 -33.89
N ALA D 118 -19.33 -29.41 -33.64
CA ALA D 118 -18.32 -30.38 -33.20
C ALA D 118 -17.35 -30.81 -34.30
N SER D 119 -17.72 -30.62 -35.56
CA SER D 119 -16.89 -31.07 -36.70
C SER D 119 -15.49 -30.46 -36.67
N ASP D 120 -15.39 -29.22 -36.18
CA ASP D 120 -14.11 -28.52 -36.05
C ASP D 120 -13.79 -28.34 -34.56
N PRO D 121 -12.92 -29.22 -34.01
CA PRO D 121 -12.59 -29.17 -32.58
C PRO D 121 -11.86 -27.89 -32.17
N ILE D 122 -11.21 -27.24 -33.13
CA ILE D 122 -10.51 -25.97 -32.89
C ILE D 122 -11.51 -24.88 -32.52
N LEU D 123 -12.65 -24.86 -33.20
CA LEU D 123 -13.65 -23.81 -33.00
C LEU D 123 -14.83 -24.24 -32.11
N TYR D 124 -14.91 -25.54 -31.79
CA TYR D 124 -15.97 -26.05 -30.92
C TYR D 124 -15.95 -25.40 -29.55
N ARG D 125 -17.11 -24.96 -29.09
CA ARG D 125 -17.26 -24.41 -27.75
C ARG D 125 -18.08 -25.34 -26.88
N PRO D 126 -17.50 -25.88 -25.79
CA PRO D 126 -18.31 -26.65 -24.87
C PRO D 126 -19.47 -25.80 -24.29
N VAL D 127 -20.61 -26.45 -24.05
CA VAL D 127 -21.76 -25.78 -23.41
C VAL D 127 -22.24 -26.66 -22.27
N ALA D 128 -22.27 -26.09 -21.06
CA ALA D 128 -22.70 -26.83 -19.88
C ALA D 128 -24.22 -26.83 -19.75
N VAL D 129 -24.72 -27.80 -18.99
CA VAL D 129 -26.12 -27.91 -18.66
C VAL D 129 -26.29 -27.83 -17.15
N ALA D 130 -27.10 -26.88 -16.70
CA ALA D 130 -27.35 -26.62 -15.28
C ALA D 130 -28.82 -26.90 -14.94
N LEU D 131 -29.01 -27.66 -13.88
CA LEU D 131 -30.35 -27.94 -13.34
C LEU D 131 -30.57 -27.08 -12.11
N ASP D 132 -31.53 -26.17 -12.18
CA ASP D 132 -31.84 -25.26 -11.06
C ASP D 132 -33.13 -25.76 -10.42
N THR D 133 -33.07 -26.08 -9.13
CA THR D 133 -34.16 -26.77 -8.45
C THR D 133 -35.30 -25.83 -8.03
N LYS D 134 -36.49 -26.39 -7.90
CA LYS D 134 -37.63 -25.66 -7.37
C LYS D 134 -37.35 -25.26 -5.94
N GLY D 135 -36.95 -26.24 -5.13
CA GLY D 135 -36.57 -26.00 -3.74
C GLY D 135 -37.78 -25.95 -2.81
N PRO D 136 -37.52 -25.82 -1.50
CA PRO D 136 -38.62 -25.67 -0.54
C PRO D 136 -39.40 -24.38 -0.76
N GLU D 137 -40.73 -24.46 -0.64
CA GLU D 137 -41.60 -23.31 -0.79
C GLU D 137 -42.64 -23.29 0.30
N ILE D 138 -43.13 -22.08 0.60
CA ILE D 138 -44.31 -21.89 1.43
C ILE D 138 -45.36 -21.27 0.53
N ARG D 139 -46.54 -21.89 0.48
CA ARG D 139 -47.64 -21.41 -0.37
C ARG D 139 -48.92 -21.21 0.45
N THR D 140 -49.71 -20.22 0.04
CA THR D 140 -51.02 -19.97 0.64
C THR D 140 -52.04 -20.97 0.08
N GLU D 152 -58.87 -8.05 -1.90
CA GLU D 152 -58.09 -6.94 -1.37
C GLU D 152 -57.75 -7.20 0.10
N LEU D 153 -56.69 -6.55 0.57
CA LEU D 153 -56.28 -6.61 1.97
C LEU D 153 -55.75 -5.22 2.36
N LYS D 154 -56.49 -4.52 3.20
CA LYS D 154 -56.14 -3.15 3.58
C LYS D 154 -55.09 -3.13 4.68
N LYS D 155 -54.27 -2.08 4.69
CA LYS D 155 -53.28 -1.87 5.76
C LYS D 155 -53.99 -1.57 7.06
N GLY D 156 -53.46 -2.10 8.16
CA GLY D 156 -54.07 -1.96 9.49
C GLY D 156 -55.04 -3.06 9.85
N ALA D 157 -55.61 -3.72 8.84
CA ALA D 157 -56.55 -4.82 9.04
C ALA D 157 -55.88 -6.02 9.71
N THR D 158 -56.69 -6.87 10.34
CA THR D 158 -56.20 -8.04 11.05
C THR D 158 -56.46 -9.30 10.22
N LEU D 159 -55.44 -10.13 10.03
CA LEU D 159 -55.58 -11.38 9.28
C LEU D 159 -55.09 -12.56 10.12
N LYS D 160 -55.88 -13.63 10.13
CA LYS D 160 -55.50 -14.86 10.83
C LYS D 160 -54.88 -15.83 9.85
N ILE D 161 -53.67 -16.30 10.18
CA ILE D 161 -53.03 -17.38 9.43
C ILE D 161 -53.43 -18.70 10.07
N THR D 162 -54.05 -19.58 9.29
CA THR D 162 -54.51 -20.89 9.78
C THR D 162 -53.74 -22.04 9.14
N LEU D 163 -53.26 -22.97 9.97
CA LEU D 163 -52.66 -24.22 9.49
C LEU D 163 -53.72 -25.33 9.39
N ASP D 164 -54.92 -25.07 9.91
CA ASP D 164 -56.04 -26.02 9.86
C ASP D 164 -56.45 -26.32 8.42
N ASN D 165 -56.25 -27.58 8.01
CA ASN D 165 -56.51 -28.02 6.62
C ASN D 165 -57.94 -27.77 6.10
N ALA D 166 -58.87 -27.52 7.02
CA ALA D 166 -60.27 -27.20 6.67
C ALA D 166 -60.41 -25.97 5.76
N TYR D 167 -59.46 -25.03 5.85
CA TYR D 167 -59.49 -23.79 5.06
C TYR D 167 -58.54 -23.82 3.85
N MET D 168 -58.15 -25.02 3.42
CA MET D 168 -57.21 -25.21 2.31
C MET D 168 -57.65 -24.50 1.02
N GLU D 169 -58.94 -24.61 0.68
CA GLU D 169 -59.49 -23.99 -0.53
C GLU D 169 -60.46 -22.83 -0.22
N LYS D 170 -60.43 -22.32 1.01
CA LYS D 170 -61.35 -21.25 1.45
C LYS D 170 -60.61 -20.11 2.17
N CYS D 171 -59.53 -19.62 1.54
CA CYS D 171 -58.77 -18.48 2.05
C CYS D 171 -59.48 -17.19 1.68
N ASP D 172 -59.42 -16.19 2.55
CA ASP D 172 -60.06 -14.89 2.30
C ASP D 172 -59.44 -13.78 3.15
N GLU D 173 -60.07 -12.60 3.11
CA GLU D 173 -59.59 -11.41 3.83
C GLU D 173 -59.45 -11.56 5.35
N ASN D 174 -60.08 -12.60 5.93
CA ASN D 174 -60.04 -12.85 7.39
C ASN D 174 -59.17 -14.03 7.79
N ILE D 175 -59.24 -15.12 7.00
CA ILE D 175 -58.47 -16.34 7.28
C ILE D 175 -57.63 -16.73 6.05
N LEU D 176 -56.33 -16.94 6.27
CA LEU D 176 -55.40 -17.33 5.21
C LEU D 176 -54.72 -18.62 5.61
N TRP D 177 -54.94 -19.67 4.82
CA TRP D 177 -54.32 -20.97 5.07
C TRP D 177 -52.91 -21.05 4.43
N LEU D 178 -51.96 -21.66 5.14
CA LEU D 178 -50.60 -21.92 4.63
C LEU D 178 -50.20 -23.37 4.81
N ASP D 179 -49.32 -23.86 3.93
CA ASP D 179 -48.91 -25.28 3.94
C ASP D 179 -47.66 -25.58 4.78
N TYR D 180 -47.06 -24.55 5.38
CA TYR D 180 -45.86 -24.74 6.22
C TYR D 180 -46.29 -25.00 7.65
N LYS D 181 -46.25 -26.27 8.04
CA LYS D 181 -46.85 -26.74 9.30
C LYS D 181 -46.12 -26.25 10.55
N ASN D 182 -44.81 -26.04 10.46
CA ASN D 182 -44.03 -25.61 11.62
C ASN D 182 -43.86 -24.09 11.72
N ILE D 183 -44.68 -23.32 10.99
CA ILE D 183 -44.51 -21.86 10.91
C ILE D 183 -44.53 -21.15 12.27
N CYS D 184 -45.39 -21.63 13.18
CA CYS D 184 -45.49 -21.05 14.52
C CYS D 184 -44.22 -21.22 15.35
N LYS D 185 -43.53 -22.34 15.13
CA LYS D 185 -42.28 -22.64 15.83
C LYS D 185 -41.11 -21.74 15.41
N VAL D 186 -41.16 -21.23 14.17
CA VAL D 186 -40.04 -20.43 13.60
C VAL D 186 -40.29 -18.90 13.63
N VAL D 187 -41.56 -18.51 13.81
CA VAL D 187 -41.93 -17.09 13.93
C VAL D 187 -42.16 -16.72 15.39
N GLU D 188 -42.18 -15.42 15.66
CA GLU D 188 -42.47 -14.88 17.00
C GLU D 188 -43.30 -13.63 16.85
N VAL D 189 -44.02 -13.23 17.92
CA VAL D 189 -44.76 -11.97 17.91
C VAL D 189 -43.82 -10.85 17.45
N GLY D 190 -44.28 -10.04 16.51
CA GLY D 190 -43.44 -8.99 15.91
C GLY D 190 -42.67 -9.42 14.67
N SER D 191 -42.70 -10.72 14.33
CA SER D 191 -42.08 -11.23 13.09
C SER D 191 -42.86 -10.77 11.88
N LYS D 192 -42.15 -10.48 10.79
CA LYS D 192 -42.76 -10.08 9.53
C LYS D 192 -42.99 -11.30 8.63
N ILE D 193 -44.12 -11.31 7.93
CA ILE D 193 -44.44 -12.34 6.93
C ILE D 193 -44.76 -11.68 5.61
N TYR D 194 -44.01 -12.03 4.56
CA TYR D 194 -44.26 -11.52 3.23
C TYR D 194 -45.07 -12.53 2.44
N VAL D 195 -45.95 -12.03 1.59
CA VAL D 195 -46.80 -12.86 0.76
C VAL D 195 -46.74 -12.36 -0.69
N ASP D 196 -46.70 -13.29 -1.63
CA ASP D 196 -46.70 -12.98 -3.07
C ASP D 196 -45.51 -12.13 -3.50
N ASP D 197 -44.33 -12.76 -3.58
CA ASP D 197 -43.10 -12.09 -4.01
C ASP D 197 -42.88 -10.75 -3.31
N GLY D 198 -43.18 -10.69 -2.01
CA GLY D 198 -42.96 -9.49 -1.19
C GLY D 198 -43.94 -8.34 -1.37
N LEU D 199 -45.00 -8.54 -2.17
CA LEU D 199 -45.98 -7.48 -2.44
C LEU D 199 -46.79 -7.12 -1.18
N ILE D 200 -47.13 -8.14 -0.40
CA ILE D 200 -47.96 -7.97 0.79
C ILE D 200 -47.12 -8.26 2.04
N SER D 201 -47.30 -7.44 3.08
CA SER D 201 -46.54 -7.58 4.32
C SER D 201 -47.46 -7.66 5.55
N LEU D 202 -47.23 -8.68 6.39
CA LEU D 202 -47.98 -8.88 7.63
C LEU D 202 -47.03 -8.84 8.81
N GLN D 203 -47.53 -8.47 9.99
CA GLN D 203 -46.75 -8.54 11.21
C GLN D 203 -47.48 -9.38 12.25
N VAL D 204 -46.78 -10.36 12.83
CA VAL D 204 -47.38 -11.24 13.84
C VAL D 204 -47.65 -10.47 15.13
N LYS D 205 -48.87 -10.61 15.65
CA LYS D 205 -49.27 -9.97 16.92
C LYS D 205 -49.53 -11.01 18.03
N GLN D 206 -50.15 -12.13 17.66
CA GLN D 206 -50.34 -13.27 18.58
C GLN D 206 -49.88 -14.56 17.90
N LYS D 207 -49.07 -15.35 18.62
CA LYS D 207 -48.52 -16.61 18.07
C LYS D 207 -49.28 -17.82 18.61
N ASP D 210 -51.42 -23.71 16.02
CA ASP D 210 -52.13 -23.94 14.77
C ASP D 210 -52.60 -22.63 14.12
N PHE D 211 -52.09 -21.49 14.59
CA PHE D 211 -52.62 -20.18 14.19
C PHE D 211 -51.65 -19.04 14.53
N LEU D 212 -51.80 -17.93 13.81
CA LEU D 212 -51.07 -16.70 14.11
C LEU D 212 -51.94 -15.48 13.77
N VAL D 213 -52.12 -14.59 14.75
CA VAL D 213 -52.88 -13.34 14.53
C VAL D 213 -51.95 -12.26 14.04
N THR D 214 -52.21 -11.74 12.84
CA THR D 214 -51.32 -10.78 12.20
C THR D 214 -52.04 -9.47 11.85
N GLU D 215 -51.26 -8.38 11.78
CA GLU D 215 -51.76 -7.09 11.29
C GLU D 215 -51.14 -6.82 9.93
N VAL D 216 -51.96 -6.40 8.97
CA VAL D 216 -51.47 -6.06 7.62
C VAL D 216 -50.65 -4.76 7.66
N GLU D 217 -49.33 -4.88 7.43
CA GLU D 217 -48.42 -3.72 7.40
C GLU D 217 -48.38 -3.07 6.02
N ASN D 218 -48.23 -3.91 4.97
CA ASN D 218 -48.30 -3.45 3.58
C ASN D 218 -49.36 -4.27 2.84
N GLY D 219 -50.40 -3.59 2.34
CA GLY D 219 -51.60 -4.24 1.81
C GLY D 219 -51.71 -4.25 0.30
N GLY D 220 -52.58 -5.12 -0.21
CA GLY D 220 -52.79 -5.27 -1.65
C GLY D 220 -53.71 -6.43 -1.97
N SER D 221 -53.88 -6.70 -3.26
CA SER D 221 -54.76 -7.79 -3.72
C SER D 221 -54.12 -9.15 -3.49
N LEU D 222 -54.64 -9.89 -2.50
CA LEU D 222 -54.19 -11.26 -2.25
C LEU D 222 -54.83 -12.20 -3.26
N GLY D 223 -54.20 -13.36 -3.46
CA GLY D 223 -54.67 -14.34 -4.44
C GLY D 223 -54.50 -15.77 -3.98
N SER D 224 -54.64 -16.70 -4.92
CA SER D 224 -54.49 -18.12 -4.65
C SER D 224 -53.05 -18.58 -4.91
N LYS D 225 -52.58 -19.51 -4.07
CA LYS D 225 -51.26 -20.14 -4.24
C LYS D 225 -50.12 -19.11 -4.44
N LYS D 226 -50.06 -18.11 -3.56
CA LYS D 226 -49.01 -17.09 -3.59
C LYS D 226 -47.83 -17.49 -2.69
N GLY D 227 -46.61 -17.09 -3.06
CA GLY D 227 -45.40 -17.47 -2.32
C GLY D 227 -45.18 -16.66 -1.05
N VAL D 228 -44.76 -17.34 0.02
CA VAL D 228 -44.58 -16.73 1.34
C VAL D 228 -43.10 -16.73 1.76
N ASN D 229 -42.63 -15.61 2.28
CA ASN D 229 -41.26 -15.47 2.81
C ASN D 229 -41.28 -15.01 4.26
N LEU D 230 -40.37 -15.54 5.08
CA LEU D 230 -40.28 -15.22 6.51
C LEU D 230 -38.91 -14.62 6.86
N PRO D 231 -38.75 -13.29 6.66
CA PRO D 231 -37.47 -12.61 6.90
C PRO D 231 -36.91 -12.88 8.28
N GLY D 232 -35.64 -13.28 8.35
CA GLY D 232 -34.95 -13.45 9.61
C GLY D 232 -35.21 -14.80 10.30
N ALA D 233 -36.23 -15.52 9.83
CA ALA D 233 -36.63 -16.80 10.43
C ALA D 233 -35.69 -17.94 9.99
N ALA D 234 -35.38 -18.82 10.93
CA ALA D 234 -34.68 -20.07 10.61
C ALA D 234 -35.73 -21.07 10.12
N VAL D 235 -36.01 -21.02 8.82
CA VAL D 235 -37.00 -21.92 8.21
C VAL D 235 -36.44 -23.35 8.18
N ASP D 236 -37.23 -24.31 8.69
CA ASP D 236 -36.75 -25.68 8.91
C ASP D 236 -37.31 -26.70 7.91
N LEU D 237 -37.93 -26.20 6.83
CA LEU D 237 -38.31 -27.04 5.70
C LEU D 237 -37.11 -27.90 5.26
N PRO D 238 -37.37 -29.07 4.63
CA PRO D 238 -36.30 -29.96 4.17
C PRO D 238 -35.31 -29.26 3.23
N ALA D 239 -34.05 -29.70 3.24
CA ALA D 239 -33.05 -29.17 2.31
C ALA D 239 -33.50 -29.38 0.87
N VAL D 240 -34.15 -30.51 0.62
CA VAL D 240 -34.71 -30.85 -0.68
C VAL D 240 -36.14 -31.35 -0.50
N SER D 241 -37.06 -30.84 -1.32
CA SER D 241 -38.44 -31.33 -1.31
C SER D 241 -38.52 -32.70 -1.96
N GLU D 242 -39.69 -33.34 -1.86
CA GLU D 242 -39.94 -34.59 -2.57
C GLU D 242 -39.79 -34.39 -4.09
N LYS D 243 -40.31 -33.27 -4.60
CA LYS D 243 -40.14 -32.95 -6.03
C LYS D 243 -38.65 -32.79 -6.40
N ASP D 244 -37.88 -32.11 -5.54
CA ASP D 244 -36.43 -31.90 -5.78
C ASP D 244 -35.66 -33.23 -5.92
N ILE D 245 -35.94 -34.18 -5.02
CA ILE D 245 -35.29 -35.49 -5.05
C ILE D 245 -35.48 -36.16 -6.40
N GLN D 246 -36.72 -36.20 -6.89
CA GLN D 246 -37.02 -36.76 -8.20
C GLN D 246 -36.29 -35.97 -9.31
N ASP D 247 -36.26 -34.65 -9.18
CA ASP D 247 -35.62 -33.79 -10.19
C ASP D 247 -34.11 -33.98 -10.24
N LEU D 248 -33.47 -34.11 -9.08
CA LEU D 248 -32.03 -34.30 -9.01
C LEU D 248 -31.63 -35.65 -9.62
N LYS D 249 -32.38 -36.71 -9.28
CA LYS D 249 -32.13 -38.04 -9.87
C LYS D 249 -32.23 -37.98 -11.39
N PHE D 250 -33.24 -37.25 -11.89
CA PHE D 250 -33.40 -37.01 -13.33
C PHE D 250 -32.21 -36.21 -13.90
N GLY D 251 -31.69 -35.29 -13.09
CA GLY D 251 -30.45 -34.58 -13.45
C GLY D 251 -29.30 -35.55 -13.70
N VAL D 252 -29.16 -36.52 -12.80
CA VAL D 252 -28.13 -37.57 -12.97
C VAL D 252 -28.37 -38.38 -14.25
N GLU D 253 -29.64 -38.74 -14.51
CA GLU D 253 -30.00 -39.48 -15.72
C GLU D 253 -29.57 -38.71 -16.95
N GLN D 254 -29.85 -37.40 -16.94
CA GLN D 254 -29.59 -36.55 -18.09
C GLN D 254 -28.16 -36.02 -18.17
N ASP D 255 -27.30 -36.47 -17.25
CA ASP D 255 -25.88 -36.15 -17.29
C ASP D 255 -25.63 -34.63 -17.23
N VAL D 256 -26.32 -33.96 -16.32
CA VAL D 256 -26.11 -32.51 -16.15
C VAL D 256 -24.75 -32.24 -15.50
N ASP D 257 -24.26 -31.03 -15.71
CA ASP D 257 -22.92 -30.64 -15.28
C ASP D 257 -22.90 -30.06 -13.89
N MET D 258 -24.01 -29.48 -13.49
CA MET D 258 -24.07 -28.75 -12.25
C MET D 258 -25.51 -28.58 -11.83
N VAL D 259 -25.71 -28.47 -10.53
CA VAL D 259 -27.01 -28.22 -9.96
C VAL D 259 -26.97 -26.90 -9.22
N PHE D 260 -27.95 -26.05 -9.48
CA PHE D 260 -28.13 -24.83 -8.71
C PHE D 260 -29.18 -25.13 -7.65
N ALA D 261 -28.71 -25.32 -6.41
CA ALA D 261 -29.57 -25.76 -5.29
C ALA D 261 -30.23 -24.57 -4.60
N SER D 262 -31.57 -24.51 -4.70
CA SER D 262 -32.35 -23.37 -4.20
C SER D 262 -32.45 -23.33 -2.69
N PHE D 263 -32.44 -22.11 -2.15
CA PHE D 263 -32.83 -21.86 -0.76
C PHE D 263 -31.94 -22.60 0.25
N ILE D 264 -30.62 -22.56 -0.01
CA ILE D 264 -29.63 -23.18 0.87
C ILE D 264 -29.39 -22.28 2.09
N ARG D 265 -29.53 -22.86 3.28
CA ARG D 265 -29.48 -22.11 4.53
C ARG D 265 -28.32 -22.48 5.44
N LYS D 266 -27.71 -23.64 5.20
CA LYS D 266 -26.72 -24.21 6.11
C LYS D 266 -25.98 -25.34 5.41
N ALA D 267 -24.81 -25.68 5.92
CA ALA D 267 -23.96 -26.70 5.29
C ALA D 267 -24.69 -28.05 5.13
N SER D 268 -25.55 -28.38 6.11
CA SER D 268 -26.26 -29.66 6.08
C SER D 268 -27.25 -29.75 4.90
N ASP D 269 -27.71 -28.60 4.39
CA ASP D 269 -28.54 -28.59 3.18
C ASP D 269 -27.74 -29.01 1.95
N VAL D 270 -26.50 -28.52 1.86
CA VAL D 270 -25.61 -28.89 0.77
C VAL D 270 -25.33 -30.39 0.81
N HIS D 271 -25.08 -30.91 2.01
CA HIS D 271 -24.76 -32.34 2.18
C HIS D 271 -25.92 -33.24 1.76
N GLU D 272 -27.16 -32.80 2.04
CA GLU D 272 -28.34 -33.54 1.61
C GLU D 272 -28.48 -33.59 0.09
N VAL D 273 -28.20 -32.46 -0.59
CA VAL D 273 -28.22 -32.42 -2.05
C VAL D 273 -27.14 -33.35 -2.61
N ARG D 274 -25.96 -33.28 -2.00
CA ARG D 274 -24.81 -34.14 -2.36
C ARG D 274 -25.19 -35.63 -2.25
N LYS D 275 -25.87 -35.98 -1.14
CA LYS D 275 -26.31 -37.36 -0.88
C LYS D 275 -27.31 -37.87 -1.91
N VAL D 276 -28.25 -37.01 -2.30
CA VAL D 276 -29.25 -37.38 -3.32
C VAL D 276 -28.59 -37.62 -4.68
N LEU D 277 -27.63 -36.77 -5.04
CA LEU D 277 -26.90 -36.94 -6.29
C LEU D 277 -26.11 -38.26 -6.26
N GLY D 278 -25.63 -38.61 -5.07
CA GLY D 278 -25.05 -39.92 -4.80
C GLY D 278 -23.72 -40.19 -5.49
N GLU D 279 -23.30 -41.45 -5.44
CA GLU D 279 -22.08 -41.89 -6.10
C GLU D 279 -22.13 -41.61 -7.58
N LYS D 280 -23.26 -41.89 -8.23
CA LYS D 280 -23.42 -41.70 -9.67
C LYS D 280 -23.20 -40.23 -10.07
N GLY D 281 -23.70 -39.31 -9.25
CA GLY D 281 -23.56 -37.88 -9.51
C GLY D 281 -22.50 -37.18 -8.68
N LYS D 282 -21.51 -37.94 -8.20
CA LYS D 282 -20.45 -37.37 -7.33
C LYS D 282 -19.63 -36.26 -8.01
N ASN D 283 -19.62 -36.23 -9.35
CA ASN D 283 -18.83 -35.24 -10.10
C ASN D 283 -19.64 -34.05 -10.64
N ILE D 284 -20.94 -34.02 -10.34
CA ILE D 284 -21.78 -32.89 -10.68
C ILE D 284 -21.51 -31.79 -9.64
N LYS D 285 -21.27 -30.58 -10.11
CA LYS D 285 -20.94 -29.47 -9.21
C LYS D 285 -22.20 -28.97 -8.53
N ILE D 286 -22.10 -28.71 -7.23
CA ILE D 286 -23.24 -28.16 -6.49
C ILE D 286 -22.99 -26.70 -6.21
N ILE D 287 -23.85 -25.86 -6.78
CA ILE D 287 -23.80 -24.42 -6.60
C ILE D 287 -24.94 -24.06 -5.67
N SER D 288 -24.61 -23.58 -4.47
CA SER D 288 -25.63 -23.23 -3.48
C SER D 288 -26.19 -21.84 -3.77
N LYS D 289 -27.51 -21.75 -3.88
CA LYS D 289 -28.18 -20.47 -4.06
C LYS D 289 -28.48 -19.88 -2.68
N ILE D 290 -27.88 -18.71 -2.40
CA ILE D 290 -28.11 -17.98 -1.14
C ILE D 290 -29.28 -17.01 -1.36
N GLU D 291 -30.38 -17.25 -0.65
CA GLU D 291 -31.66 -16.60 -0.92
C GLU D 291 -32.29 -15.89 0.29
N ASN D 292 -31.70 -16.00 1.47
CA ASN D 292 -32.29 -15.42 2.68
C ASN D 292 -31.28 -15.08 3.77
N HIS D 293 -31.75 -14.49 4.87
CA HIS D 293 -30.85 -14.02 5.91
C HIS D 293 -29.99 -15.14 6.50
N GLU D 294 -30.57 -16.30 6.76
CA GLU D 294 -29.82 -17.38 7.40
C GLU D 294 -28.69 -17.85 6.47
N GLY D 295 -28.97 -17.95 5.18
CA GLY D 295 -27.94 -18.29 4.17
C GLY D 295 -26.77 -17.31 4.18
N VAL D 296 -27.07 -16.02 4.32
CA VAL D 296 -26.03 -15.00 4.40
C VAL D 296 -25.24 -15.12 5.70
N ARG D 297 -25.94 -15.30 6.82
CA ARG D 297 -25.28 -15.40 8.13
C ARG D 297 -24.39 -16.63 8.21
N ARG D 298 -24.83 -17.73 7.60
CA ARG D 298 -24.08 -18.99 7.65
C ARG D 298 -23.33 -19.25 6.35
N PHE D 299 -22.94 -18.18 5.66
CA PHE D 299 -22.35 -18.29 4.33
C PHE D 299 -21.03 -19.06 4.33
N ASP D 300 -20.18 -18.84 5.34
CA ASP D 300 -18.86 -19.47 5.38
C ASP D 300 -18.97 -21.00 5.36
N GLU D 301 -19.84 -21.56 6.19
CA GLU D 301 -20.00 -23.02 6.23
C GLU D 301 -20.65 -23.55 4.93
N ILE D 302 -21.52 -22.75 4.33
CA ILE D 302 -22.15 -23.13 3.06
C ILE D 302 -21.10 -23.18 1.95
N LEU D 303 -20.27 -22.14 1.86
CA LEU D 303 -19.21 -22.06 0.85
C LEU D 303 -18.26 -23.25 0.93
N GLU D 304 -17.83 -23.56 2.15
CA GLU D 304 -16.91 -24.68 2.38
C GLU D 304 -17.48 -26.00 1.83
N ALA D 305 -18.77 -26.23 2.06
CA ALA D 305 -19.42 -27.48 1.64
C ALA D 305 -19.77 -27.50 0.16
N SER D 306 -19.81 -26.33 -0.50
CA SER D 306 -20.27 -26.22 -1.88
C SER D 306 -19.12 -26.18 -2.88
N ASP D 307 -19.46 -26.39 -4.13
CA ASP D 307 -18.52 -26.19 -5.22
C ASP D 307 -18.51 -24.73 -5.70
N GLY D 308 -19.60 -24.03 -5.45
CA GLY D 308 -19.72 -22.60 -5.77
C GLY D 308 -21.00 -21.99 -5.21
N ILE D 309 -21.25 -20.73 -5.55
CA ILE D 309 -22.35 -19.96 -4.99
C ILE D 309 -23.09 -19.20 -6.09
N MET D 310 -24.42 -19.07 -5.94
CA MET D 310 -25.19 -18.10 -6.71
C MET D 310 -25.76 -17.05 -5.76
N VAL D 311 -25.49 -15.78 -6.07
CA VAL D 311 -26.15 -14.71 -5.34
C VAL D 311 -27.53 -14.59 -5.96
N ALA D 312 -28.54 -15.14 -5.27
CA ALA D 312 -29.89 -15.21 -5.80
C ALA D 312 -30.64 -13.94 -5.39
N ARG D 313 -30.41 -12.87 -6.14
CA ARG D 313 -30.80 -11.53 -5.70
C ARG D 313 -32.31 -11.27 -5.63
N GLY D 314 -33.08 -11.98 -6.45
CA GLY D 314 -34.55 -11.83 -6.47
C GLY D 314 -35.17 -12.07 -5.11
N ASP D 315 -35.09 -13.31 -4.65
CA ASP D 315 -35.59 -13.71 -3.34
C ASP D 315 -34.83 -13.07 -2.16
N LEU D 316 -33.52 -12.87 -2.32
CA LEU D 316 -32.71 -12.25 -1.27
C LEU D 316 -33.25 -10.85 -0.93
N GLY D 317 -33.70 -10.12 -1.94
CA GLY D 317 -34.24 -8.77 -1.76
C GLY D 317 -35.69 -8.73 -1.26
N ILE D 318 -36.31 -9.90 -1.12
CA ILE D 318 -37.57 -10.03 -0.40
C ILE D 318 -37.26 -10.34 1.07
N GLU D 319 -36.30 -11.26 1.27
CA GLU D 319 -35.92 -11.73 2.61
C GLU D 319 -35.18 -10.70 3.44
N ILE D 320 -34.38 -9.85 2.79
CA ILE D 320 -33.72 -8.71 3.46
C ILE D 320 -34.10 -7.41 2.72
N PRO D 321 -33.90 -6.25 3.38
CA PRO D 321 -34.22 -4.98 2.69
C PRO D 321 -33.48 -4.87 1.35
N ALA D 322 -34.21 -4.47 0.31
CA ALA D 322 -33.64 -4.44 -1.05
C ALA D 322 -32.38 -3.57 -1.13
N GLU D 323 -32.32 -2.52 -0.32
CA GLU D 323 -31.16 -1.63 -0.31
C GLU D 323 -29.89 -2.26 0.27
N LYS D 324 -30.03 -3.43 0.91
CA LYS D 324 -28.87 -4.13 1.48
C LYS D 324 -28.34 -5.24 0.56
N VAL D 325 -29.06 -5.54 -0.52
CA VAL D 325 -28.67 -6.66 -1.38
C VAL D 325 -27.25 -6.48 -1.92
N PHE D 326 -26.88 -5.25 -2.30
CA PHE D 326 -25.55 -5.01 -2.89
C PHE D 326 -24.42 -5.36 -1.89
N LEU D 327 -24.69 -5.19 -0.59
CA LEU D 327 -23.74 -5.55 0.46
C LEU D 327 -23.54 -7.06 0.48
N ALA D 328 -24.67 -7.79 0.42
CA ALA D 328 -24.66 -9.26 0.41
C ALA D 328 -23.93 -9.79 -0.81
N GLN D 329 -24.14 -9.15 -1.95
CA GLN D 329 -23.49 -9.56 -3.21
C GLN D 329 -21.98 -9.36 -3.16
N LYS D 330 -21.56 -8.18 -2.73
CA LYS D 330 -20.13 -7.85 -2.69
C LYS D 330 -19.39 -8.72 -1.65
N MET D 331 -20.01 -8.94 -0.49
CA MET D 331 -19.50 -9.87 0.52
C MET D 331 -19.32 -11.29 -0.01
N MET D 332 -20.33 -11.81 -0.69
CA MET D 332 -20.26 -13.19 -1.20
C MET D 332 -19.27 -13.36 -2.35
N ILE D 333 -19.22 -12.39 -3.25
CA ILE D 333 -18.26 -12.42 -4.35
C ILE D 333 -16.82 -12.32 -3.81
N GLY D 334 -16.62 -11.41 -2.86
CA GLY D 334 -15.34 -11.25 -2.18
C GLY D 334 -14.88 -12.55 -1.53
N ARG D 335 -15.76 -13.16 -0.74
CA ARG D 335 -15.38 -14.40 -0.02
C ARG D 335 -15.15 -15.59 -0.95
N CYS D 336 -15.91 -15.65 -2.05
CA CYS D 336 -15.72 -16.68 -3.07
C CYS D 336 -14.38 -16.48 -3.77
N ASN D 337 -14.06 -15.22 -4.11
CA ASN D 337 -12.75 -14.87 -4.66
C ASN D 337 -11.61 -15.29 -3.72
N ARG D 338 -11.80 -15.04 -2.42
CA ARG D 338 -10.79 -15.41 -1.42
C ARG D 338 -10.63 -16.95 -1.34
N ALA D 339 -11.73 -17.67 -1.53
CA ALA D 339 -11.71 -19.15 -1.47
C ALA D 339 -11.36 -19.84 -2.81
N GLY D 340 -11.36 -19.08 -3.91
CA GLY D 340 -11.13 -19.66 -5.23
C GLY D 340 -12.30 -20.50 -5.74
N LYS D 341 -13.51 -20.22 -5.24
CA LYS D 341 -14.70 -20.95 -5.66
C LYS D 341 -15.60 -20.07 -6.54
N PRO D 342 -16.20 -20.65 -7.60
CA PRO D 342 -17.01 -19.88 -8.53
C PRO D 342 -18.22 -19.21 -7.87
N VAL D 343 -18.52 -18.00 -8.30
CA VAL D 343 -19.70 -17.29 -7.84
C VAL D 343 -20.45 -16.68 -9.02
N ILE D 344 -21.78 -16.82 -8.99
CA ILE D 344 -22.67 -16.35 -10.05
C ILE D 344 -23.50 -15.16 -9.53
N CYS D 345 -23.60 -14.12 -10.33
CA CYS D 345 -24.51 -13.02 -10.02
C CYS D 345 -25.77 -13.25 -10.85
N ALA D 346 -26.92 -13.21 -10.20
CA ALA D 346 -28.18 -13.59 -10.84
C ALA D 346 -29.29 -12.58 -10.62
N THR D 347 -30.20 -12.53 -11.60
CA THR D 347 -31.55 -11.94 -11.50
C THR D 347 -31.63 -10.45 -11.87
N GLN D 348 -32.44 -10.16 -12.89
CA GLN D 348 -32.79 -8.79 -13.30
C GLN D 348 -31.61 -7.95 -13.82
N MET D 349 -30.54 -8.60 -14.26
CA MET D 349 -29.35 -7.89 -14.68
C MET D 349 -29.59 -7.06 -15.93
N LEU D 350 -30.43 -7.58 -16.84
CA LEU D 350 -30.84 -6.87 -18.05
C LEU D 350 -32.35 -6.93 -18.24
N GLU D 351 -33.09 -6.80 -17.13
CA GLU D 351 -34.53 -7.09 -17.08
C GLU D 351 -35.36 -6.44 -18.18
N SER D 352 -35.12 -5.15 -18.44
CA SER D 352 -35.92 -4.39 -19.42
C SER D 352 -35.85 -4.98 -20.84
N MET D 353 -34.81 -5.76 -21.11
CA MET D 353 -34.61 -6.37 -22.42
C MET D 353 -35.56 -7.55 -22.69
N ILE D 354 -36.34 -7.94 -21.69
CA ILE D 354 -37.47 -8.87 -21.92
C ILE D 354 -38.43 -8.25 -22.95
N LYS D 355 -38.59 -6.93 -22.89
CA LYS D 355 -39.50 -6.20 -23.77
C LYS D 355 -38.81 -5.21 -24.74
N LYS D 356 -37.58 -4.79 -24.44
CA LYS D 356 -36.88 -3.78 -25.26
C LYS D 356 -35.52 -4.26 -25.81
N PRO D 357 -35.13 -3.80 -27.01
CA PRO D 357 -33.90 -4.27 -27.67
C PRO D 357 -32.59 -3.72 -27.07
N ARG D 358 -32.69 -2.73 -26.19
CA ARG D 358 -31.52 -2.17 -25.49
C ARG D 358 -31.83 -2.08 -24.02
N PRO D 359 -30.80 -2.26 -23.16
CA PRO D 359 -31.02 -2.24 -21.73
C PRO D 359 -31.02 -0.82 -21.18
N THR D 360 -31.45 -0.66 -19.93
CA THR D 360 -31.37 0.64 -19.27
C THR D 360 -29.92 0.92 -18.86
N ARG D 361 -29.63 2.16 -18.49
CA ARG D 361 -28.29 2.52 -18.06
C ARG D 361 -27.92 1.84 -16.75
N ALA D 362 -28.92 1.64 -15.86
CA ALA D 362 -28.72 0.94 -14.60
C ALA D 362 -28.37 -0.52 -14.83
N GLU D 363 -29.01 -1.13 -15.82
CA GLU D 363 -28.71 -2.52 -16.20
C GLU D 363 -27.29 -2.69 -16.77
N GLY D 364 -26.87 -1.78 -17.63
CA GLY D 364 -25.51 -1.83 -18.17
C GLY D 364 -24.51 -1.74 -17.04
N SER D 365 -24.80 -0.84 -16.10
CA SER D 365 -23.96 -0.61 -14.94
C SER D 365 -23.91 -1.84 -14.03
N ASP D 366 -25.06 -2.49 -13.82
CA ASP D 366 -25.15 -3.67 -12.98
C ASP D 366 -24.26 -4.81 -13.49
N VAL D 367 -24.32 -5.08 -14.78
CA VAL D 367 -23.49 -6.14 -15.38
C VAL D 367 -21.99 -5.82 -15.23
N ALA D 368 -21.59 -4.61 -15.60
CA ALA D 368 -20.19 -4.19 -15.50
C ALA D 368 -19.68 -4.30 -14.07
N ASN D 369 -20.48 -3.83 -13.12
CA ASN D 369 -20.09 -3.86 -11.72
C ASN D 369 -20.04 -5.24 -11.10
N ALA D 370 -20.88 -6.17 -11.58
CA ALA D 370 -20.77 -7.57 -11.12
C ALA D 370 -19.40 -8.16 -11.52
N VAL D 371 -18.95 -7.85 -12.72
CA VAL D 371 -17.65 -8.31 -13.23
C VAL D 371 -16.51 -7.65 -12.42
N LEU D 372 -16.61 -6.34 -12.20
CA LEU D 372 -15.61 -5.63 -11.40
C LEU D 372 -15.57 -6.08 -9.92
N ASP D 373 -16.72 -6.48 -9.37
CA ASP D 373 -16.81 -7.09 -8.03
C ASP D 373 -16.00 -8.38 -7.96
N GLY D 374 -15.99 -9.11 -9.08
CA GLY D 374 -15.25 -10.37 -9.20
C GLY D 374 -16.10 -11.59 -9.51
N ALA D 375 -17.33 -11.39 -9.98
CA ALA D 375 -18.21 -12.52 -10.36
C ALA D 375 -17.59 -13.38 -11.45
N ASP D 376 -17.57 -14.68 -11.22
CA ASP D 376 -17.08 -15.62 -12.23
C ASP D 376 -18.06 -15.73 -13.38
N CYS D 377 -19.37 -15.75 -13.05
CA CYS D 377 -20.43 -15.86 -14.04
C CYS D 377 -21.51 -14.83 -13.80
N ILE D 378 -22.16 -14.43 -14.88
CA ILE D 378 -23.35 -13.60 -14.84
C ILE D 378 -24.48 -14.37 -15.49
N MET D 379 -25.71 -14.01 -15.16
CA MET D 379 -26.86 -14.82 -15.53
C MET D 379 -27.98 -14.01 -16.14
N LEU D 380 -28.71 -14.67 -17.05
CA LEU D 380 -29.94 -14.16 -17.64
C LEU D 380 -31.08 -15.13 -17.36
N SER D 381 -32.22 -14.59 -16.94
CA SER D 381 -33.38 -15.39 -16.57
C SER D 381 -34.50 -15.19 -17.60
N GLY D 382 -35.51 -14.40 -17.27
CA GLY D 382 -36.58 -14.10 -18.23
C GLY D 382 -36.08 -13.53 -19.54
N GLU D 383 -34.97 -12.78 -19.48
CA GLU D 383 -34.37 -12.16 -20.66
C GLU D 383 -34.10 -13.15 -21.80
N THR D 384 -33.65 -14.36 -21.45
CA THR D 384 -33.41 -15.40 -22.45
C THR D 384 -34.50 -16.49 -22.48
N ALA D 385 -35.21 -16.68 -21.37
CA ALA D 385 -36.20 -17.77 -21.29
C ALA D 385 -37.48 -17.44 -22.07
N LYS D 386 -37.98 -16.23 -21.92
CA LYS D 386 -39.30 -15.87 -22.47
C LYS D 386 -39.35 -14.53 -23.22
N GLY D 387 -38.27 -13.75 -23.18
CA GLY D 387 -38.30 -12.40 -23.69
C GLY D 387 -38.29 -12.31 -25.20
N ASP D 388 -38.52 -11.11 -25.69
CA ASP D 388 -38.54 -10.85 -27.14
C ASP D 388 -37.16 -10.66 -27.76
N TYR D 389 -36.11 -10.60 -26.93
CA TYR D 389 -34.77 -10.28 -27.43
C TYR D 389 -33.69 -11.12 -26.74
N PRO D 390 -33.84 -12.47 -26.79
CA PRO D 390 -32.88 -13.33 -26.09
C PRO D 390 -31.45 -13.18 -26.62
N LEU D 391 -31.29 -13.10 -27.94
CA LEU D 391 -29.96 -13.00 -28.55
C LEU D 391 -29.31 -11.65 -28.22
N GLU D 392 -30.09 -10.57 -28.25
CA GLU D 392 -29.57 -9.25 -27.89
C GLU D 392 -29.09 -9.20 -26.43
N ALA D 393 -29.82 -9.88 -25.54
CA ALA D 393 -29.48 -9.91 -24.11
C ALA D 393 -28.15 -10.64 -23.90
N VAL D 394 -27.97 -11.79 -24.56
CA VAL D 394 -26.69 -12.51 -24.49
C VAL D 394 -25.54 -11.68 -25.05
N ARG D 395 -25.74 -11.06 -26.22
CA ARG D 395 -24.70 -10.25 -26.85
C ARG D 395 -24.28 -9.07 -25.97
N MET D 396 -25.27 -8.45 -25.31
CA MET D 396 -24.99 -7.32 -24.43
C MET D 396 -24.20 -7.74 -23.19
N GLN D 397 -24.52 -8.90 -22.61
CA GLN D 397 -23.72 -9.39 -21.49
C GLN D 397 -22.28 -9.67 -21.94
N HIS D 398 -22.12 -10.23 -23.13
CA HIS D 398 -20.80 -10.47 -23.70
C HIS D 398 -20.03 -9.16 -23.83
N LEU D 399 -20.65 -8.16 -24.42
CA LEU D 399 -19.99 -6.88 -24.69
C LEU D 399 -19.59 -6.16 -23.40
N ILE D 400 -20.53 -6.08 -22.45
CA ILE D 400 -20.24 -5.43 -21.18
C ILE D 400 -19.13 -6.17 -20.42
N ALA D 401 -19.25 -7.48 -20.28
CA ALA D 401 -18.26 -8.27 -19.53
C ALA D 401 -16.86 -8.07 -20.09
N ARG D 402 -16.73 -8.05 -21.41
CA ARG D 402 -15.44 -7.90 -22.05
C ARG D 402 -14.83 -6.52 -21.79
N GLU D 403 -15.66 -5.48 -21.85
CA GLU D 403 -15.22 -4.13 -21.49
C GLU D 403 -14.81 -4.08 -20.01
N ALA D 404 -15.65 -4.64 -19.14
CA ALA D 404 -15.41 -4.63 -17.70
C ALA D 404 -14.14 -5.38 -17.30
N GLU D 405 -13.87 -6.50 -17.96
CA GLU D 405 -12.68 -7.28 -17.63
C GLU D 405 -11.39 -6.50 -17.90
N ALA D 406 -11.39 -5.70 -18.97
CA ALA D 406 -10.24 -4.86 -19.31
C ALA D 406 -10.02 -3.74 -18.28
N ALA D 407 -11.14 -3.24 -17.72
CA ALA D 407 -11.11 -2.15 -16.73
C ALA D 407 -10.75 -2.61 -15.32
N ILE D 408 -10.52 -3.91 -15.14
CA ILE D 408 -10.08 -4.41 -13.83
C ILE D 408 -8.69 -3.84 -13.47
N TYR D 409 -8.49 -3.53 -12.19
CA TYR D 409 -7.20 -3.02 -11.69
C TYR D 409 -6.37 -4.20 -11.18
N HIS D 410 -5.77 -4.94 -12.12
CA HIS D 410 -5.09 -6.20 -11.78
C HIS D 410 -3.91 -5.97 -10.84
N LEU D 411 -3.27 -4.80 -10.97
CA LEU D 411 -2.12 -4.45 -10.11
C LEU D 411 -2.46 -4.67 -8.65
N GLN D 412 -3.53 -4.04 -8.17
CA GLN D 412 -3.94 -4.22 -6.79
C GLN D 412 -4.60 -5.57 -6.56
N LEU D 413 -5.41 -6.01 -7.50
CA LEU D 413 -6.14 -7.27 -7.35
C LEU D 413 -5.18 -8.45 -7.17
N PHE D 414 -4.23 -8.61 -8.08
CA PHE D 414 -3.23 -9.68 -7.96
C PHE D 414 -2.41 -9.50 -6.68
N GLU D 415 -2.01 -8.26 -6.38
CA GLU D 415 -1.27 -8.00 -5.12
C GLU D 415 -1.99 -8.53 -3.89
N GLU D 416 -3.29 -8.26 -3.78
CA GLU D 416 -4.07 -8.66 -2.60
C GLU D 416 -4.37 -10.17 -2.53
N LEU D 417 -4.63 -10.79 -3.68
CA LEU D 417 -4.92 -12.24 -3.73
C LEU D 417 -3.73 -13.06 -3.21
N ARG D 418 -2.52 -12.66 -3.61
CA ARG D 418 -1.27 -13.29 -3.14
C ARG D 418 -1.07 -13.14 -1.64
N ARG D 419 -1.28 -11.92 -1.16
CA ARG D 419 -1.08 -11.57 0.25
C ARG D 419 -2.00 -12.39 1.15
N LEU D 420 -3.21 -12.67 0.66
CA LEU D 420 -4.19 -13.44 1.41
C LEU D 420 -4.13 -14.93 1.04
N ALA D 421 -3.27 -15.29 0.08
CA ALA D 421 -3.07 -16.69 -0.34
C ALA D 421 -2.11 -17.41 0.62
N PRO D 422 -2.62 -18.43 1.36
CA PRO D 422 -1.76 -19.16 2.31
C PRO D 422 -0.52 -19.79 1.66
N ILE D 423 0.60 -19.77 2.38
CA ILE D 423 1.76 -20.55 1.98
C ILE D 423 1.42 -22.01 2.27
N THR D 424 1.43 -22.84 1.23
CA THR D 424 1.21 -24.28 1.37
C THR D 424 2.32 -25.00 0.63
N SER D 425 2.49 -26.28 0.91
CA SER D 425 3.48 -27.09 0.21
C SER D 425 2.96 -27.63 -1.14
N ASP D 426 1.74 -27.25 -1.56
CA ASP D 426 1.16 -27.80 -2.78
C ASP D 426 1.88 -27.28 -4.02
N PRO D 427 2.46 -28.20 -4.82
CA PRO D 427 3.18 -27.84 -6.04
C PRO D 427 2.32 -27.19 -7.10
N THR D 428 1.07 -27.66 -7.27
CA THR D 428 0.22 -27.10 -8.31
C THR D 428 -0.11 -25.63 -8.00
N GLU D 429 -0.41 -25.32 -6.73
CA GLU D 429 -0.73 -23.94 -6.33
C GLU D 429 0.45 -22.99 -6.62
N ALA D 430 1.66 -23.42 -6.25
CA ALA D 430 2.85 -22.60 -6.47
C ALA D 430 3.12 -22.42 -7.96
N THR D 431 2.93 -23.49 -8.72
CA THR D 431 3.09 -23.44 -10.18
C THR D 431 2.06 -22.47 -10.78
N ALA D 432 0.82 -22.50 -10.27
CA ALA D 432 -0.26 -21.65 -10.79
C ALA D 432 -0.01 -20.17 -10.50
N VAL D 433 0.33 -19.84 -9.26
CA VAL D 433 0.69 -18.46 -8.92
C VAL D 433 1.91 -17.97 -9.73
N GLY D 434 2.92 -18.84 -9.88
CA GLY D 434 4.06 -18.56 -10.73
C GLY D 434 3.66 -18.23 -12.17
N ALA D 435 2.72 -19.00 -12.71
CA ALA D 435 2.23 -18.78 -14.08
C ALA D 435 1.51 -17.43 -14.23
N VAL D 436 0.67 -17.07 -13.26
CA VAL D 436 -0.04 -15.81 -13.32
C VAL D 436 0.94 -14.62 -13.19
N GLU D 437 1.88 -14.71 -12.28
CA GLU D 437 2.90 -13.67 -12.14
C GLU D 437 3.69 -13.53 -13.45
N ALA D 438 4.10 -14.66 -14.03
CA ALA D 438 4.82 -14.63 -15.31
C ALA D 438 3.96 -14.01 -16.40
N SER D 439 2.66 -14.31 -16.41
CA SER D 439 1.75 -13.78 -17.43
C SER D 439 1.67 -12.24 -17.37
N PHE D 440 1.70 -11.67 -16.17
CA PHE D 440 1.70 -10.23 -16.00
C PHE D 440 3.03 -9.63 -16.46
N LYS D 441 4.14 -10.25 -16.06
CA LYS D 441 5.47 -9.71 -16.37
C LYS D 441 5.74 -9.59 -17.89
N CYS D 442 5.20 -10.51 -18.70
CA CYS D 442 5.40 -10.44 -20.16
C CYS D 442 4.11 -10.17 -20.96
N CYS D 443 3.04 -9.75 -20.27
CA CYS D 443 1.76 -9.47 -20.91
C CYS D 443 1.44 -10.59 -21.92
N SER D 444 1.39 -11.82 -21.42
CA SER D 444 1.22 -12.98 -22.29
C SER D 444 -0.14 -12.99 -22.95
N GLY D 445 -0.21 -13.64 -24.11
CA GLY D 445 -1.47 -13.77 -24.85
C GLY D 445 -2.45 -14.74 -24.21
N ALA D 446 -1.94 -15.65 -23.38
CA ALA D 446 -2.75 -16.69 -22.76
C ALA D 446 -1.94 -17.46 -21.75
N ILE D 447 -2.63 -18.12 -20.83
CA ILE D 447 -2.06 -19.16 -20.02
C ILE D 447 -2.72 -20.49 -20.45
N ILE D 448 -1.92 -21.38 -21.02
CA ILE D 448 -2.38 -22.68 -21.49
C ILE D 448 -2.17 -23.72 -20.40
N VAL D 449 -3.22 -24.47 -20.07
CA VAL D 449 -3.16 -25.38 -18.95
C VAL D 449 -3.77 -26.72 -19.36
N LEU D 450 -3.00 -27.79 -19.27
CA LEU D 450 -3.54 -29.13 -19.46
C LEU D 450 -4.15 -29.58 -18.15
N THR D 451 -5.35 -30.14 -18.21
CA THR D 451 -6.02 -30.56 -16.99
C THR D 451 -7.03 -31.68 -17.27
N LYS D 452 -7.06 -32.66 -16.38
CA LYS D 452 -8.01 -33.77 -16.47
C LYS D 452 -9.31 -33.38 -15.78
N SER D 453 -9.19 -32.89 -14.53
CA SER D 453 -10.34 -32.63 -13.66
C SER D 453 -10.78 -31.18 -13.72
N GLY D 454 -9.92 -30.32 -14.27
CA GLY D 454 -10.13 -28.88 -14.30
C GLY D 454 -9.36 -28.15 -13.21
N ARG D 455 -8.96 -28.88 -12.16
CA ARG D 455 -8.41 -28.28 -10.95
C ARG D 455 -7.21 -27.38 -11.23
N SER D 456 -6.30 -27.81 -12.10
CA SER D 456 -5.10 -27.01 -12.39
C SER D 456 -5.48 -25.65 -13.02
N ALA D 457 -6.49 -25.64 -13.89
CA ALA D 457 -6.98 -24.40 -14.49
C ALA D 457 -7.73 -23.54 -13.47
N HIS D 458 -8.43 -24.19 -12.53
CA HIS D 458 -9.13 -23.48 -11.44
C HIS D 458 -8.14 -22.72 -10.55
N GLN D 459 -7.01 -23.36 -10.28
CA GLN D 459 -6.00 -22.78 -9.42
C GLN D 459 -5.34 -21.55 -10.05
N VAL D 460 -5.20 -21.56 -11.38
CA VAL D 460 -4.77 -20.37 -12.12
C VAL D 460 -5.85 -19.26 -12.07
N ALA D 461 -7.10 -19.67 -12.30
CA ALA D 461 -8.24 -18.72 -12.38
C ALA D 461 -8.42 -17.89 -11.11
N ARG D 462 -8.19 -18.51 -9.94
CA ARG D 462 -8.39 -17.79 -8.66
C ARG D 462 -7.45 -16.58 -8.50
N TYR D 463 -6.33 -16.56 -9.22
CA TYR D 463 -5.39 -15.45 -9.16
C TYR D 463 -5.68 -14.34 -10.18
N ARG D 464 -6.74 -14.51 -10.97
CA ARG D 464 -7.29 -13.44 -11.81
C ARG D 464 -6.29 -12.84 -12.81
N PRO D 465 -5.71 -13.68 -13.67
CA PRO D 465 -4.85 -13.14 -14.72
C PRO D 465 -5.65 -12.30 -15.72
N ARG D 466 -4.99 -11.36 -16.38
CA ARG D 466 -5.56 -10.64 -17.52
C ARG D 466 -5.67 -11.60 -18.71
N ALA D 467 -4.61 -12.37 -18.93
CA ALA D 467 -4.55 -13.34 -20.02
C ALA D 467 -5.67 -14.40 -19.93
N PRO D 468 -6.30 -14.75 -21.08
CA PRO D 468 -7.24 -15.88 -21.04
C PRO D 468 -6.54 -17.18 -20.68
N ILE D 469 -7.25 -18.06 -19.97
CA ILE D 469 -6.73 -19.37 -19.56
C ILE D 469 -7.34 -20.41 -20.50
N ILE D 470 -6.53 -20.95 -21.41
CA ILE D 470 -7.01 -21.98 -22.33
C ILE D 470 -6.78 -23.34 -21.67
N ALA D 471 -7.85 -23.92 -21.15
CA ALA D 471 -7.78 -25.18 -20.45
C ALA D 471 -8.04 -26.32 -21.44
N VAL D 472 -7.00 -27.11 -21.70
CA VAL D 472 -7.08 -28.22 -22.65
C VAL D 472 -7.32 -29.50 -21.87
N THR D 473 -8.42 -30.17 -22.21
CA THR D 473 -8.78 -31.42 -21.55
C THR D 473 -9.29 -32.43 -22.58
N ARG D 474 -9.22 -33.71 -22.23
CA ARG D 474 -9.89 -34.76 -23.01
C ARG D 474 -11.19 -35.21 -22.32
N ASN D 475 -11.47 -34.66 -21.13
CA ASN D 475 -12.67 -35.01 -20.36
C ASN D 475 -13.78 -34.01 -20.72
N PRO D 476 -14.85 -34.48 -21.38
CA PRO D 476 -15.92 -33.58 -21.84
C PRO D 476 -16.64 -32.85 -20.72
N GLN D 477 -16.88 -33.53 -19.60
CA GLN D 477 -17.49 -32.91 -18.42
C GLN D 477 -16.62 -31.78 -17.85
N THR D 478 -15.33 -32.03 -17.71
CA THR D 478 -14.37 -31.00 -17.30
C THR D 478 -14.45 -29.77 -18.20
N ALA D 479 -14.46 -29.99 -19.51
CA ALA D 479 -14.59 -28.92 -20.51
C ALA D 479 -15.84 -28.06 -20.27
N ARG D 480 -16.96 -28.70 -19.97
CA ARG D 480 -18.22 -28.01 -19.73
C ARG D 480 -18.25 -27.29 -18.36
N GLN D 481 -17.75 -27.94 -17.32
CA GLN D 481 -17.81 -27.39 -15.96
C GLN D 481 -16.84 -26.20 -15.74
N ALA D 482 -15.81 -26.12 -16.59
CA ALA D 482 -14.80 -25.06 -16.51
C ALA D 482 -15.36 -23.67 -16.77
N HIS D 483 -16.54 -23.58 -17.41
CA HIS D 483 -17.23 -22.30 -17.62
C HIS D 483 -17.63 -21.58 -16.35
N LEU D 484 -17.67 -22.29 -15.23
CA LEU D 484 -17.94 -21.69 -13.94
C LEU D 484 -16.84 -20.72 -13.47
N TYR D 485 -15.64 -20.79 -14.05
CA TYR D 485 -14.47 -20.05 -13.54
C TYR D 485 -14.06 -18.92 -14.46
N ARG D 486 -14.01 -17.72 -13.90
CA ARG D 486 -13.56 -16.54 -14.64
C ARG D 486 -12.24 -16.82 -15.36
N GLY D 487 -12.19 -16.51 -16.65
CA GLY D 487 -10.97 -16.55 -17.42
C GLY D 487 -10.70 -17.87 -18.13
N ILE D 488 -11.40 -18.92 -17.75
CA ILE D 488 -11.17 -20.21 -18.38
C ILE D 488 -11.94 -20.30 -19.67
N PHE D 489 -11.22 -20.60 -20.75
CA PHE D 489 -11.80 -20.88 -22.03
C PHE D 489 -11.52 -22.35 -22.31
N PRO D 490 -12.50 -23.21 -22.04
CA PRO D 490 -12.22 -24.63 -22.09
C PRO D 490 -12.24 -25.16 -23.51
N VAL D 491 -11.27 -26.01 -23.85
CA VAL D 491 -11.24 -26.68 -25.15
C VAL D 491 -11.10 -28.18 -24.96
N LEU D 492 -11.85 -28.92 -25.79
CA LEU D 492 -11.94 -30.36 -25.70
C LEU D 492 -11.10 -30.97 -26.82
N CYS D 493 -10.00 -31.58 -26.44
CA CYS D 493 -9.10 -32.20 -27.41
C CYS D 493 -9.62 -33.61 -27.74
N LYS D 494 -9.80 -33.86 -29.03
CA LYS D 494 -10.34 -35.15 -29.51
C LYS D 494 -9.25 -36.02 -30.17
N ASP D 495 -8.00 -35.53 -30.20
CA ASP D 495 -6.91 -36.26 -30.84
C ASP D 495 -6.62 -37.56 -30.11
N PRO D 496 -6.16 -38.59 -30.85
CA PRO D 496 -5.72 -39.81 -30.21
C PRO D 496 -4.53 -39.57 -29.28
N VAL D 497 -4.42 -40.41 -28.27
CA VAL D 497 -3.28 -40.39 -27.36
C VAL D 497 -2.02 -40.81 -28.11
N GLN D 498 -1.00 -39.96 -28.11
CA GLN D 498 0.27 -40.27 -28.77
C GLN D 498 1.03 -41.32 -27.97
N GLU D 499 1.87 -42.08 -28.66
CA GLU D 499 2.50 -43.24 -28.07
C GLU D 499 3.57 -42.88 -27.05
N ALA D 500 4.29 -41.79 -27.31
CA ALA D 500 5.21 -41.21 -26.33
C ALA D 500 4.42 -40.15 -25.52
N TRP D 501 4.31 -40.35 -24.21
CA TRP D 501 3.50 -39.43 -23.37
C TRP D 501 3.94 -37.96 -23.53
N ALA D 502 5.24 -37.69 -23.58
CA ALA D 502 5.73 -36.31 -23.75
C ALA D 502 5.27 -35.69 -25.08
N GLU D 503 5.14 -36.52 -26.12
CA GLU D 503 4.58 -36.10 -27.40
C GLU D 503 3.08 -35.81 -27.29
N ASP D 504 2.38 -36.59 -26.46
CA ASP D 504 0.97 -36.37 -26.23
C ASP D 504 0.71 -35.06 -25.50
N VAL D 505 1.53 -34.78 -24.49
CA VAL D 505 1.53 -33.46 -23.82
C VAL D 505 1.73 -32.35 -24.85
N ASP D 506 2.78 -32.45 -25.65
CA ASP D 506 3.08 -31.44 -26.67
C ASP D 506 1.94 -31.28 -27.69
N LEU D 507 1.30 -32.39 -28.07
CA LEU D 507 0.17 -32.34 -29.02
C LEU D 507 -0.96 -31.47 -28.47
N ARG D 508 -1.27 -31.64 -27.20
CA ARG D 508 -2.36 -30.89 -26.55
C ARG D 508 -2.03 -29.41 -26.41
N VAL D 509 -0.77 -29.11 -26.10
CA VAL D 509 -0.28 -27.72 -26.06
C VAL D 509 -0.46 -27.07 -27.43
N ASN D 510 -0.05 -27.77 -28.48
CA ASN D 510 -0.19 -27.27 -29.86
C ASN D 510 -1.65 -27.06 -30.27
N PHE D 511 -2.52 -27.95 -29.81
CA PHE D 511 -3.96 -27.80 -30.03
C PHE D 511 -4.45 -26.46 -29.43
N ALA D 512 -3.99 -26.15 -28.21
CA ALA D 512 -4.34 -24.87 -27.56
C ALA D 512 -3.80 -23.69 -28.35
N MET D 513 -2.59 -23.83 -28.90
CA MET D 513 -2.03 -22.79 -29.78
C MET D 513 -2.91 -22.55 -31.01
N ASN D 514 -3.42 -23.63 -31.61
CA ASN D 514 -4.29 -23.50 -32.77
C ASN D 514 -5.61 -22.84 -32.42
N VAL D 515 -6.14 -23.16 -31.25
CA VAL D 515 -7.37 -22.54 -30.77
C VAL D 515 -7.20 -21.02 -30.59
N GLY D 516 -6.15 -20.61 -29.89
CA GLY D 516 -5.89 -19.19 -29.66
C GLY D 516 -5.69 -18.38 -30.93
N LYS D 517 -4.92 -18.94 -31.87
CA LYS D 517 -4.74 -18.32 -33.20
C LYS D 517 -6.08 -18.23 -33.93
N ALA D 518 -6.81 -19.33 -33.99
CA ALA D 518 -8.08 -19.39 -34.73
C ALA D 518 -9.15 -18.46 -34.15
N ARG D 519 -9.10 -18.22 -32.84
CA ARG D 519 -10.08 -17.38 -32.17
C ARG D 519 -9.59 -15.95 -31.97
N GLY D 520 -8.38 -15.68 -32.43
CA GLY D 520 -7.81 -14.33 -32.40
C GLY D 520 -7.36 -13.86 -31.03
N PHE D 521 -7.08 -14.80 -30.11
CA PHE D 521 -6.56 -14.43 -28.79
C PHE D 521 -5.11 -13.98 -28.89
N PHE D 522 -4.38 -14.59 -29.83
CA PHE D 522 -2.98 -14.27 -30.04
C PHE D 522 -2.54 -14.69 -31.44
N LYS D 523 -1.33 -14.29 -31.82
CA LYS D 523 -0.78 -14.65 -33.12
C LYS D 523 0.61 -15.21 -33.00
N LYS D 524 1.08 -15.83 -34.07
CA LYS D 524 2.45 -16.34 -34.16
C LYS D 524 3.43 -15.29 -33.65
N GLY D 525 4.35 -15.71 -32.77
CA GLY D 525 5.35 -14.79 -32.23
C GLY D 525 4.98 -14.17 -30.87
N ASP D 526 3.70 -14.19 -30.50
CA ASP D 526 3.29 -13.74 -29.17
C ASP D 526 3.83 -14.72 -28.15
N VAL D 527 4.01 -14.28 -26.91
CA VAL D 527 4.47 -15.18 -25.86
C VAL D 527 3.28 -15.65 -25.06
N VAL D 528 3.28 -16.93 -24.72
CA VAL D 528 2.26 -17.51 -23.86
C VAL D 528 2.92 -18.31 -22.75
N ILE D 529 2.16 -18.50 -21.66
CA ILE D 529 2.58 -19.30 -20.53
C ILE D 529 1.92 -20.67 -20.69
N VAL D 530 2.69 -21.75 -20.46
CA VAL D 530 2.17 -23.10 -20.58
C VAL D 530 2.37 -23.90 -19.30
N LEU D 531 1.29 -24.53 -18.81
CA LEU D 531 1.33 -25.33 -17.59
C LEU D 531 1.09 -26.82 -17.88
N THR D 532 2.03 -27.66 -17.47
CA THR D 532 1.95 -29.10 -17.66
C THR D 532 2.41 -29.78 -16.39
N GLY D 533 2.37 -31.12 -16.39
CA GLY D 533 2.82 -31.89 -15.24
C GLY D 533 3.93 -32.85 -15.61
N TRP D 534 4.50 -33.49 -14.59
CA TRP D 534 5.71 -34.31 -14.80
C TRP D 534 5.41 -35.79 -15.08
N ARG D 535 4.15 -36.18 -14.88
CA ARG D 535 3.71 -37.53 -15.16
C ARG D 535 2.21 -37.50 -15.42
N PRO D 536 1.65 -38.57 -16.03
CA PRO D 536 0.22 -38.59 -16.27
C PRO D 536 -0.61 -38.72 -15.00
N GLY D 537 -1.90 -38.45 -15.13
CA GLY D 537 -2.82 -38.47 -14.01
C GLY D 537 -2.91 -37.12 -13.33
N SER D 538 -4.02 -36.89 -12.64
CA SER D 538 -4.26 -35.62 -11.92
C SER D 538 -3.33 -35.44 -10.73
N GLY D 539 -3.08 -34.18 -10.39
CA GLY D 539 -2.38 -33.81 -9.16
C GLY D 539 -0.90 -33.58 -9.29
N PHE D 540 -0.38 -33.58 -10.53
CA PHE D 540 1.06 -33.47 -10.76
C PHE D 540 1.46 -32.27 -11.63
N THR D 541 0.56 -31.31 -11.81
CA THR D 541 0.92 -30.08 -12.52
C THR D 541 2.05 -29.38 -11.73
N ASN D 542 3.15 -29.13 -12.43
CA ASN D 542 4.36 -28.61 -11.77
C ASN D 542 5.31 -27.85 -12.68
N THR D 543 4.93 -27.64 -13.94
CA THR D 543 5.84 -27.12 -14.96
C THR D 543 5.25 -25.90 -15.64
N MET D 544 5.98 -24.80 -15.58
CA MET D 544 5.56 -23.56 -16.18
C MET D 544 6.61 -23.16 -17.18
N ARG D 545 6.19 -22.95 -18.43
CA ARG D 545 7.12 -22.54 -19.48
C ARG D 545 6.62 -21.29 -20.17
N VAL D 546 7.56 -20.44 -20.58
CA VAL D 546 7.23 -19.27 -21.35
C VAL D 546 7.63 -19.60 -22.78
N VAL D 547 6.67 -19.63 -23.70
CA VAL D 547 6.92 -20.11 -25.06
C VAL D 547 6.33 -19.19 -26.14
N PRO D 548 6.99 -19.12 -27.30
CA PRO D 548 6.39 -18.41 -28.44
C PRO D 548 5.22 -19.19 -29.06
N VAL D 549 4.20 -18.48 -29.50
CA VAL D 549 3.14 -19.09 -30.31
C VAL D 549 3.75 -19.45 -31.69
N PRO D 550 3.73 -20.76 -32.06
CA PRO D 550 4.33 -21.15 -33.37
C PRO D 550 3.53 -20.64 -34.56
#